data_1KXL
#
_entry.id   1KXL
#
_entity_poly.entity_id   1
_entity_poly.type   'polypeptide(L)'
_entity_poly.pdbx_seq_one_letter_code
;MRMSKMARKDPTIEFCQLGLDTFETKYITMFGMLVSCSFDKPAFISFVFSDFTKNDIVQNYLYDRYLIDYENKLELNEGF
KAIMYKNQFETFDSKLRKIFNNGLRDLQNGRDENLSQYGIVCKMNIKVKMYNGKLNAIVRECEPVPHSQISSIASPSQCE
HLRLFYQRAFKRIGESAISRYFEEYRRFFPIHRNGSHLA
;
_entity_poly.pdbx_strand_id   A
#
# COMPACT_ATOMS: atom_id res chain seq x y z
N LYS A 5 -3.50 10.91 26.48
CA LYS A 5 -4.57 9.87 26.34
C LYS A 5 -4.13 8.56 26.99
N MET A 6 -4.59 7.45 26.48
CA MET A 6 -4.20 6.14 27.07
C MET A 6 -3.26 5.40 26.11
N ALA A 7 -3.27 5.77 24.85
CA ALA A 7 -2.38 5.08 23.88
C ALA A 7 -2.67 3.58 23.88
N ARG A 8 -3.69 3.15 23.21
CA ARG A 8 -4.03 1.70 23.18
C ARG A 8 -3.04 0.94 22.28
N LYS A 9 -3.50 -0.04 21.57
CA LYS A 9 -2.58 -0.81 20.68
C LYS A 9 -3.33 -1.32 19.44
N ASP A 10 -2.63 -1.86 18.49
CA ASP A 10 -3.28 -2.39 17.26
C ASP A 10 -4.40 -1.45 16.79
N PRO A 11 -4.06 -0.19 16.66
CA PRO A 11 -5.05 0.82 16.20
C PRO A 11 -5.21 0.76 14.68
N THR A 12 -5.84 1.76 14.12
CA THR A 12 -6.03 1.79 12.64
C THR A 12 -6.36 3.20 12.18
N ILE A 13 -5.57 3.74 11.31
CA ILE A 13 -5.83 5.13 10.80
C ILE A 13 -5.38 5.22 9.35
N GLU A 14 -5.05 6.39 8.88
CA GLU A 14 -4.61 6.49 7.45
C GLU A 14 -3.60 7.63 7.34
N PHE A 15 -3.02 7.81 6.19
CA PHE A 15 -2.03 8.92 6.05
C PHE A 15 -2.63 10.19 6.65
N CYS A 16 -3.94 10.27 6.71
CA CYS A 16 -4.59 11.48 7.28
C CYS A 16 -4.87 11.30 8.78
N GLN A 17 -4.69 10.10 9.30
CA GLN A 17 -4.97 9.88 10.75
C GLN A 17 -3.85 9.08 11.43
N LEU A 18 -2.64 9.15 10.94
CA LEU A 18 -1.52 8.42 11.59
C LEU A 18 -1.63 8.51 13.10
N GLY A 19 -0.98 9.48 13.67
CA GLY A 19 -1.02 9.66 15.15
C GLY A 19 0.41 9.79 15.68
N LEU A 20 1.37 9.66 14.82
CA LEU A 20 2.79 9.78 15.25
C LEU A 20 3.05 11.11 15.94
N ASP A 21 4.28 11.35 16.28
CA ASP A 21 4.66 12.63 16.96
C ASP A 21 6.15 12.60 17.32
N THR A 22 6.50 13.04 18.49
CA THR A 22 7.94 12.98 18.90
C THR A 22 8.11 11.82 19.85
N PHE A 23 7.50 11.90 20.98
CA PHE A 23 7.57 10.79 21.96
C PHE A 23 6.70 9.64 21.44
N GLU A 24 5.88 9.94 20.47
CA GLU A 24 4.97 8.92 19.82
C GLU A 24 5.25 7.50 20.30
N THR A 25 6.06 6.80 19.57
CA THR A 25 6.39 5.39 19.93
C THR A 25 5.12 4.53 19.94
N LYS A 26 4.65 4.11 18.79
CA LYS A 26 3.42 3.28 18.76
C LYS A 26 3.33 2.46 17.48
N TYR A 27 2.24 1.76 17.36
CA TYR A 27 1.99 0.91 16.17
C TYR A 27 0.70 1.36 15.49
N ILE A 28 0.60 1.22 14.20
CA ILE A 28 -0.64 1.66 13.49
C ILE A 28 -0.98 0.73 12.33
N THR A 29 -2.25 0.46 12.13
CA THR A 29 -2.68 -0.43 11.02
C THR A 29 -3.11 0.42 9.82
N MET A 30 -2.63 0.12 8.65
CA MET A 30 -3.02 0.92 7.46
C MET A 30 -3.39 0.01 6.28
N PHE A 31 -4.18 0.50 5.36
CA PHE A 31 -4.57 -0.34 4.18
C PHE A 31 -3.81 0.18 2.95
N GLY A 32 -4.09 -0.35 1.78
CA GLY A 32 -3.37 0.14 0.58
C GLY A 32 -3.50 -0.86 -0.58
N MET A 33 -3.26 -0.41 -1.78
CA MET A 33 -3.34 -1.30 -2.96
C MET A 33 -1.94 -1.59 -3.50
N LEU A 34 -0.94 -1.09 -2.83
CA LEU A 34 0.47 -1.29 -3.26
C LEU A 34 0.82 -0.33 -4.39
N VAL A 35 1.92 0.36 -4.25
CA VAL A 35 2.34 1.34 -5.30
C VAL A 35 3.73 1.00 -5.81
N SER A 36 4.55 0.39 -4.99
CA SER A 36 5.93 0.05 -5.44
C SER A 36 6.60 -0.93 -4.48
N CYS A 37 7.38 -1.85 -4.99
CA CYS A 37 8.05 -2.84 -4.11
C CYS A 37 9.46 -3.14 -4.64
N SER A 38 10.34 -3.57 -3.77
CA SER A 38 11.73 -3.88 -4.23
C SER A 38 12.22 -5.18 -3.58
N PHE A 39 12.72 -6.10 -4.37
CA PHE A 39 13.21 -7.39 -3.80
C PHE A 39 14.74 -7.32 -3.62
N ASP A 40 15.26 -6.16 -3.36
CA ASP A 40 16.74 -6.03 -3.18
C ASP A 40 17.15 -6.55 -1.79
N LYS A 41 16.71 -5.92 -0.75
CA LYS A 41 17.08 -6.38 0.62
C LYS A 41 16.99 -7.90 0.72
N PRO A 42 18.11 -8.51 1.00
CA PRO A 42 18.16 -9.99 1.12
C PRO A 42 17.51 -10.46 2.43
N ALA A 43 17.21 -9.55 3.31
CA ALA A 43 16.58 -9.96 4.60
C ALA A 43 15.08 -9.71 4.57
N PHE A 44 14.60 -9.06 3.55
CA PHE A 44 13.14 -8.79 3.45
C PHE A 44 12.85 -7.95 2.20
N ILE A 45 11.61 -7.61 1.98
CA ILE A 45 11.24 -6.80 0.79
C ILE A 45 10.78 -5.41 1.25
N SER A 46 10.96 -4.40 0.43
CA SER A 46 10.53 -3.04 0.83
C SER A 46 9.64 -2.42 -0.25
N PHE A 47 8.44 -2.06 0.10
CA PHE A 47 7.52 -1.44 -0.88
C PHE A 47 6.85 -0.21 -0.27
N VAL A 48 6.10 0.53 -1.04
CA VAL A 48 5.42 1.73 -0.48
C VAL A 48 3.95 1.70 -0.83
N PHE A 49 3.13 1.95 0.14
CA PHE A 49 1.66 1.96 -0.09
C PHE A 49 1.21 3.38 -0.38
N SER A 50 -0.06 3.59 -0.64
CA SER A 50 -0.52 4.97 -0.93
C SER A 50 -2.03 5.02 -1.13
N ASP A 51 -2.56 6.18 -1.45
CA ASP A 51 -4.04 6.33 -1.67
C ASP A 51 -4.78 6.36 -0.33
N PHE A 52 -6.07 6.14 -0.36
CA PHE A 52 -6.88 6.15 0.89
C PHE A 52 -7.10 7.59 1.38
N THR A 53 -6.05 8.36 1.52
CA THR A 53 -6.21 9.76 1.99
C THR A 53 -4.95 10.59 1.67
N LYS A 54 -4.50 11.39 2.60
CA LYS A 54 -3.28 12.22 2.33
C LYS A 54 -2.40 12.31 3.57
N ASN A 55 -1.15 11.99 3.44
CA ASN A 55 -0.23 12.07 4.62
C ASN A 55 0.23 13.51 4.83
N ASP A 56 0.63 13.86 6.02
CA ASP A 56 1.11 15.24 6.26
C ASP A 56 2.47 15.18 6.93
N ILE A 57 2.97 14.00 7.14
CA ILE A 57 4.26 13.84 7.80
C ILE A 57 5.41 14.21 6.90
N VAL A 58 6.53 14.39 7.51
CA VAL A 58 7.75 14.77 6.74
C VAL A 58 8.43 13.55 6.16
N GLN A 59 8.28 12.46 6.83
CA GLN A 59 8.91 11.18 6.39
C GLN A 59 10.25 11.42 5.70
N ASN A 60 10.61 10.57 4.78
CA ASN A 60 11.91 10.75 4.07
C ASN A 60 11.70 10.85 2.56
N TYR A 61 12.61 10.30 1.78
CA TYR A 61 12.47 10.37 0.30
C TYR A 61 11.19 9.64 -0.16
N LEU A 62 11.15 8.33 -0.02
CA LEU A 62 9.95 7.57 -0.46
C LEU A 62 9.87 7.53 -1.99
N TYR A 63 10.30 6.45 -2.58
CA TYR A 63 10.26 6.35 -4.08
C TYR A 63 8.88 6.76 -4.59
N ASP A 64 7.84 6.16 -4.08
CA ASP A 64 6.47 6.53 -4.55
C ASP A 64 6.28 6.12 -6.01
N ARG A 65 5.09 6.29 -6.53
CA ARG A 65 4.84 5.92 -7.94
C ARG A 65 3.62 6.68 -8.50
N TYR A 66 3.58 6.91 -9.79
CA TYR A 66 2.44 7.65 -10.38
C TYR A 66 1.40 6.67 -10.93
N LEU A 67 1.41 5.46 -10.43
CA LEU A 67 0.42 4.43 -10.90
C LEU A 67 0.13 4.56 -12.41
N ILE A 68 -0.94 3.98 -12.87
CA ILE A 68 -1.26 4.06 -14.33
C ILE A 68 -1.54 5.51 -14.76
N ASP A 69 -2.66 6.06 -14.37
CA ASP A 69 -2.98 7.46 -14.76
C ASP A 69 -1.82 8.40 -14.44
N TYR A 70 -1.37 9.16 -15.40
CA TYR A 70 -0.25 10.11 -15.14
C TYR A 70 -0.82 11.49 -14.84
N GLU A 71 -2.04 11.53 -14.41
CA GLU A 71 -2.69 12.81 -14.09
C GLU A 71 -3.01 12.89 -12.59
N ASN A 72 -3.92 12.08 -12.12
CA ASN A 72 -4.28 12.11 -10.68
C ASN A 72 -3.25 11.31 -9.85
N LYS A 73 -2.18 10.90 -10.48
CA LYS A 73 -1.13 10.13 -9.75
C LYS A 73 -0.94 10.68 -8.33
N LEU A 74 -1.04 9.83 -7.34
CA LEU A 74 -0.88 10.30 -5.94
C LEU A 74 0.43 11.09 -5.78
N GLU A 75 0.70 11.58 -4.60
CA GLU A 75 1.95 12.36 -4.38
C GLU A 75 2.72 11.80 -3.19
N LEU A 76 3.92 12.28 -2.99
CA LEU A 76 4.71 11.81 -1.82
C LEU A 76 3.89 12.01 -0.56
N ASN A 77 2.89 12.85 -0.63
CA ASN A 77 2.04 13.10 0.56
C ASN A 77 0.81 12.19 0.52
N GLU A 78 1.01 10.92 0.32
CA GLU A 78 -0.15 9.99 0.25
C GLU A 78 0.32 8.55 0.54
N GLY A 79 1.49 8.19 0.09
CA GLY A 79 1.98 6.81 0.33
C GLY A 79 3.25 6.86 1.18
N PHE A 80 3.72 5.73 1.65
CA PHE A 80 4.96 5.73 2.48
C PHE A 80 5.77 4.47 2.22
N LYS A 81 6.85 4.28 2.93
CA LYS A 81 7.69 3.06 2.70
C LYS A 81 7.56 2.09 3.88
N ALA A 82 7.84 0.83 3.65
CA ALA A 82 7.73 -0.17 4.76
C ALA A 82 8.49 -1.45 4.38
N ILE A 83 8.83 -2.26 5.33
CA ILE A 83 9.57 -3.52 5.03
C ILE A 83 9.09 -4.66 5.92
N MET A 84 9.11 -5.87 5.41
CA MET A 84 8.65 -7.03 6.23
C MET A 84 9.51 -8.26 5.88
N TYR A 85 9.91 -9.01 6.87
CA TYR A 85 10.75 -10.22 6.61
C TYR A 85 10.12 -11.06 5.48
N LYS A 86 10.92 -11.59 4.61
CA LYS A 86 10.38 -12.40 3.48
C LYS A 86 9.42 -13.48 4.01
N ASN A 87 9.84 -14.25 4.98
CA ASN A 87 8.93 -15.32 5.50
C ASN A 87 7.57 -14.71 5.84
N GLN A 88 7.55 -13.56 6.44
CA GLN A 88 6.25 -12.93 6.77
C GLN A 88 5.65 -12.38 5.48
N PHE A 89 6.47 -12.16 4.50
CA PHE A 89 5.97 -11.65 3.19
C PHE A 89 5.36 -12.81 2.39
N GLU A 90 5.98 -13.97 2.42
CA GLU A 90 5.41 -15.12 1.66
C GLU A 90 3.95 -15.29 2.06
N THR A 91 3.70 -15.37 3.33
CA THR A 91 2.30 -15.53 3.81
C THR A 91 1.41 -14.44 3.22
N PHE A 92 1.79 -13.21 3.38
CA PHE A 92 0.97 -12.09 2.82
C PHE A 92 0.79 -12.30 1.31
N ASP A 93 1.82 -12.71 0.64
CA ASP A 93 1.73 -12.90 -0.84
C ASP A 93 1.01 -14.21 -1.16
N SER A 94 1.46 -15.31 -0.64
CA SER A 94 0.79 -16.60 -0.95
C SER A 94 -0.72 -16.48 -0.75
N LYS A 95 -1.14 -15.93 0.34
CA LYS A 95 -2.60 -15.76 0.56
C LYS A 95 -3.17 -14.86 -0.53
N LEU A 96 -2.35 -13.94 -0.99
CA LEU A 96 -2.81 -13.02 -2.06
C LEU A 96 -2.77 -13.71 -3.41
N ARG A 97 -1.74 -14.45 -3.69
CA ARG A 97 -1.65 -15.15 -5.00
C ARG A 97 -2.96 -15.90 -5.27
N LYS A 98 -3.64 -16.30 -4.23
CA LYS A 98 -4.91 -17.05 -4.42
C LYS A 98 -5.98 -16.13 -4.98
N ILE A 99 -5.88 -14.88 -4.68
CA ILE A 99 -6.87 -13.91 -5.21
C ILE A 99 -6.45 -13.55 -6.63
N PHE A 100 -5.22 -13.80 -6.96
CA PHE A 100 -4.72 -13.49 -8.32
C PHE A 100 -4.13 -14.74 -8.96
N ASN A 101 -2.86 -14.99 -8.78
CA ASN A 101 -2.23 -16.18 -9.39
C ASN A 101 -0.74 -16.23 -9.09
N ASN A 102 -0.16 -15.09 -8.92
CA ASN A 102 1.31 -15.02 -8.65
C ASN A 102 1.60 -14.05 -7.50
N GLY A 103 2.85 -13.90 -7.16
CA GLY A 103 3.22 -13.00 -6.04
C GLY A 103 3.61 -11.62 -6.60
N LEU A 104 3.50 -10.59 -5.81
CA LEU A 104 3.86 -9.23 -6.30
C LEU A 104 5.15 -9.29 -7.12
N ARG A 105 6.01 -10.21 -6.79
CA ARG A 105 7.29 -10.34 -7.53
C ARG A 105 7.04 -10.80 -8.96
N ASP A 106 6.00 -11.53 -9.13
CA ASP A 106 5.65 -12.05 -10.49
C ASP A 106 4.85 -11.00 -11.24
N LEU A 107 4.09 -10.23 -10.54
CA LEU A 107 3.28 -9.17 -11.19
C LEU A 107 4.18 -8.07 -11.75
N GLN A 108 5.38 -7.97 -11.25
CA GLN A 108 6.31 -6.91 -11.77
C GLN A 108 6.34 -6.98 -13.29
N ASN A 109 6.37 -8.16 -13.80
CA ASN A 109 6.40 -8.33 -15.28
C ASN A 109 7.33 -7.29 -15.92
N GLY A 110 8.29 -6.82 -15.19
CA GLY A 110 9.22 -5.80 -15.75
C GLY A 110 10.34 -5.51 -14.74
N ARG A 111 11.55 -5.80 -15.10
CA ARG A 111 12.67 -5.52 -14.17
C ARG A 111 12.53 -4.13 -13.58
N ASP A 112 12.81 -3.14 -14.35
CA ASP A 112 12.69 -1.74 -13.87
C ASP A 112 11.23 -1.28 -13.93
N GLU A 113 10.34 -2.03 -13.32
CA GLU A 113 8.90 -1.63 -13.34
C GLU A 113 8.33 -1.69 -11.93
N ASN A 114 7.17 -1.13 -11.73
CA ASN A 114 6.56 -1.15 -10.37
C ASN A 114 5.10 -1.63 -10.43
N LEU A 115 4.54 -1.99 -9.31
CA LEU A 115 3.13 -2.47 -9.30
C LEU A 115 2.18 -1.32 -8.92
N SER A 116 0.94 -1.40 -9.31
CA SER A 116 -0.03 -0.30 -8.97
C SER A 116 -1.31 -0.47 -9.79
N GLN A 117 -1.23 -1.12 -10.92
CA GLN A 117 -2.44 -1.32 -11.76
C GLN A 117 -3.03 -2.72 -11.53
N TYR A 118 -3.30 -3.06 -10.29
CA TYR A 118 -3.86 -4.41 -10.01
C TYR A 118 -5.05 -4.30 -9.04
N GLY A 119 -4.87 -3.63 -7.94
CA GLY A 119 -5.98 -3.49 -6.96
C GLY A 119 -5.71 -4.42 -5.77
N ILE A 120 -4.48 -4.53 -5.36
CA ILE A 120 -4.16 -5.43 -4.21
C ILE A 120 -4.45 -4.72 -2.88
N VAL A 121 -5.70 -4.47 -2.59
CA VAL A 121 -6.03 -3.79 -1.31
C VAL A 121 -5.70 -4.72 -0.13
N CYS A 122 -4.95 -4.23 0.83
CA CYS A 122 -4.59 -5.10 1.98
C CYS A 122 -4.32 -4.25 3.23
N LYS A 123 -4.48 -4.83 4.40
CA LYS A 123 -4.22 -4.06 5.65
C LYS A 123 -2.89 -4.53 6.25
N MET A 124 -2.30 -3.78 7.12
CA MET A 124 -1.01 -4.23 7.70
C MET A 124 -0.74 -3.51 9.01
N ASN A 125 0.01 -4.14 9.85
CA ASN A 125 0.38 -3.50 11.14
C ASN A 125 1.82 -3.05 11.07
N ILE A 126 2.08 -1.81 11.37
CA ILE A 126 3.48 -1.33 11.27
C ILE A 126 3.95 -0.73 12.58
N LYS A 127 5.19 -0.95 12.91
CA LYS A 127 5.75 -0.34 14.14
C LYS A 127 6.44 0.93 13.68
N VAL A 128 5.79 2.05 13.86
CA VAL A 128 6.39 3.31 13.35
C VAL A 128 6.92 4.19 14.47
N LYS A 129 7.66 5.17 14.08
CA LYS A 129 8.24 6.13 15.05
C LYS A 129 9.25 7.03 14.34
N MET A 130 9.79 7.98 15.03
CA MET A 130 10.78 8.90 14.40
C MET A 130 12.17 8.27 14.39
N TYR A 131 13.06 8.82 13.62
CA TYR A 131 14.44 8.28 13.57
C TYR A 131 15.43 9.44 13.39
N ASN A 132 15.31 10.15 12.30
CA ASN A 132 16.22 11.31 12.06
C ASN A 132 15.39 12.60 12.07
N GLY A 133 14.12 12.50 12.35
CA GLY A 133 13.27 13.73 12.39
C GLY A 133 11.98 13.49 11.58
N LYS A 134 11.82 12.31 11.04
CA LYS A 134 10.60 12.04 10.23
C LYS A 134 9.85 10.84 10.80
N LEU A 135 9.06 10.18 9.99
CA LEU A 135 8.28 9.01 10.51
C LEU A 135 8.76 7.72 9.84
N ASN A 136 9.49 6.90 10.55
CA ASN A 136 9.94 5.61 9.96
C ASN A 136 8.89 4.53 10.25
N ALA A 137 8.62 3.65 9.33
CA ALA A 137 7.58 2.61 9.61
C ALA A 137 8.01 1.22 9.14
N ILE A 138 7.76 0.22 9.94
CA ILE A 138 8.10 -1.17 9.54
C ILE A 138 6.82 -2.02 9.57
N VAL A 139 6.44 -2.57 8.45
CA VAL A 139 5.19 -3.38 8.42
C VAL A 139 5.45 -4.81 8.89
N ARG A 140 4.59 -5.33 9.72
CA ARG A 140 4.77 -6.72 10.22
C ARG A 140 3.67 -7.62 9.65
N GLU A 141 2.52 -7.07 9.37
CA GLU A 141 1.42 -7.91 8.81
C GLU A 141 1.01 -7.38 7.44
N CYS A 142 0.19 -8.12 6.73
CA CYS A 142 -0.25 -7.67 5.38
C CYS A 142 -1.25 -8.68 4.79
N GLU A 143 -2.51 -8.39 4.88
CA GLU A 143 -3.52 -9.33 4.32
C GLU A 143 -4.39 -8.61 3.28
N PRO A 144 -4.22 -9.00 2.04
CA PRO A 144 -4.99 -8.38 0.95
C PRO A 144 -6.38 -9.01 0.84
N VAL A 145 -7.39 -8.21 0.73
CA VAL A 145 -8.76 -8.72 0.62
C VAL A 145 -9.32 -8.45 -0.78
N PRO A 146 -10.32 -9.22 -1.14
CA PRO A 146 -10.95 -9.06 -2.47
C PRO A 146 -11.79 -7.77 -2.48
N HIS A 147 -13.03 -7.85 -2.10
CA HIS A 147 -13.88 -6.64 -2.09
C HIS A 147 -15.18 -6.91 -1.30
N SER A 148 -15.73 -8.08 -1.45
CA SER A 148 -16.98 -8.41 -0.71
C SER A 148 -16.64 -9.12 0.60
N GLN A 149 -15.44 -9.63 0.72
CA GLN A 149 -15.05 -10.34 1.96
C GLN A 149 -14.30 -9.37 2.90
N ILE A 150 -13.86 -8.26 2.38
CA ILE A 150 -13.15 -7.28 3.24
C ILE A 150 -13.99 -6.99 4.47
N SER A 151 -15.28 -6.91 4.29
CA SER A 151 -16.16 -6.63 5.44
C SER A 151 -16.20 -7.84 6.38
N SER A 152 -15.55 -8.91 6.00
CA SER A 152 -15.53 -10.11 6.87
C SER A 152 -14.11 -10.30 7.40
N ILE A 153 -13.20 -9.52 6.90
CA ILE A 153 -11.79 -9.61 7.34
C ILE A 153 -11.41 -8.33 8.07
N ALA A 154 -11.80 -7.21 7.53
CA ALA A 154 -11.47 -5.91 8.17
C ALA A 154 -12.63 -5.48 9.08
N SER A 155 -12.33 -4.95 10.23
CA SER A 155 -13.41 -4.50 11.16
C SER A 155 -14.39 -3.57 10.42
N PRO A 156 -15.45 -3.23 11.09
CA PRO A 156 -16.46 -2.32 10.50
C PRO A 156 -15.87 -0.92 10.32
N SER A 157 -16.57 -0.04 9.67
CA SER A 157 -16.03 1.32 9.45
C SER A 157 -14.83 1.25 8.49
N GLN A 158 -13.82 0.51 8.85
CA GLN A 158 -12.63 0.38 7.95
C GLN A 158 -13.03 -0.38 6.69
N CYS A 159 -14.08 -1.16 6.76
CA CYS A 159 -14.53 -1.92 5.57
C CYS A 159 -15.31 -1.00 4.63
N GLU A 160 -16.07 -0.10 5.17
CA GLU A 160 -16.85 0.83 4.30
C GLU A 160 -15.89 1.71 3.50
N HIS A 161 -14.91 2.28 4.15
CA HIS A 161 -13.93 3.14 3.41
C HIS A 161 -13.36 2.35 2.23
N LEU A 162 -13.13 1.08 2.41
CA LEU A 162 -12.59 0.26 1.30
C LEU A 162 -13.62 0.21 0.18
N ARG A 163 -14.86 0.05 0.52
CA ARG A 163 -15.95 0.02 -0.50
C ARG A 163 -15.99 1.36 -1.24
N LEU A 164 -16.14 2.43 -0.52
CA LEU A 164 -16.19 3.77 -1.15
C LEU A 164 -14.85 4.05 -1.84
N PHE A 165 -13.79 3.47 -1.35
CA PHE A 165 -12.46 3.70 -1.98
C PHE A 165 -12.52 3.22 -3.44
N TYR A 166 -13.31 2.20 -3.69
CA TYR A 166 -13.44 1.69 -5.09
C TYR A 166 -14.33 2.64 -5.88
N GLN A 167 -15.26 3.28 -5.22
CA GLN A 167 -16.16 4.23 -5.92
C GLN A 167 -15.43 5.54 -6.16
N ARG A 168 -14.58 5.93 -5.24
CA ARG A 168 -13.83 7.21 -5.40
C ARG A 168 -12.64 7.02 -6.34
N ALA A 169 -12.02 5.87 -6.32
CA ALA A 169 -10.87 5.63 -7.22
C ALA A 169 -11.36 5.33 -8.64
N PHE A 170 -12.48 4.67 -8.76
CA PHE A 170 -13.00 4.36 -10.12
C PHE A 170 -13.16 5.65 -10.93
N LYS A 171 -13.64 6.69 -10.31
CA LYS A 171 -13.82 7.99 -11.04
C LYS A 171 -12.47 8.69 -11.19
N ARG A 172 -11.74 8.81 -10.11
CA ARG A 172 -10.42 9.49 -10.16
C ARG A 172 -9.46 8.72 -11.07
N ILE A 173 -9.37 7.43 -10.91
CA ILE A 173 -8.45 6.64 -11.77
C ILE A 173 -8.77 6.89 -13.24
N GLY A 174 -10.02 7.05 -13.57
CA GLY A 174 -10.40 7.33 -14.98
C GLY A 174 -10.68 6.02 -15.73
N GLU A 175 -11.80 5.94 -16.38
CA GLU A 175 -12.12 4.69 -17.15
C GLU A 175 -11.02 4.44 -18.17
N SER A 176 -10.42 5.49 -18.68
CA SER A 176 -9.31 5.30 -19.68
C SER A 176 -8.38 4.19 -19.20
N ALA A 177 -7.99 4.24 -17.96
CA ALA A 177 -7.10 3.18 -17.41
C ALA A 177 -7.88 1.86 -17.33
N ILE A 178 -9.12 1.93 -16.95
CA ILE A 178 -9.94 0.69 -16.87
C ILE A 178 -9.91 -0.05 -18.20
N SER A 179 -9.69 0.67 -19.27
CA SER A 179 -9.63 0.03 -20.60
C SER A 179 -8.26 -0.63 -20.83
N ARG A 180 -7.26 -0.14 -20.14
CA ARG A 180 -5.90 -0.71 -20.29
C ARG A 180 -5.84 -2.11 -19.69
N TYR A 181 -6.53 -2.33 -18.61
CA TYR A 181 -6.52 -3.69 -17.98
C TYR A 181 -7.90 -3.99 -17.43
N PHE A 182 -8.92 -3.83 -18.24
CA PHE A 182 -10.29 -4.07 -17.74
C PHE A 182 -10.35 -5.38 -16.94
N GLU A 183 -9.83 -6.44 -17.50
CA GLU A 183 -9.87 -7.76 -16.79
C GLU A 183 -9.43 -7.60 -15.34
N GLU A 184 -8.34 -6.94 -15.12
CA GLU A 184 -7.83 -6.77 -13.73
C GLU A 184 -8.81 -5.94 -12.89
N TYR A 185 -9.31 -4.86 -13.41
CA TYR A 185 -10.24 -4.01 -12.61
C TYR A 185 -11.69 -4.52 -12.67
N ARG A 186 -12.08 -5.17 -13.74
CA ARG A 186 -13.46 -5.67 -13.84
C ARG A 186 -13.73 -6.77 -12.82
N ARG A 187 -12.72 -7.20 -12.12
CA ARG A 187 -12.90 -8.28 -11.10
C ARG A 187 -14.25 -8.14 -10.38
N PHE A 188 -14.74 -6.94 -10.25
CA PHE A 188 -16.06 -6.75 -9.57
C PHE A 188 -16.87 -5.68 -10.30
N PHE A 189 -18.18 -5.77 -10.24
CA PHE A 189 -19.03 -4.75 -10.92
C PHE A 189 -18.82 -4.81 -12.43
N PRO A 190 -19.83 -4.39 -13.15
CA PRO A 190 -19.77 -4.39 -14.63
C PRO A 190 -18.95 -3.20 -15.14
N ILE A 191 -18.37 -3.32 -16.30
CA ILE A 191 -17.57 -2.19 -16.85
C ILE A 191 -17.70 -2.15 -18.38
N LYS A 5 -11.57 -4.81 31.08
CA LYS A 5 -11.66 -5.75 29.94
C LYS A 5 -10.44 -5.60 29.01
N MET A 6 -9.32 -6.15 29.42
CA MET A 6 -8.08 -6.06 28.59
C MET A 6 -8.03 -4.71 27.86
N ALA A 7 -7.55 -4.69 26.64
CA ALA A 7 -7.48 -3.40 25.89
C ALA A 7 -6.77 -3.59 24.56
N ARG A 8 -7.08 -4.64 23.83
CA ARG A 8 -6.40 -4.85 22.53
C ARG A 8 -6.38 -3.55 21.73
N LYS A 9 -5.21 -3.03 21.45
CA LYS A 9 -5.13 -1.76 20.67
C LYS A 9 -4.78 -2.03 19.21
N ASP A 10 -4.97 -1.06 18.36
CA ASP A 10 -4.66 -1.23 16.92
C ASP A 10 -5.24 -0.08 16.12
N PRO A 11 -4.61 1.06 16.23
CA PRO A 11 -5.10 2.26 15.51
C PRO A 11 -4.78 2.17 14.02
N THR A 12 -5.00 3.23 13.31
CA THR A 12 -4.72 3.22 11.84
C THR A 12 -4.72 4.65 11.29
N ILE A 13 -3.93 4.91 10.28
CA ILE A 13 -3.90 6.28 9.70
C ILE A 13 -3.39 6.20 8.26
N GLU A 14 -2.78 7.24 7.76
CA GLU A 14 -2.29 7.18 6.35
C GLU A 14 -1.71 8.53 5.93
N PHE A 15 -0.43 8.71 6.12
CA PHE A 15 0.22 10.00 5.72
C PHE A 15 -0.50 11.20 6.37
N CYS A 16 -1.64 11.58 5.84
CA CYS A 16 -2.37 12.73 6.41
C CYS A 16 -3.09 12.32 7.71
N GLN A 17 -3.21 11.05 7.97
CA GLN A 17 -3.91 10.61 9.21
C GLN A 17 -2.91 10.46 10.37
N LEU A 18 -1.66 10.71 10.11
CA LEU A 18 -0.65 10.58 11.17
C LEU A 18 0.28 11.79 11.20
N GLY A 19 0.88 12.05 12.32
CA GLY A 19 1.81 13.22 12.41
C GLY A 19 3.02 12.87 13.28
N LEU A 20 3.08 11.65 13.76
CA LEU A 20 4.23 11.24 14.62
C LEU A 20 4.68 12.38 15.52
N ASP A 21 5.89 12.32 15.98
CA ASP A 21 6.44 13.39 16.84
C ASP A 21 7.96 13.40 16.72
N THR A 22 8.67 13.53 17.81
CA THR A 22 10.16 13.52 17.73
C THR A 22 10.69 12.21 18.26
N PHE A 23 10.57 12.04 19.53
CA PHE A 23 11.02 10.78 20.18
C PHE A 23 9.99 9.69 19.97
N GLU A 24 8.93 10.01 19.29
CA GLU A 24 7.82 9.05 19.05
C GLU A 24 8.25 7.64 18.70
N THR A 25 7.28 6.91 18.24
CA THR A 25 7.46 5.48 17.82
C THR A 25 6.13 4.73 18.02
N LYS A 26 5.60 4.10 17.00
CA LYS A 26 4.31 3.36 17.19
C LYS A 26 4.04 2.36 16.10
N TYR A 27 2.90 1.75 16.21
CA TYR A 27 2.47 0.71 15.21
C TYR A 27 1.14 1.14 14.58
N ILE A 28 1.12 1.40 13.30
CA ILE A 28 -0.15 1.81 12.66
C ILE A 28 -0.36 1.03 11.36
N THR A 29 -1.55 1.07 10.81
CA THR A 29 -1.81 0.33 9.55
C THR A 29 -1.88 1.29 8.36
N MET A 30 -1.19 0.97 7.30
CA MET A 30 -1.21 1.84 6.10
C MET A 30 -1.72 1.04 4.90
N PHE A 31 -2.51 1.64 4.07
CA PHE A 31 -3.03 0.90 2.89
C PHE A 31 -2.41 1.49 1.62
N GLY A 32 -2.55 0.83 0.50
CA GLY A 32 -1.95 1.39 -0.74
C GLY A 32 -2.03 0.35 -1.86
N MET A 33 -1.67 0.71 -3.05
CA MET A 33 -1.71 -0.25 -4.19
C MET A 33 -0.30 -0.58 -4.66
N LEU A 34 0.68 -0.04 -4.01
CA LEU A 34 2.10 -0.29 -4.39
C LEU A 34 2.45 0.52 -5.64
N VAL A 35 3.59 1.14 -5.63
CA VAL A 35 4.02 1.94 -6.81
C VAL A 35 5.27 1.32 -7.43
N SER A 36 6.09 0.70 -6.61
CA SER A 36 7.32 0.06 -7.15
C SER A 36 7.88 -0.95 -6.14
N CYS A 37 8.84 -1.73 -6.53
CA CYS A 37 9.39 -2.74 -5.58
C CYS A 37 10.84 -3.11 -5.97
N SER A 38 11.69 -3.29 -4.99
CA SER A 38 13.09 -3.67 -5.29
C SER A 38 13.48 -4.91 -4.48
N PHE A 39 13.76 -6.00 -5.14
CA PHE A 39 14.13 -7.24 -4.39
C PHE A 39 15.65 -7.43 -4.37
N ASP A 40 16.38 -6.44 -4.80
CA ASP A 40 17.87 -6.56 -4.80
C ASP A 40 18.40 -6.72 -3.38
N LYS A 41 17.94 -5.91 -2.46
CA LYS A 41 18.41 -6.01 -1.06
C LYS A 41 18.26 -7.44 -0.54
N PRO A 42 19.37 -8.10 -0.39
CA PRO A 42 19.38 -9.50 0.10
C PRO A 42 19.09 -9.56 1.61
N ALA A 43 19.08 -8.43 2.27
CA ALA A 43 18.83 -8.44 3.74
C ALA A 43 17.34 -8.26 4.05
N PHE A 44 16.58 -7.81 3.10
CA PHE A 44 15.12 -7.63 3.34
C PHE A 44 14.41 -7.12 2.07
N ILE A 45 13.29 -6.48 2.23
CA ILE A 45 12.53 -5.99 1.04
C ILE A 45 12.51 -4.46 1.03
N SER A 46 12.60 -3.86 -0.12
CA SER A 46 12.58 -2.37 -0.20
C SER A 46 11.63 -1.91 -1.29
N PHE A 47 10.57 -1.25 -0.93
CA PHE A 47 9.60 -0.76 -1.96
C PHE A 47 8.92 0.52 -1.50
N VAL A 48 8.05 1.06 -2.31
CA VAL A 48 7.35 2.31 -1.93
C VAL A 48 5.86 2.20 -2.27
N PHE A 49 5.03 2.42 -1.29
CA PHE A 49 3.56 2.34 -1.51
C PHE A 49 2.98 3.71 -1.83
N SER A 50 1.70 3.77 -2.06
CA SER A 50 1.07 5.09 -2.37
C SER A 50 -0.38 5.11 -1.88
N ASP A 51 -1.01 6.24 -1.92
CA ASP A 51 -2.43 6.34 -1.46
C ASP A 51 -2.92 7.78 -1.57
N PHE A 52 -4.13 7.97 -2.01
CA PHE A 52 -4.65 9.36 -2.13
C PHE A 52 -4.79 10.00 -0.75
N THR A 53 -3.71 10.48 -0.20
CA THR A 53 -3.77 11.12 1.15
C THR A 53 -2.95 12.41 1.16
N LYS A 54 -2.52 12.85 2.31
CA LYS A 54 -1.72 14.10 2.37
C LYS A 54 -0.68 14.01 3.49
N ASN A 55 0.52 13.60 3.16
CA ASN A 55 1.58 13.49 4.19
C ASN A 55 2.15 14.88 4.50
N ASP A 56 2.63 15.09 5.70
CA ASP A 56 3.21 16.41 6.03
C ASP A 56 4.55 16.20 6.72
N ILE A 57 4.96 14.96 6.81
CA ILE A 57 6.23 14.66 7.46
C ILE A 57 7.41 14.90 6.55
N VAL A 58 8.54 14.89 7.14
CA VAL A 58 9.79 15.10 6.35
C VAL A 58 10.25 13.77 5.78
N GLN A 59 10.02 12.74 6.52
CA GLN A 59 10.39 11.36 6.09
C GLN A 59 11.67 11.37 5.27
N ASN A 60 11.87 10.38 4.45
CA ASN A 60 13.10 10.32 3.61
C ASN A 60 12.73 10.35 2.11
N TYR A 61 13.65 10.01 1.26
CA TYR A 61 13.35 10.03 -0.20
C TYR A 61 12.86 8.65 -0.65
N LEU A 62 12.18 8.59 -1.78
CA LEU A 62 11.68 7.27 -2.28
C LEU A 62 12.48 6.84 -3.51
N TYR A 63 11.98 5.88 -4.24
CA TYR A 63 12.71 5.41 -5.45
C TYR A 63 11.73 5.07 -6.57
N ASP A 64 11.75 5.82 -7.64
CA ASP A 64 10.81 5.54 -8.76
C ASP A 64 9.37 5.85 -8.35
N ARG A 65 8.87 6.99 -8.73
CA ARG A 65 7.47 7.36 -8.36
C ARG A 65 6.63 7.57 -9.63
N TYR A 66 6.45 6.54 -10.42
CA TYR A 66 5.65 6.70 -11.66
C TYR A 66 4.43 5.77 -11.62
N LEU A 67 3.60 5.83 -12.63
CA LEU A 67 2.40 4.95 -12.65
C LEU A 67 1.76 4.95 -14.05
N ILE A 68 0.51 4.61 -14.16
CA ILE A 68 -0.14 4.60 -15.50
C ILE A 68 -0.90 5.89 -15.75
N ASP A 69 -1.63 6.34 -14.78
CA ASP A 69 -2.40 7.60 -14.93
C ASP A 69 -1.49 8.73 -15.40
N TYR A 70 -1.66 9.19 -16.61
CA TYR A 70 -0.81 10.30 -17.11
C TYR A 70 -1.49 11.63 -16.86
N GLU A 71 -2.30 11.67 -15.84
CA GLU A 71 -3.01 12.93 -15.51
C GLU A 71 -2.28 13.66 -14.37
N ASN A 72 -2.13 13.02 -13.24
CA ASN A 72 -1.42 13.66 -12.10
C ASN A 72 -0.18 12.85 -11.73
N LYS A 73 0.43 13.15 -10.62
CA LYS A 73 1.64 12.39 -10.21
C LYS A 73 1.85 12.53 -8.70
N LEU A 74 1.81 11.44 -7.98
CA LEU A 74 2.01 11.51 -6.50
C LEU A 74 3.45 11.92 -6.19
N GLU A 75 3.75 12.17 -4.94
CA GLU A 75 5.13 12.57 -4.58
C GLU A 75 5.44 12.21 -3.14
N LEU A 76 6.42 12.84 -2.56
CA LEU A 76 6.76 12.55 -1.14
C LEU A 76 5.55 12.86 -0.25
N ASN A 77 4.53 13.44 -0.81
CA ASN A 77 3.33 13.79 0.01
C ASN A 77 2.20 12.77 -0.25
N GLU A 78 2.55 11.54 -0.51
CA GLU A 78 1.50 10.50 -0.75
C GLU A 78 2.06 9.11 -0.50
N GLY A 79 2.97 8.66 -1.33
CA GLY A 79 3.56 7.30 -1.12
C GLY A 79 4.77 7.42 -0.20
N PHE A 80 5.35 6.31 0.19
CA PHE A 80 6.54 6.38 1.08
C PHE A 80 7.42 5.15 0.92
N LYS A 81 8.56 5.14 1.55
CA LYS A 81 9.47 3.96 1.42
C LYS A 81 9.20 2.95 2.54
N ALA A 82 8.70 1.80 2.20
CA ALA A 82 8.42 0.78 3.25
C ALA A 82 9.55 -0.26 3.29
N ILE A 83 9.78 -0.87 4.44
CA ILE A 83 10.87 -1.89 4.53
C ILE A 83 10.41 -3.09 5.37
N MET A 84 10.56 -4.28 4.85
CA MET A 84 10.12 -5.48 5.62
C MET A 84 11.14 -6.61 5.42
N TYR A 85 11.13 -7.58 6.29
CA TYR A 85 12.11 -8.71 6.16
C TYR A 85 11.63 -9.73 5.12
N LYS A 86 12.54 -10.43 4.51
CA LYS A 86 12.17 -11.45 3.47
C LYS A 86 11.12 -12.41 4.00
N ASN A 87 11.38 -13.07 5.10
CA ASN A 87 10.38 -14.02 5.64
C ASN A 87 9.01 -13.36 5.68
N GLN A 88 8.93 -12.17 6.21
CA GLN A 88 7.63 -11.47 6.24
C GLN A 88 7.17 -11.24 4.81
N PHE A 89 8.09 -11.18 3.88
CA PHE A 89 7.71 -10.98 2.45
C PHE A 89 7.21 -12.30 1.87
N GLU A 90 7.92 -13.38 2.11
CA GLU A 90 7.48 -14.68 1.57
C GLU A 90 6.05 -14.95 2.03
N THR A 91 5.81 -14.72 3.29
CA THR A 91 4.45 -14.92 3.84
C THR A 91 3.44 -14.02 3.14
N PHE A 92 3.70 -12.74 3.07
CA PHE A 92 2.75 -11.82 2.39
C PHE A 92 2.63 -12.19 0.91
N ASP A 93 3.71 -12.56 0.28
CA ASP A 93 3.66 -12.94 -1.16
C ASP A 93 3.10 -14.36 -1.30
N SER A 94 3.29 -15.19 -0.31
CA SER A 94 2.77 -16.58 -0.42
C SER A 94 1.27 -16.55 -0.69
N LYS A 95 0.51 -15.88 0.13
CA LYS A 95 -0.95 -15.81 -0.13
C LYS A 95 -1.14 -15.15 -1.48
N LEU A 96 -0.32 -14.18 -1.77
CA LEU A 96 -0.42 -13.49 -3.06
C LEU A 96 -0.25 -14.47 -4.22
N ARG A 97 0.70 -15.38 -4.15
CA ARG A 97 0.84 -16.33 -5.28
C ARG A 97 -0.52 -16.96 -5.58
N LYS A 98 -1.31 -17.19 -4.58
CA LYS A 98 -2.65 -17.79 -4.82
C LYS A 98 -3.55 -16.78 -5.51
N ILE A 99 -3.23 -15.54 -5.36
CA ILE A 99 -4.03 -14.47 -6.01
C ILE A 99 -3.62 -14.42 -7.48
N PHE A 100 -2.42 -14.88 -7.75
CA PHE A 100 -1.91 -14.89 -9.13
C PHE A 100 -1.14 -16.19 -9.40
N ASN A 101 0.04 -16.30 -8.86
CA ASN A 101 0.86 -17.52 -9.08
C ASN A 101 2.23 -17.38 -8.41
N ASN A 102 2.69 -16.19 -8.34
CA ASN A 102 4.03 -15.90 -7.73
C ASN A 102 3.93 -14.77 -6.71
N GLY A 103 5.01 -14.05 -6.53
CA GLY A 103 5.01 -12.92 -5.56
C GLY A 103 5.24 -11.62 -6.31
N LEU A 104 5.08 -10.50 -5.67
CA LEU A 104 5.27 -9.19 -6.35
C LEU A 104 6.53 -9.21 -7.24
N ARG A 105 7.47 -10.04 -6.93
CA ARG A 105 8.71 -10.12 -7.74
C ARG A 105 8.41 -10.60 -9.15
N ASP A 106 7.55 -11.57 -9.27
CA ASP A 106 7.23 -12.12 -10.62
C ASP A 106 6.46 -11.07 -11.41
N LEU A 107 5.95 -10.09 -10.73
CA LEU A 107 5.20 -9.01 -11.41
C LEU A 107 6.16 -7.99 -12.03
N GLN A 108 7.37 -7.95 -11.56
CA GLN A 108 8.36 -6.99 -12.13
C GLN A 108 8.59 -7.29 -13.62
N ASN A 109 9.78 -7.67 -13.98
CA ASN A 109 10.06 -7.98 -15.41
C ASN A 109 9.45 -6.89 -16.30
N GLY A 110 9.62 -5.65 -15.93
CA GLY A 110 9.05 -4.54 -16.75
C GLY A 110 9.73 -3.22 -16.35
N ARG A 111 10.54 -2.68 -17.22
CA ARG A 111 11.22 -1.40 -16.89
C ARG A 111 10.21 -0.28 -16.75
N ASP A 112 9.96 0.40 -17.81
CA ASP A 112 8.99 1.53 -17.79
C ASP A 112 7.64 1.06 -17.22
N GLU A 113 7.25 -0.15 -17.52
CA GLU A 113 5.94 -0.65 -16.99
C GLU A 113 6.03 -0.83 -15.47
N ASN A 114 5.24 -0.08 -14.74
CA ASN A 114 5.28 -0.20 -13.25
C ASN A 114 4.66 -1.53 -12.81
N LEU A 115 4.43 -1.70 -11.54
CA LEU A 115 3.83 -2.97 -11.04
C LEU A 115 2.34 -2.79 -10.77
N SER A 116 1.92 -1.59 -10.46
CA SER A 116 0.47 -1.36 -10.18
C SER A 116 -0.37 -1.73 -11.41
N GLN A 117 -1.22 -0.83 -11.86
CA GLN A 117 -2.06 -1.13 -13.05
C GLN A 117 -3.04 -2.26 -12.77
N TYR A 118 -2.56 -3.40 -12.39
CA TYR A 118 -3.47 -4.56 -12.11
C TYR A 118 -4.36 -4.27 -10.91
N GLY A 119 -3.91 -3.45 -10.00
CA GLY A 119 -4.73 -3.14 -8.80
C GLY A 119 -4.37 -4.11 -7.67
N ILE A 120 -3.19 -3.95 -7.11
CA ILE A 120 -2.77 -4.85 -6.01
C ILE A 120 -3.53 -4.55 -4.71
N VAL A 121 -3.37 -3.35 -4.20
CA VAL A 121 -4.07 -2.96 -2.94
C VAL A 121 -3.74 -3.96 -1.81
N CYS A 122 -3.26 -3.47 -0.69
CA CYS A 122 -2.92 -4.38 0.44
C CYS A 122 -2.86 -3.61 1.76
N LYS A 123 -3.03 -4.28 2.87
CA LYS A 123 -2.98 -3.57 4.19
C LYS A 123 -1.70 -3.98 4.93
N MET A 124 -1.19 -3.16 5.82
CA MET A 124 0.06 -3.55 6.53
C MET A 124 0.22 -2.79 7.83
N ASN A 125 0.88 -3.40 8.77
CA ASN A 125 1.14 -2.72 10.07
C ASN A 125 2.58 -2.22 10.04
N ILE A 126 2.85 -1.06 10.55
CA ILE A 126 4.25 -0.56 10.48
C ILE A 126 4.76 -0.03 11.80
N LYS A 127 6.03 -0.24 12.10
CA LYS A 127 6.57 0.33 13.35
C LYS A 127 7.24 1.66 12.98
N VAL A 128 6.56 2.74 13.22
CA VAL A 128 7.12 4.06 12.81
C VAL A 128 7.90 4.70 13.96
N LYS A 129 8.72 5.68 13.65
CA LYS A 129 9.53 6.36 14.69
C LYS A 129 10.53 7.30 14.02
N MET A 130 11.22 8.09 14.79
CA MET A 130 12.24 9.02 14.20
C MET A 130 13.63 8.40 14.35
N TYR A 131 14.61 8.95 13.69
CA TYR A 131 15.98 8.39 13.80
C TYR A 131 17.00 9.45 13.37
N ASN A 132 16.85 9.96 12.18
CA ASN A 132 17.80 11.00 11.69
C ASN A 132 17.11 12.37 11.68
N GLY A 133 15.85 12.41 12.00
CA GLY A 133 15.12 13.71 12.01
C GLY A 133 13.80 13.59 11.26
N LYS A 134 13.47 12.43 10.77
CA LYS A 134 12.21 12.27 10.01
C LYS A 134 11.38 11.12 10.57
N LEU A 135 10.45 10.63 9.81
CA LEU A 135 9.60 9.51 10.28
C LEU A 135 10.03 8.19 9.64
N ASN A 136 10.69 7.34 10.37
CA ASN A 136 11.09 6.03 9.78
C ASN A 136 9.98 5.02 9.99
N ALA A 137 9.25 4.70 8.96
CA ALA A 137 8.14 3.73 9.10
C ALA A 137 8.56 2.33 8.64
N ILE A 138 8.41 1.34 9.48
CA ILE A 138 8.81 -0.04 9.06
C ILE A 138 7.55 -0.92 8.95
N VAL A 139 7.37 -1.60 7.85
CA VAL A 139 6.14 -2.45 7.71
C VAL A 139 6.38 -3.85 8.29
N ARG A 140 5.54 -4.27 9.17
CA ARG A 140 5.69 -5.62 9.77
C ARG A 140 4.69 -6.61 9.13
N GLU A 141 3.55 -6.12 8.70
CA GLU A 141 2.56 -7.04 8.06
C GLU A 141 2.23 -6.57 6.66
N CYS A 142 1.99 -7.49 5.76
CA CYS A 142 1.66 -7.09 4.36
C CYS A 142 0.64 -8.07 3.78
N GLU A 143 -0.46 -7.56 3.28
CA GLU A 143 -1.49 -8.45 2.70
C GLU A 143 -2.38 -7.67 1.73
N PRO A 144 -2.63 -8.26 0.59
CA PRO A 144 -3.50 -7.60 -0.42
C PRO A 144 -4.95 -7.58 0.05
N VAL A 145 -5.58 -6.47 -0.09
CA VAL A 145 -7.00 -6.33 0.34
C VAL A 145 -7.85 -5.81 -0.82
N PRO A 146 -8.24 -6.71 -1.68
CA PRO A 146 -9.07 -6.34 -2.85
C PRO A 146 -10.49 -6.01 -2.41
N HIS A 147 -11.44 -6.05 -3.32
CA HIS A 147 -12.85 -5.73 -2.95
C HIS A 147 -13.61 -7.03 -2.65
N SER A 148 -13.16 -8.13 -3.20
CA SER A 148 -13.86 -9.43 -2.95
C SER A 148 -13.50 -9.94 -1.55
N GLN A 149 -12.36 -9.55 -1.05
CA GLN A 149 -11.95 -10.00 0.30
C GLN A 149 -11.47 -8.80 1.13
N ILE A 150 -12.35 -7.87 1.38
CA ILE A 150 -11.99 -6.68 2.18
C ILE A 150 -12.74 -6.75 3.51
N SER A 151 -13.98 -7.15 3.44
CA SER A 151 -14.81 -7.27 4.68
C SER A 151 -14.30 -8.42 5.56
N SER A 152 -13.28 -9.10 5.14
CA SER A 152 -12.74 -10.22 5.97
C SER A 152 -11.40 -9.77 6.56
N ILE A 153 -10.84 -8.74 5.98
CA ILE A 153 -9.54 -8.21 6.46
C ILE A 153 -9.81 -7.01 7.36
N ALA A 154 -10.65 -6.11 6.92
CA ALA A 154 -10.98 -4.92 7.75
C ALA A 154 -12.33 -5.12 8.43
N SER A 155 -12.94 -4.06 8.88
CA SER A 155 -14.27 -4.21 9.56
C SER A 155 -14.86 -2.83 9.89
N PRO A 156 -14.15 -2.11 10.73
CA PRO A 156 -14.61 -0.76 11.15
C PRO A 156 -14.49 0.22 9.98
N SER A 157 -14.43 1.49 10.27
CA SER A 157 -14.30 2.50 9.17
C SER A 157 -13.10 2.14 8.28
N GLN A 158 -12.21 1.32 8.76
CA GLN A 158 -11.04 0.94 7.93
C GLN A 158 -11.53 0.46 6.57
N CYS A 159 -12.51 -0.40 6.55
CA CYS A 159 -13.05 -0.89 5.26
C CYS A 159 -13.67 0.30 4.51
N GLU A 160 -14.39 1.13 5.21
CA GLU A 160 -15.02 2.31 4.56
C GLU A 160 -13.95 3.11 3.82
N HIS A 161 -12.94 3.54 4.53
CA HIS A 161 -11.85 4.31 3.88
C HIS A 161 -11.36 3.57 2.64
N LEU A 162 -11.46 2.27 2.64
CA LEU A 162 -11.01 1.49 1.46
C LEU A 162 -12.07 1.60 0.36
N ARG A 163 -13.30 1.25 0.66
CA ARG A 163 -14.37 1.35 -0.36
C ARG A 163 -14.43 2.78 -0.91
N LEU A 164 -14.51 3.76 -0.04
CA LEU A 164 -14.57 5.16 -0.50
C LEU A 164 -13.29 5.51 -1.26
N PHE A 165 -12.18 4.93 -0.87
CA PHE A 165 -10.91 5.22 -1.58
C PHE A 165 -11.04 4.84 -3.06
N TYR A 166 -11.79 3.80 -3.34
CA TYR A 166 -11.98 3.38 -4.75
C TYR A 166 -12.81 4.44 -5.50
N GLN A 167 -13.79 5.01 -4.87
CA GLN A 167 -14.63 6.03 -5.54
C GLN A 167 -13.74 7.16 -6.09
N ARG A 168 -12.85 7.67 -5.29
CA ARG A 168 -11.97 8.76 -5.77
C ARG A 168 -11.00 8.24 -6.83
N ALA A 169 -10.27 7.20 -6.54
CA ALA A 169 -9.31 6.65 -7.53
C ALA A 169 -10.03 6.37 -8.85
N PHE A 170 -11.29 6.02 -8.80
CA PHE A 170 -12.02 5.74 -10.07
C PHE A 170 -11.93 6.95 -10.99
N LYS A 171 -11.73 8.11 -10.45
CA LYS A 171 -11.61 9.34 -11.30
C LYS A 171 -10.17 9.86 -11.26
N ARG A 172 -9.45 9.52 -10.23
CA ARG A 172 -8.03 9.99 -10.12
C ARG A 172 -7.14 9.16 -11.04
N ILE A 173 -7.30 7.86 -11.03
CA ILE A 173 -6.46 7.00 -11.90
C ILE A 173 -6.69 7.37 -13.38
N GLY A 174 -7.84 7.91 -13.70
CA GLY A 174 -8.12 8.29 -15.11
C GLY A 174 -8.56 7.05 -15.89
N GLU A 175 -9.60 7.17 -16.67
CA GLU A 175 -10.07 6.00 -17.46
C GLU A 175 -9.06 5.68 -18.56
N SER A 176 -8.27 6.64 -18.96
CA SER A 176 -7.27 6.38 -20.03
C SER A 176 -6.38 5.20 -19.62
N ALA A 177 -5.93 5.17 -18.40
CA ALA A 177 -5.08 4.04 -17.94
C ALA A 177 -5.92 2.77 -17.78
N ILE A 178 -7.03 2.88 -17.11
CA ILE A 178 -7.89 1.68 -16.92
C ILE A 178 -8.19 1.05 -18.28
N SER A 179 -8.18 1.84 -19.32
CA SER A 179 -8.44 1.30 -20.68
C SER A 179 -7.22 0.50 -21.15
N ARG A 180 -6.07 0.82 -20.64
CA ARG A 180 -4.84 0.11 -21.04
C ARG A 180 -4.83 -1.32 -20.50
N TYR A 181 -5.37 -1.52 -19.32
CA TYR A 181 -5.40 -2.90 -18.75
C TYR A 181 -6.68 -3.09 -17.97
N PHE A 182 -7.77 -2.59 -18.47
CA PHE A 182 -9.04 -2.73 -17.74
C PHE A 182 -9.20 -4.17 -17.25
N GLU A 183 -8.91 -5.10 -18.11
CA GLU A 183 -9.02 -6.54 -17.73
C GLU A 183 -8.34 -6.79 -16.39
N GLU A 184 -7.26 -6.11 -16.12
CA GLU A 184 -6.54 -6.31 -14.84
C GLU A 184 -7.28 -5.57 -13.70
N TYR A 185 -7.98 -4.51 -14.02
CA TYR A 185 -8.71 -3.77 -12.94
C TYR A 185 -10.00 -4.50 -12.56
N ARG A 186 -10.63 -5.16 -13.50
CA ARG A 186 -11.88 -5.88 -13.20
C ARG A 186 -11.64 -7.04 -12.25
N ARG A 187 -10.41 -7.32 -11.95
CA ARG A 187 -10.08 -8.44 -11.03
C ARG A 187 -11.07 -8.49 -9.84
N PHE A 188 -11.65 -7.38 -9.50
CA PHE A 188 -12.62 -7.38 -8.35
C PHE A 188 -13.94 -6.71 -8.73
N PHE A 189 -13.90 -5.67 -9.52
CA PHE A 189 -15.17 -4.99 -9.90
C PHE A 189 -15.23 -4.74 -11.40
N PRO A 190 -16.37 -4.98 -11.97
CA PRO A 190 -16.57 -4.78 -13.43
C PRO A 190 -16.49 -3.28 -13.78
N ILE A 191 -15.30 -2.74 -13.80
CA ILE A 191 -15.14 -1.30 -14.14
C ILE A 191 -15.98 -0.95 -15.37
N LYS A 5 -17.51 -1.20 25.11
CA LYS A 5 -16.07 -0.82 25.22
C LYS A 5 -15.36 -0.99 23.87
N MET A 6 -14.06 -1.10 23.87
CA MET A 6 -13.32 -1.27 22.59
C MET A 6 -11.83 -1.44 22.86
N ALA A 7 -11.16 -2.25 22.09
CA ALA A 7 -9.69 -2.45 22.30
C ALA A 7 -8.96 -1.12 22.23
N ARG A 8 -8.21 -0.78 23.24
CA ARG A 8 -7.47 0.51 23.22
C ARG A 8 -6.16 0.36 22.44
N LYS A 9 -5.97 -0.76 21.80
CA LYS A 9 -4.72 -0.97 21.01
C LYS A 9 -5.06 -1.38 19.58
N ASP A 10 -4.07 -1.60 18.76
CA ASP A 10 -4.35 -2.00 17.35
C ASP A 10 -5.32 -1.01 16.69
N PRO A 11 -4.99 0.25 16.82
CA PRO A 11 -5.85 1.32 16.23
C PRO A 11 -5.72 1.33 14.71
N THR A 12 -6.08 2.42 14.08
CA THR A 12 -5.98 2.46 12.60
C THR A 12 -6.00 3.92 12.09
N ILE A 13 -5.04 4.27 11.28
CA ILE A 13 -5.00 5.65 10.71
C ILE A 13 -4.43 5.56 9.30
N GLU A 14 -3.89 6.62 8.77
CA GLU A 14 -3.33 6.53 7.38
C GLU A 14 -2.76 7.87 6.94
N PHE A 15 -1.47 8.02 7.02
CA PHE A 15 -0.82 9.28 6.57
C PHE A 15 -1.49 10.50 7.23
N CYS A 16 -2.60 10.92 6.71
CA CYS A 16 -3.30 12.10 7.29
C CYS A 16 -3.82 11.79 8.70
N GLN A 17 -3.80 10.54 9.09
CA GLN A 17 -4.32 10.18 10.44
C GLN A 17 -3.22 9.62 11.35
N LEU A 18 -1.97 9.86 11.04
CA LEU A 18 -0.88 9.35 11.90
C LEU A 18 -1.07 9.81 13.34
N GLY A 19 -0.38 10.85 13.72
CA GLY A 19 -0.50 11.36 15.12
C GLY A 19 0.89 11.40 15.77
N LEU A 20 1.89 11.04 15.02
CA LEU A 20 3.28 11.04 15.56
C LEU A 20 3.62 12.37 16.23
N ASP A 21 4.86 12.51 16.60
CA ASP A 21 5.34 13.76 17.25
C ASP A 21 6.86 13.80 17.17
N THR A 22 7.53 14.09 18.26
CA THR A 22 9.03 14.10 18.21
C THR A 22 9.57 12.91 18.96
N PHE A 23 9.10 12.74 20.15
CA PHE A 23 9.53 11.58 20.97
C PHE A 23 8.60 10.41 20.72
N GLU A 24 7.59 10.63 19.93
CA GLU A 24 6.58 9.59 19.63
C GLU A 24 7.15 8.23 19.28
N THR A 25 6.27 7.44 18.71
CA THR A 25 6.58 6.03 18.26
C THR A 25 5.30 5.20 18.44
N LYS A 26 4.80 4.58 17.39
CA LYS A 26 3.56 3.78 17.56
C LYS A 26 3.39 2.71 16.50
N TYR A 27 2.30 2.04 16.61
CA TYR A 27 1.93 0.95 15.66
C TYR A 27 0.54 1.26 15.09
N ILE A 28 0.43 1.43 13.80
CA ILE A 28 -0.91 1.75 13.24
C ILE A 28 -1.21 0.92 11.99
N THR A 29 -2.45 0.87 11.59
CA THR A 29 -2.84 0.08 10.39
C THR A 29 -3.32 0.99 9.26
N MET A 30 -2.91 0.72 8.06
CA MET A 30 -3.37 1.55 6.91
C MET A 30 -3.52 0.67 5.67
N PHE A 31 -4.53 0.91 4.87
CA PHE A 31 -4.73 0.06 3.66
C PHE A 31 -3.95 0.64 2.48
N GLY A 32 -3.92 -0.06 1.37
CA GLY A 32 -3.19 0.45 0.18
C GLY A 32 -3.37 -0.51 -0.99
N MET A 33 -3.21 -0.04 -2.20
CA MET A 33 -3.39 -0.94 -3.38
C MET A 33 -2.04 -1.42 -3.90
N LEU A 34 -0.98 -0.98 -3.30
CA LEU A 34 0.37 -1.39 -3.75
C LEU A 34 0.72 -0.75 -5.09
N VAL A 35 1.74 0.07 -5.11
CA VAL A 35 2.14 0.73 -6.38
C VAL A 35 3.43 0.07 -6.90
N SER A 36 4.26 -0.41 -6.02
CA SER A 36 5.52 -1.05 -6.47
C SER A 36 6.13 -1.90 -5.34
N CYS A 37 7.11 -2.71 -5.65
CA CYS A 37 7.74 -3.55 -4.61
C CYS A 37 9.05 -4.15 -5.12
N SER A 38 9.94 -4.49 -4.23
CA SER A 38 11.23 -5.09 -4.67
C SER A 38 11.75 -6.05 -3.58
N PHE A 39 12.10 -7.25 -3.96
CA PHE A 39 12.60 -8.23 -2.94
C PHE A 39 14.10 -8.46 -3.14
N ASP A 40 14.68 -7.83 -4.14
CA ASP A 40 16.15 -8.02 -4.37
C ASP A 40 16.92 -7.77 -3.07
N LYS A 41 16.33 -7.06 -2.15
CA LYS A 41 17.00 -6.76 -0.85
C LYS A 41 17.74 -8.00 -0.34
N PRO A 42 18.63 -7.74 0.57
CA PRO A 42 19.46 -8.82 1.17
C PRO A 42 18.63 -9.76 2.06
N ALA A 43 17.74 -9.24 2.87
CA ALA A 43 16.95 -10.15 3.75
C ALA A 43 15.63 -9.51 4.18
N PHE A 44 15.02 -8.72 3.34
CA PHE A 44 13.72 -8.09 3.71
C PHE A 44 13.05 -7.50 2.47
N ILE A 45 11.77 -7.29 2.53
CA ILE A 45 11.05 -6.73 1.37
C ILE A 45 10.73 -5.25 1.58
N SER A 46 10.55 -4.51 0.53
CA SER A 46 10.24 -3.05 0.69
C SER A 46 9.44 -2.54 -0.51
N PHE A 47 8.24 -2.09 -0.28
CA PHE A 47 7.41 -1.56 -1.41
C PHE A 47 6.77 -0.23 -0.99
N VAL A 48 6.17 0.48 -1.92
CA VAL A 48 5.54 1.78 -1.56
C VAL A 48 4.11 1.86 -2.11
N PHE A 49 3.23 2.38 -1.31
CA PHE A 49 1.81 2.53 -1.73
C PHE A 49 1.11 3.50 -0.76
N SER A 50 -0.16 3.69 -0.90
CA SER A 50 -0.88 4.64 0.00
C SER A 50 -2.37 4.28 0.10
N ASP A 51 -3.12 5.07 0.81
CA ASP A 51 -4.58 4.82 0.95
C ASP A 51 -5.36 6.06 0.51
N PHE A 52 -4.79 6.82 -0.39
CA PHE A 52 -5.48 8.06 -0.86
C PHE A 52 -5.69 9.01 0.32
N THR A 53 -4.66 9.64 0.79
CA THR A 53 -4.80 10.58 1.94
C THR A 53 -3.77 11.72 1.84
N LYS A 54 -3.20 12.11 2.94
CA LYS A 54 -2.20 13.21 2.93
C LYS A 54 -1.48 13.28 4.27
N ASN A 55 -0.22 12.93 4.31
CA ASN A 55 0.53 12.96 5.60
C ASN A 55 1.07 14.37 5.86
N ASP A 56 1.35 14.68 7.10
CA ASP A 56 1.91 16.00 7.43
C ASP A 56 3.31 15.78 7.99
N ILE A 57 3.73 14.55 8.02
CA ILE A 57 5.04 14.21 8.57
C ILE A 57 6.15 14.51 7.59
N VAL A 58 7.33 14.51 8.11
CA VAL A 58 8.53 14.80 7.26
C VAL A 58 8.97 13.52 6.56
N GLN A 59 8.76 12.43 7.21
CA GLN A 59 9.13 11.10 6.64
C GLN A 59 10.41 11.20 5.81
N ASN A 60 10.56 10.34 4.84
CA ASN A 60 11.79 10.37 3.99
C ASN A 60 11.41 10.60 2.51
N TYR A 61 11.93 9.78 1.62
CA TYR A 61 11.60 9.96 0.17
C TYR A 61 11.09 8.64 -0.42
N LEU A 62 10.59 8.69 -1.63
CA LEU A 62 10.08 7.44 -2.28
C LEU A 62 10.86 7.15 -3.56
N TYR A 63 10.21 6.65 -4.56
CA TYR A 63 10.91 6.33 -5.84
C TYR A 63 9.95 5.70 -6.85
N ASP A 64 8.75 6.20 -6.94
CA ASP A 64 7.78 5.62 -7.92
C ASP A 64 6.76 6.67 -8.35
N ARG A 65 5.73 6.87 -7.56
CA ARG A 65 4.69 7.88 -7.92
C ARG A 65 4.48 7.93 -9.44
N TYR A 66 3.64 7.08 -9.96
CA TYR A 66 3.39 7.07 -11.43
C TYR A 66 1.89 6.99 -11.71
N LEU A 67 1.16 6.28 -10.88
CA LEU A 67 -0.31 6.16 -11.12
C LEU A 67 -0.58 5.61 -12.52
N ILE A 68 -1.82 5.49 -12.89
CA ILE A 68 -2.15 4.95 -14.24
C ILE A 68 -2.07 6.05 -15.31
N ASP A 69 -3.01 6.96 -15.33
CA ASP A 69 -2.99 8.04 -16.35
C ASP A 69 -1.59 8.66 -16.45
N TYR A 70 -1.17 9.00 -17.65
CA TYR A 70 0.17 9.60 -17.82
C TYR A 70 0.07 11.12 -17.73
N GLU A 71 -0.99 11.59 -17.18
CA GLU A 71 -1.20 13.05 -17.05
C GLU A 71 -0.85 13.48 -15.61
N ASN A 72 -1.53 12.94 -14.64
CA ASN A 72 -1.25 13.31 -13.24
C ASN A 72 -0.23 12.34 -12.63
N LYS A 73 0.01 12.43 -11.35
CA LYS A 73 0.99 11.51 -10.72
C LYS A 73 0.64 11.28 -9.24
N LEU A 74 1.42 10.50 -8.56
CA LEU A 74 1.15 10.23 -7.11
C LEU A 74 2.07 11.11 -6.25
N GLU A 75 1.50 12.06 -5.54
CA GLU A 75 2.33 12.95 -4.70
C GLU A 75 3.30 12.18 -3.83
N LEU A 76 4.08 12.90 -3.11
CA LEU A 76 5.02 12.27 -2.17
C LEU A 76 4.39 12.33 -0.79
N ASN A 77 3.33 13.10 -0.65
CA ASN A 77 2.65 13.20 0.67
C ASN A 77 1.47 12.23 0.71
N GLU A 78 1.52 11.20 -0.08
CA GLU A 78 0.40 10.20 -0.09
C GLU A 78 0.98 8.79 0.06
N GLY A 79 1.73 8.33 -0.92
CA GLY A 79 2.31 6.96 -0.82
C GLY A 79 3.56 6.98 0.06
N PHE A 80 3.93 5.86 0.61
CA PHE A 80 5.14 5.81 1.49
C PHE A 80 5.91 4.52 1.25
N LYS A 81 7.18 4.51 1.57
CA LYS A 81 7.98 3.28 1.38
C LYS A 81 7.94 2.44 2.66
N ALA A 82 7.39 1.26 2.58
CA ALA A 82 7.32 0.39 3.80
C ALA A 82 8.35 -0.73 3.71
N ILE A 83 8.73 -1.28 4.84
CA ILE A 83 9.72 -2.39 4.82
C ILE A 83 9.32 -3.47 5.82
N MET A 84 9.36 -4.72 5.43
CA MET A 84 8.97 -5.81 6.36
C MET A 84 9.86 -7.04 6.13
N TYR A 85 10.08 -7.81 7.15
CA TYR A 85 10.93 -9.03 6.99
C TYR A 85 10.41 -9.91 5.85
N LYS A 86 11.30 -10.43 5.06
CA LYS A 86 10.88 -11.29 3.91
C LYS A 86 9.91 -12.37 4.38
N ASN A 87 10.29 -13.15 5.36
CA ASN A 87 9.38 -14.23 5.84
C ASN A 87 7.99 -13.66 6.09
N GLN A 88 7.89 -12.52 6.70
CA GLN A 88 6.56 -11.92 6.95
C GLN A 88 5.91 -11.60 5.59
N PHE A 89 6.72 -11.25 4.63
CA PHE A 89 6.18 -10.94 3.28
C PHE A 89 5.88 -12.25 2.54
N GLU A 90 6.74 -13.23 2.65
CA GLU A 90 6.48 -14.52 1.97
C GLU A 90 5.12 -15.00 2.45
N THR A 91 4.94 -14.95 3.73
CA THR A 91 3.62 -15.38 4.30
C THR A 91 2.53 -14.52 3.66
N PHE A 92 2.68 -13.23 3.68
CA PHE A 92 1.67 -12.34 3.04
C PHE A 92 1.58 -12.69 1.54
N ASP A 93 2.67 -13.12 0.97
CA ASP A 93 2.66 -13.49 -0.46
C ASP A 93 2.05 -14.89 -0.63
N SER A 94 2.29 -15.77 0.29
CA SER A 94 1.72 -17.13 0.16
C SER A 94 0.23 -17.04 -0.09
N LYS A 95 -0.51 -16.37 0.77
CA LYS A 95 -1.96 -16.24 0.52
C LYS A 95 -2.14 -15.56 -0.84
N LEU A 96 -1.34 -14.56 -1.11
CA LEU A 96 -1.42 -13.87 -2.41
C LEU A 96 -1.29 -14.88 -3.55
N ARG A 97 -0.36 -15.79 -3.47
CA ARG A 97 -0.24 -16.78 -4.59
C ARG A 97 -1.61 -17.40 -4.86
N LYS A 98 -2.46 -17.44 -3.86
CA LYS A 98 -3.81 -18.02 -4.05
C LYS A 98 -4.75 -16.94 -4.59
N ILE A 99 -4.65 -15.78 -4.03
CA ILE A 99 -5.50 -14.65 -4.51
C ILE A 99 -5.08 -14.33 -5.94
N PHE A 100 -3.86 -14.66 -6.26
CA PHE A 100 -3.34 -14.41 -7.62
C PHE A 100 -2.77 -15.71 -8.20
N ASN A 101 -1.55 -16.03 -7.86
CA ASN A 101 -0.93 -17.27 -8.37
C ASN A 101 0.46 -17.45 -7.76
N ASN A 102 1.12 -16.37 -7.56
CA ASN A 102 2.49 -16.41 -6.96
C ASN A 102 2.68 -15.26 -5.97
N GLY A 103 3.84 -14.64 -5.98
CA GLY A 103 4.08 -13.50 -5.05
C GLY A 103 4.21 -12.22 -5.86
N LEU A 104 3.92 -11.09 -5.28
CA LEU A 104 4.02 -9.81 -6.03
C LEU A 104 5.28 -9.77 -6.89
N ARG A 105 6.28 -10.52 -6.53
CA ARG A 105 7.54 -10.53 -7.32
C ARG A 105 7.29 -11.12 -8.72
N ASP A 106 6.56 -12.19 -8.79
CA ASP A 106 6.30 -12.83 -10.11
C ASP A 106 5.54 -11.85 -11.01
N LEU A 107 5.03 -10.82 -10.43
CA LEU A 107 4.25 -9.82 -11.22
C LEU A 107 5.15 -8.71 -11.73
N GLN A 108 6.28 -8.51 -11.10
CA GLN A 108 7.21 -7.43 -11.57
C GLN A 108 8.36 -8.04 -12.35
N ASN A 109 8.67 -9.27 -12.06
CA ASN A 109 9.79 -9.96 -12.76
C ASN A 109 11.08 -9.14 -12.60
N GLY A 110 11.09 -8.17 -11.72
CA GLY A 110 12.32 -7.35 -11.54
C GLY A 110 12.30 -6.71 -10.15
N ARG A 111 12.43 -5.41 -10.09
CA ARG A 111 12.42 -4.72 -8.77
C ARG A 111 11.29 -3.69 -8.73
N ASP A 112 11.62 -2.45 -8.89
CA ASP A 112 10.57 -1.39 -8.84
C ASP A 112 9.85 -1.29 -10.20
N GLU A 113 8.54 -1.24 -10.18
CA GLU A 113 7.79 -1.14 -11.46
C GLU A 113 6.42 -0.49 -11.23
N ASN A 114 5.70 -0.20 -12.28
CA ASN A 114 4.36 0.44 -12.11
C ASN A 114 3.30 -0.64 -11.81
N LEU A 115 3.33 -1.20 -10.63
CA LEU A 115 2.32 -2.24 -10.29
C LEU A 115 1.13 -1.62 -9.56
N SER A 116 0.61 -0.53 -10.05
CA SER A 116 -0.55 0.12 -9.39
C SER A 116 -1.84 -0.22 -10.13
N GLN A 117 -1.76 -0.39 -11.43
CA GLN A 117 -3.00 -0.71 -12.22
C GLN A 117 -3.58 -2.05 -11.76
N TYR A 118 -2.84 -2.79 -10.98
CA TYR A 118 -3.35 -4.12 -10.50
C TYR A 118 -4.45 -3.90 -9.46
N GLY A 119 -4.38 -2.83 -8.71
CA GLY A 119 -5.43 -2.56 -7.68
C GLY A 119 -5.37 -3.62 -6.57
N ILE A 120 -4.21 -3.85 -6.03
CA ILE A 120 -4.09 -4.86 -4.93
C ILE A 120 -4.33 -4.19 -3.57
N VAL A 121 -5.56 -4.08 -3.15
CA VAL A 121 -5.84 -3.43 -1.84
C VAL A 121 -5.51 -4.40 -0.70
N CYS A 122 -4.94 -3.91 0.38
CA CYS A 122 -4.59 -4.82 1.51
C CYS A 122 -4.49 -4.06 2.83
N LYS A 123 -4.60 -4.75 3.94
CA LYS A 123 -4.49 -4.08 5.27
C LYS A 123 -3.11 -4.38 5.86
N MET A 124 -2.59 -3.54 6.70
CA MET A 124 -1.24 -3.81 7.26
C MET A 124 -1.02 -3.04 8.55
N ASN A 125 -0.14 -3.52 9.38
CA ASN A 125 0.15 -2.80 10.64
C ASN A 125 1.61 -2.34 10.59
N ILE A 126 1.88 -1.12 10.93
CA ILE A 126 3.28 -0.64 10.85
C ILE A 126 3.78 -0.12 12.19
N LYS A 127 5.02 -0.42 12.52
CA LYS A 127 5.60 0.11 13.77
C LYS A 127 6.36 1.38 13.39
N VAL A 128 5.78 2.51 13.65
CA VAL A 128 6.43 3.78 13.23
C VAL A 128 7.18 4.43 14.40
N LYS A 129 8.29 5.07 14.10
CA LYS A 129 9.08 5.75 15.17
C LYS A 129 10.01 6.79 14.55
N MET A 130 10.61 7.61 15.37
CA MET A 130 11.54 8.66 14.85
C MET A 130 12.99 8.21 15.07
N TYR A 131 13.92 8.86 14.44
CA TYR A 131 15.35 8.47 14.62
C TYR A 131 16.25 9.44 13.86
N ASN A 132 16.15 9.46 12.55
CA ASN A 132 17.00 10.38 11.75
C ASN A 132 16.37 11.77 11.69
N GLY A 133 15.25 11.95 12.35
CA GLY A 133 14.59 13.28 12.33
C GLY A 133 13.24 13.19 11.61
N LYS A 134 12.82 12.01 11.26
CA LYS A 134 11.53 11.87 10.56
C LYS A 134 10.73 10.70 11.12
N LEU A 135 9.71 10.30 10.41
CA LEU A 135 8.86 9.18 10.89
C LEU A 135 9.25 7.89 10.16
N ASN A 136 9.85 6.97 10.86
CA ASN A 136 10.24 5.69 10.22
C ASN A 136 9.08 4.70 10.33
N ALA A 137 8.38 4.47 9.25
CA ALA A 137 7.22 3.54 9.30
C ALA A 137 7.64 2.13 8.89
N ILE A 138 7.48 1.17 9.76
CA ILE A 138 7.86 -0.23 9.39
C ILE A 138 6.61 -1.11 9.41
N VAL A 139 6.29 -1.72 8.30
CA VAL A 139 5.07 -2.59 8.26
C VAL A 139 5.36 -3.98 8.83
N ARG A 140 4.42 -4.54 9.55
CA ARG A 140 4.63 -5.90 10.14
C ARG A 140 3.55 -6.86 9.64
N GLU A 141 2.43 -6.34 9.20
CA GLU A 141 1.33 -7.23 8.71
C GLU A 141 0.90 -6.81 7.30
N CYS A 142 0.60 -7.76 6.46
CA CYS A 142 0.17 -7.42 5.07
C CYS A 142 -0.84 -8.45 4.57
N GLU A 143 -2.07 -8.05 4.36
CA GLU A 143 -3.08 -9.02 3.86
C GLU A 143 -3.98 -8.33 2.82
N PRO A 144 -3.78 -8.71 1.58
CA PRO A 144 -4.57 -8.14 0.47
C PRO A 144 -5.90 -8.85 0.34
N VAL A 145 -6.94 -8.11 0.13
CA VAL A 145 -8.27 -8.71 -0.02
C VAL A 145 -8.73 -8.60 -1.48
N PRO A 146 -9.63 -9.47 -1.84
CA PRO A 146 -10.17 -9.50 -3.22
C PRO A 146 -11.06 -8.27 -3.46
N HIS A 147 -11.94 -8.35 -4.41
CA HIS A 147 -12.85 -7.20 -4.70
C HIS A 147 -14.26 -7.50 -4.19
N SER A 148 -14.51 -8.70 -3.75
CA SER A 148 -15.87 -9.05 -3.24
C SER A 148 -15.80 -9.58 -1.81
N GLN A 149 -14.78 -10.33 -1.49
CA GLN A 149 -14.67 -10.89 -0.12
C GLN A 149 -14.10 -9.82 0.82
N ILE A 150 -13.92 -8.62 0.34
CA ILE A 150 -13.39 -7.54 1.21
C ILE A 150 -14.36 -7.29 2.35
N SER A 151 -15.62 -7.37 2.06
CA SER A 151 -16.64 -7.11 3.10
C SER A 151 -16.77 -8.31 4.05
N SER A 152 -15.94 -9.29 3.90
CA SER A 152 -16.01 -10.48 4.80
C SER A 152 -14.76 -10.50 5.67
N ILE A 153 -13.74 -9.83 5.22
CA ILE A 153 -12.47 -9.76 5.98
C ILE A 153 -12.37 -8.42 6.70
N ALA A 154 -12.74 -7.36 6.02
CA ALA A 154 -12.68 -6.01 6.64
C ALA A 154 -13.91 -5.79 7.53
N SER A 155 -13.70 -5.41 8.76
CA SER A 155 -14.85 -5.18 9.67
C SER A 155 -15.94 -4.35 8.97
N PRO A 156 -17.03 -4.18 9.67
CA PRO A 156 -18.17 -3.39 9.13
C PRO A 156 -17.81 -1.90 9.10
N SER A 157 -16.79 -1.51 9.83
CA SER A 157 -16.40 -0.08 9.84
C SER A 157 -15.27 0.16 8.82
N GLN A 158 -14.14 -0.48 9.04
CA GLN A 158 -13.00 -0.29 8.08
C GLN A 158 -13.47 -0.60 6.66
N CYS A 159 -14.50 -1.38 6.51
CA CYS A 159 -15.00 -1.71 5.14
C CYS A 159 -15.62 -0.47 4.52
N GLU A 160 -16.51 0.18 5.22
CA GLU A 160 -17.15 1.41 4.67
C GLU A 160 -16.06 2.38 4.19
N HIS A 161 -15.06 2.61 5.00
CA HIS A 161 -13.96 3.52 4.59
C HIS A 161 -13.31 3.00 3.30
N LEU A 162 -13.07 1.71 3.23
CA LEU A 162 -12.45 1.15 2.00
C LEU A 162 -13.39 1.38 0.81
N ARG A 163 -14.67 1.27 1.03
CA ARG A 163 -15.64 1.49 -0.06
C ARG A 163 -15.49 2.94 -0.57
N LEU A 164 -15.19 3.85 0.31
CA LEU A 164 -15.04 5.27 -0.09
C LEU A 164 -13.70 5.45 -0.82
N PHE A 165 -12.78 4.53 -0.65
CA PHE A 165 -11.49 4.66 -1.36
C PHE A 165 -11.71 4.37 -2.84
N TYR A 166 -12.62 3.47 -3.13
CA TYR A 166 -12.92 3.13 -4.54
C TYR A 166 -13.84 4.20 -5.16
N GLN A 167 -14.58 4.90 -4.35
CA GLN A 167 -15.50 5.93 -4.91
C GLN A 167 -14.72 7.18 -5.31
N ARG A 168 -13.70 7.50 -4.56
CA ARG A 168 -12.88 8.70 -4.87
C ARG A 168 -11.95 8.41 -6.06
N ALA A 169 -11.30 7.28 -6.05
CA ALA A 169 -10.37 6.94 -7.18
C ALA A 169 -11.15 6.89 -8.50
N PHE A 170 -12.38 6.47 -8.46
CA PHE A 170 -13.18 6.40 -9.72
C PHE A 170 -13.27 7.79 -10.35
N LYS A 171 -13.20 8.83 -9.55
CA LYS A 171 -13.28 10.21 -10.10
C LYS A 171 -11.88 10.71 -10.47
N ARG A 172 -10.92 10.47 -9.63
CA ARG A 172 -9.53 10.93 -9.93
C ARG A 172 -8.87 9.99 -10.95
N ILE A 173 -9.03 8.70 -10.78
CA ILE A 173 -8.42 7.76 -11.76
C ILE A 173 -9.10 7.92 -13.13
N GLY A 174 -10.39 7.74 -13.18
CA GLY A 174 -11.11 7.92 -14.47
C GLY A 174 -11.33 6.56 -15.15
N GLU A 175 -12.41 6.41 -15.86
CA GLU A 175 -12.67 5.13 -16.57
C GLU A 175 -11.52 4.84 -17.54
N SER A 176 -10.94 5.87 -18.08
CA SER A 176 -9.80 5.65 -19.04
C SER A 176 -8.77 4.73 -18.41
N ALA A 177 -8.38 5.00 -17.20
CA ALA A 177 -7.37 4.11 -16.54
C ALA A 177 -7.94 2.70 -16.45
N ILE A 178 -9.16 2.57 -16.00
CA ILE A 178 -9.77 1.21 -15.92
C ILE A 178 -9.75 0.56 -17.30
N SER A 179 -9.77 1.36 -18.33
CA SER A 179 -9.73 0.80 -19.72
C SER A 179 -8.32 0.27 -20.00
N ARG A 180 -7.34 0.79 -19.31
CA ARG A 180 -5.95 0.34 -19.53
C ARG A 180 -5.78 -1.09 -19.03
N TYR A 181 -6.41 -1.42 -17.93
CA TYR A 181 -6.30 -2.80 -17.39
C TYR A 181 -7.65 -3.20 -16.80
N PHE A 182 -8.71 -2.88 -17.47
CA PHE A 182 -10.05 -3.19 -16.94
C PHE A 182 -10.11 -4.63 -16.44
N GLU A 183 -9.64 -5.55 -17.22
CA GLU A 183 -9.66 -6.98 -16.81
C GLU A 183 -8.85 -7.18 -15.52
N GLU A 184 -7.76 -6.49 -15.39
CA GLU A 184 -6.92 -6.64 -14.16
C GLU A 184 -7.62 -5.99 -12.96
N TYR A 185 -8.34 -4.91 -13.19
CA TYR A 185 -9.04 -4.23 -12.07
C TYR A 185 -10.19 -5.10 -11.55
N ARG A 186 -10.94 -5.70 -12.44
CA ARG A 186 -12.08 -6.54 -12.00
C ARG A 186 -11.57 -7.80 -11.28
N ARG A 187 -10.30 -8.03 -11.33
CA ARG A 187 -9.70 -9.22 -10.66
C ARG A 187 -10.65 -10.43 -10.78
N PHE A 188 -11.49 -10.64 -9.80
CA PHE A 188 -12.42 -11.80 -9.86
C PHE A 188 -13.78 -11.35 -10.40
N PHE A 189 -14.58 -10.70 -9.58
CA PHE A 189 -15.91 -10.24 -10.06
C PHE A 189 -15.76 -9.40 -11.33
N PRO A 190 -16.68 -9.57 -12.22
CA PRO A 190 -16.65 -8.82 -13.51
C PRO A 190 -17.06 -7.37 -13.29
N ILE A 191 -16.86 -6.53 -14.27
CA ILE A 191 -17.24 -5.10 -14.11
C ILE A 191 -18.71 -4.90 -14.50
N LYS A 5 -17.83 -0.76 19.31
CA LYS A 5 -16.86 -1.68 18.64
C LYS A 5 -15.56 -0.93 18.32
N MET A 6 -15.32 0.18 18.96
CA MET A 6 -14.08 0.95 18.69
C MET A 6 -13.02 0.62 19.75
N ALA A 7 -11.77 0.74 19.42
CA ALA A 7 -10.70 0.43 20.41
C ALA A 7 -9.57 1.46 20.31
N ARG A 8 -8.64 1.43 21.22
CA ARG A 8 -7.52 2.40 21.19
C ARG A 8 -6.22 1.67 20.82
N LYS A 9 -6.31 0.46 20.37
CA LYS A 9 -5.08 -0.29 19.99
C LYS A 9 -5.09 -0.61 18.49
N ASP A 10 -3.98 -1.07 17.98
CA ASP A 10 -3.92 -1.41 16.52
C ASP A 10 -4.64 -0.33 15.70
N PRO A 11 -4.25 0.90 15.94
CA PRO A 11 -4.87 2.04 15.22
C PRO A 11 -4.43 2.07 13.76
N THR A 12 -4.66 3.16 13.08
CA THR A 12 -4.26 3.26 11.64
C THR A 12 -4.24 4.71 11.19
N ILE A 13 -3.43 5.02 10.21
CA ILE A 13 -3.36 6.43 9.73
C ILE A 13 -2.90 6.45 8.26
N GLU A 14 -2.36 7.54 7.80
CA GLU A 14 -1.91 7.57 6.37
C GLU A 14 -1.11 8.84 6.09
N PHE A 15 0.16 8.84 6.38
CA PHE A 15 0.99 10.04 6.11
C PHE A 15 0.49 11.24 6.92
N CYS A 16 -0.68 11.73 6.60
CA CYS A 16 -1.21 12.90 7.35
C CYS A 16 -2.06 12.45 8.54
N GLN A 17 -2.30 11.17 8.70
CA GLN A 17 -3.13 10.74 9.87
C GLN A 17 -2.27 10.26 11.05
N LEU A 18 -1.04 9.89 10.81
CA LEU A 18 -0.18 9.44 11.92
C LEU A 18 0.38 10.63 12.70
N GLY A 19 0.17 11.80 12.18
CA GLY A 19 0.65 13.04 12.88
C GLY A 19 1.96 12.80 13.61
N LEU A 20 2.91 12.24 12.94
CA LEU A 20 4.23 11.96 13.59
C LEU A 20 4.75 13.22 14.29
N ASP A 21 5.96 13.14 14.76
CA ASP A 21 6.58 14.31 15.43
C ASP A 21 8.09 14.17 15.36
N THR A 22 8.83 14.80 16.23
CA THR A 22 10.31 14.66 16.17
C THR A 22 10.75 13.49 17.03
N PHE A 23 10.32 13.49 18.24
CA PHE A 23 10.67 12.39 19.17
C PHE A 23 9.68 11.25 19.01
N GLU A 24 8.67 11.45 18.22
CA GLU A 24 7.63 10.41 18.04
C GLU A 24 8.17 9.03 17.77
N THR A 25 7.25 8.20 17.29
CA THR A 25 7.53 6.77 16.95
C THR A 25 6.27 5.95 17.24
N LYS A 26 5.91 5.05 16.38
CA LYS A 26 4.68 4.25 16.66
C LYS A 26 4.50 3.08 15.72
N TYR A 27 3.41 2.42 15.92
CA TYR A 27 3.03 1.24 15.09
C TYR A 27 1.65 1.48 14.50
N ILE A 28 1.56 1.67 13.22
CA ILE A 28 0.22 1.92 12.62
C ILE A 28 0.03 1.13 11.33
N THR A 29 -1.14 1.17 10.77
CA THR A 29 -1.39 0.42 9.52
C THR A 29 -1.42 1.38 8.32
N MET A 30 -0.81 0.99 7.23
CA MET A 30 -0.82 1.86 6.03
C MET A 30 -1.22 1.04 4.81
N PHE A 31 -1.89 1.63 3.87
CA PHE A 31 -2.32 0.85 2.67
C PHE A 31 -1.66 1.44 1.42
N GLY A 32 -1.90 0.81 0.29
CA GLY A 32 -1.29 1.33 -0.97
C GLY A 32 -1.30 0.22 -2.02
N MET A 33 -1.09 0.56 -3.25
CA MET A 33 -1.08 -0.47 -4.33
C MET A 33 0.35 -0.74 -4.78
N LEU A 34 1.29 -0.10 -4.14
CA LEU A 34 2.73 -0.29 -4.50
C LEU A 34 3.06 0.45 -5.80
N VAL A 35 4.07 1.28 -5.76
CA VAL A 35 4.46 2.04 -6.98
C VAL A 35 5.69 1.38 -7.61
N SER A 36 6.52 0.75 -6.82
CA SER A 36 7.73 0.09 -7.39
C SER A 36 8.40 -0.80 -6.34
N CYS A 37 9.11 -1.81 -6.79
CA CYS A 37 9.79 -2.72 -5.82
C CYS A 37 11.31 -2.53 -5.93
N SER A 38 12.02 -2.81 -4.86
CA SER A 38 13.50 -2.65 -4.90
C SER A 38 14.19 -3.98 -4.60
N PHE A 39 14.54 -4.72 -5.62
CA PHE A 39 15.22 -6.03 -5.39
C PHE A 39 16.73 -5.83 -5.34
N ASP A 40 17.18 -4.71 -4.85
CA ASP A 40 18.65 -4.46 -4.77
C ASP A 40 19.14 -4.63 -3.34
N LYS A 41 18.27 -4.47 -2.37
CA LYS A 41 18.70 -4.63 -0.95
C LYS A 41 19.30 -6.03 -0.74
N PRO A 42 20.54 -6.03 -0.32
CA PRO A 42 21.27 -7.30 -0.09
C PRO A 42 20.76 -8.05 1.16
N ALA A 43 20.06 -7.40 2.04
CA ALA A 43 19.58 -8.11 3.27
C ALA A 43 18.05 -8.17 3.31
N PHE A 44 17.40 -7.60 2.34
CA PHE A 44 15.91 -7.62 2.31
C PHE A 44 15.39 -6.89 1.07
N ILE A 45 14.16 -6.47 1.08
CA ILE A 45 13.62 -5.75 -0.12
C ILE A 45 12.86 -4.50 0.32
N SER A 46 12.75 -3.54 -0.57
CA SER A 46 12.02 -2.29 -0.21
C SER A 46 11.04 -1.93 -1.34
N PHE A 47 9.86 -1.47 -0.99
CA PHE A 47 8.87 -1.12 -2.05
C PHE A 47 8.31 0.29 -1.80
N VAL A 48 7.95 1.00 -2.83
CA VAL A 48 7.39 2.37 -2.63
C VAL A 48 5.88 2.33 -2.75
N PHE A 49 5.21 2.76 -1.73
CA PHE A 49 3.71 2.76 -1.74
C PHE A 49 3.18 4.14 -2.12
N SER A 50 1.89 4.29 -2.18
CA SER A 50 1.31 5.61 -2.54
C SER A 50 -0.03 5.82 -1.83
N ASP A 51 -0.48 7.04 -1.75
CA ASP A 51 -1.78 7.32 -1.08
C ASP A 51 -2.13 8.80 -1.19
N PHE A 52 -3.35 9.15 -0.91
CA PHE A 52 -3.76 10.59 -1.00
C PHE A 52 -3.71 11.25 0.37
N THR A 53 -2.74 12.09 0.61
CA THR A 53 -2.63 12.76 1.93
C THR A 53 -1.52 13.81 1.90
N LYS A 54 -0.97 14.16 3.03
CA LYS A 54 0.10 15.19 3.05
C LYS A 54 1.33 14.67 3.80
N ASN A 55 2.29 14.14 3.09
CA ASN A 55 3.50 13.62 3.79
C ASN A 55 4.00 14.64 4.82
N ASP A 56 3.67 14.44 6.07
CA ASP A 56 4.13 15.38 7.13
C ASP A 56 5.31 14.76 7.88
N ILE A 57 5.90 13.76 7.30
CA ILE A 57 7.06 13.07 7.94
C ILE A 57 8.30 13.24 7.06
N VAL A 58 8.19 14.04 6.04
CA VAL A 58 9.30 14.31 5.07
C VAL A 58 9.93 13.03 4.54
N GLN A 59 10.51 12.25 5.38
CA GLN A 59 11.13 10.98 4.94
C GLN A 59 12.27 11.23 3.97
N ASN A 60 12.92 10.18 3.55
CA ASN A 60 14.06 10.33 2.59
C ASN A 60 13.53 10.43 1.16
N TYR A 61 14.41 10.44 0.20
CA TYR A 61 13.95 10.53 -1.22
C TYR A 61 13.56 9.15 -1.74
N LEU A 62 12.51 9.08 -2.53
CA LEU A 62 12.07 7.76 -3.08
C LEU A 62 13.05 7.31 -4.17
N TYR A 63 12.55 6.84 -5.27
CA TYR A 63 13.47 6.38 -6.37
C TYR A 63 12.82 6.57 -7.74
N ASP A 64 12.51 7.79 -8.09
CA ASP A 64 11.88 8.05 -9.42
C ASP A 64 10.52 7.37 -9.53
N ARG A 65 9.47 8.08 -9.19
CA ARG A 65 8.10 7.47 -9.29
C ARG A 65 7.76 7.18 -10.75
N TYR A 66 6.54 6.81 -11.03
CA TYR A 66 6.17 6.51 -12.44
C TYR A 66 4.64 6.34 -12.58
N LEU A 67 4.03 5.64 -11.67
CA LEU A 67 2.55 5.44 -11.76
C LEU A 67 2.21 4.68 -13.05
N ILE A 68 1.02 4.86 -13.55
CA ILE A 68 0.62 4.15 -14.80
C ILE A 68 0.87 5.06 -16.01
N ASP A 69 0.07 6.08 -16.17
CA ASP A 69 0.27 7.01 -17.31
C ASP A 69 1.74 7.37 -17.45
N TYR A 70 2.22 7.54 -18.65
CA TYR A 70 3.67 7.90 -18.83
C TYR A 70 3.84 9.41 -18.83
N GLU A 71 2.87 10.10 -18.31
CA GLU A 71 2.93 11.58 -18.25
C GLU A 71 2.98 12.03 -16.79
N ASN A 72 2.00 11.65 -16.03
CA ASN A 72 1.98 12.03 -14.58
C ASN A 72 2.68 10.96 -13.75
N LYS A 73 2.98 11.25 -12.51
CA LYS A 73 3.66 10.24 -11.66
C LYS A 73 3.12 10.28 -10.23
N LEU A 74 3.94 9.97 -9.27
CA LEU A 74 3.48 9.99 -7.86
C LEU A 74 4.32 10.99 -7.04
N GLU A 75 3.71 12.05 -6.59
CA GLU A 75 4.45 13.06 -5.79
C GLU A 75 5.41 12.43 -4.80
N LEU A 76 6.18 13.27 -4.18
CA LEU A 76 7.12 12.79 -3.15
C LEU A 76 6.45 12.96 -1.79
N ASN A 77 5.32 13.62 -1.75
CA ASN A 77 4.60 13.81 -0.46
C ASN A 77 3.34 12.95 -0.42
N GLU A 78 3.29 11.92 -1.22
CA GLU A 78 2.09 11.04 -1.23
C GLU A 78 2.50 9.56 -1.29
N GLY A 79 3.78 9.28 -1.30
CA GLY A 79 4.23 7.87 -1.36
C GLY A 79 5.39 7.68 -0.38
N PHE A 80 5.79 6.46 -0.12
CA PHE A 80 6.92 6.25 0.84
C PHE A 80 7.60 4.91 0.57
N LYS A 81 8.76 4.71 1.14
CA LYS A 81 9.50 3.43 0.92
C LYS A 81 9.21 2.43 2.04
N ALA A 82 8.70 1.28 1.69
CA ALA A 82 8.41 0.25 2.73
C ALA A 82 9.57 -0.75 2.81
N ILE A 83 9.92 -1.19 3.99
CA ILE A 83 11.05 -2.15 4.12
C ILE A 83 10.62 -3.35 4.97
N MET A 84 11.04 -4.53 4.60
CA MET A 84 10.66 -5.74 5.38
C MET A 84 11.70 -6.86 5.18
N TYR A 85 11.88 -7.69 6.18
CA TYR A 85 12.88 -8.80 6.06
C TYR A 85 12.50 -9.76 4.93
N LYS A 86 13.41 -10.58 4.50
CA LYS A 86 13.10 -11.54 3.40
C LYS A 86 12.04 -12.55 3.85
N ASN A 87 12.29 -13.25 4.92
CA ASN A 87 11.28 -14.25 5.39
C ASN A 87 9.91 -13.60 5.47
N GLN A 88 9.84 -12.38 5.95
CA GLN A 88 8.54 -11.68 6.01
C GLN A 88 8.10 -11.34 4.59
N PHE A 89 9.05 -11.17 3.70
CA PHE A 89 8.71 -10.85 2.29
C PHE A 89 8.28 -12.13 1.58
N GLU A 90 8.90 -13.23 1.90
CA GLU A 90 8.50 -14.52 1.26
C GLU A 90 7.07 -14.83 1.67
N THR A 91 6.82 -14.71 2.94
CA THR A 91 5.45 -14.97 3.45
C THR A 91 4.46 -14.12 2.65
N PHE A 92 4.70 -12.84 2.56
CA PHE A 92 3.81 -11.94 1.79
C PHE A 92 3.54 -12.53 0.40
N ASP A 93 4.59 -12.83 -0.33
CA ASP A 93 4.42 -13.38 -1.69
C ASP A 93 3.77 -14.77 -1.65
N SER A 94 4.16 -15.60 -0.71
CA SER A 94 3.56 -16.96 -0.63
C SER A 94 2.03 -16.88 -0.65
N LYS A 95 1.45 -16.07 0.19
CA LYS A 95 -0.03 -15.97 0.15
C LYS A 95 -0.41 -15.32 -1.17
N LEU A 96 0.39 -14.39 -1.60
CA LEU A 96 0.14 -13.71 -2.89
C LEU A 96 0.19 -14.70 -4.05
N ARG A 97 1.10 -15.65 -4.02
CA ARG A 97 1.14 -16.62 -5.16
C ARG A 97 -0.26 -17.18 -5.39
N LYS A 98 -1.01 -17.36 -4.34
CA LYS A 98 -2.39 -17.90 -4.48
C LYS A 98 -3.33 -16.81 -5.01
N ILE A 99 -3.00 -15.59 -4.73
CA ILE A 99 -3.84 -14.46 -5.23
C ILE A 99 -3.43 -14.17 -6.67
N PHE A 100 -2.27 -14.62 -7.04
CA PHE A 100 -1.76 -14.39 -8.41
C PHE A 100 -1.21 -15.71 -8.98
N ASN A 101 -0.01 -16.05 -8.60
CA ASN A 101 0.60 -17.32 -9.11
C ASN A 101 2.02 -17.43 -8.57
N ASN A 102 2.66 -16.31 -8.45
CA ASN A 102 4.06 -16.26 -7.95
C ASN A 102 4.18 -15.19 -6.85
N GLY A 103 5.08 -14.26 -7.00
CA GLY A 103 5.22 -13.20 -5.97
C GLY A 103 5.35 -11.84 -6.67
N LEU A 104 5.35 -10.77 -5.92
CA LEU A 104 5.45 -9.41 -6.54
C LEU A 104 6.51 -9.39 -7.64
N ARG A 105 7.44 -10.30 -7.61
CA ARG A 105 8.50 -10.34 -8.65
C ARG A 105 7.90 -10.64 -10.03
N ASP A 106 7.06 -11.63 -10.12
CA ASP A 106 6.46 -11.99 -11.43
C ASP A 106 5.62 -10.83 -11.97
N LEU A 107 5.33 -9.90 -11.13
CA LEU A 107 4.51 -8.73 -11.56
C LEU A 107 5.39 -7.70 -12.26
N GLN A 108 6.68 -7.81 -12.09
CA GLN A 108 7.60 -6.83 -12.75
C GLN A 108 8.09 -7.40 -14.07
N ASN A 109 7.98 -8.68 -14.21
CA ASN A 109 8.44 -9.33 -15.47
C ASN A 109 9.96 -9.17 -15.62
N GLY A 110 10.60 -8.61 -14.62
CA GLY A 110 12.08 -8.43 -14.72
C GLY A 110 12.38 -7.03 -15.24
N ARG A 111 11.70 -6.62 -16.28
CA ARG A 111 11.95 -5.26 -16.85
C ARG A 111 10.68 -4.42 -16.79
N ASP A 112 10.02 -4.26 -17.90
CA ASP A 112 8.77 -3.46 -17.92
C ASP A 112 9.03 -2.04 -17.42
N GLU A 113 8.06 -1.43 -16.79
CA GLU A 113 8.25 -0.05 -16.27
C GLU A 113 7.60 0.10 -14.89
N ASN A 114 8.38 0.37 -13.89
CA ASN A 114 7.81 0.54 -12.52
C ASN A 114 6.86 -0.61 -12.19
N LEU A 115 6.05 -0.44 -11.19
CA LEU A 115 5.08 -1.52 -10.81
C LEU A 115 3.83 -0.91 -10.17
N SER A 116 3.31 0.14 -10.74
CA SER A 116 2.10 0.78 -10.15
C SER A 116 0.93 0.71 -11.14
N GLN A 117 0.90 -0.30 -11.97
CA GLN A 117 -0.22 -0.41 -12.95
C GLN A 117 -1.07 -1.65 -12.65
N TYR A 118 -0.75 -2.35 -11.59
CA TYR A 118 -1.54 -3.57 -11.23
C TYR A 118 -2.40 -3.29 -10.00
N GLY A 119 -2.22 -2.16 -9.39
CA GLY A 119 -3.01 -1.82 -8.17
C GLY A 119 -2.89 -2.95 -7.14
N ILE A 120 -1.73 -3.11 -6.57
CA ILE A 120 -1.55 -4.18 -5.55
C ILE A 120 -2.00 -3.68 -4.17
N VAL A 121 -3.21 -3.23 -4.07
CA VAL A 121 -3.70 -2.72 -2.75
C VAL A 121 -3.40 -3.73 -1.64
N CYS A 122 -2.92 -3.27 -0.52
CA CYS A 122 -2.60 -4.20 0.60
C CYS A 122 -2.57 -3.45 1.95
N LYS A 123 -2.79 -4.17 3.02
CA LYS A 123 -2.75 -3.50 4.37
C LYS A 123 -1.50 -3.95 5.12
N MET A 124 -0.92 -3.09 5.91
CA MET A 124 0.32 -3.50 6.63
C MET A 124 0.55 -2.65 7.88
N ASN A 125 1.11 -3.26 8.89
CA ASN A 125 1.43 -2.52 10.13
C ASN A 125 2.88 -2.02 10.01
N ILE A 126 3.20 -0.88 10.54
CA ILE A 126 4.60 -0.39 10.35
C ILE A 126 5.19 0.23 11.62
N LYS A 127 6.47 0.05 11.84
CA LYS A 127 7.10 0.71 13.03
C LYS A 127 7.74 2.00 12.52
N VAL A 128 7.09 3.11 12.74
CA VAL A 128 7.62 4.38 12.18
C VAL A 128 8.25 5.29 13.25
N LYS A 129 9.17 6.12 12.84
CA LYS A 129 9.83 7.06 13.78
C LYS A 129 10.83 7.94 13.02
N MET A 130 11.30 8.99 13.63
CA MET A 130 12.28 9.89 12.95
C MET A 130 13.71 9.51 13.34
N TYR A 131 14.67 9.84 12.51
CA TYR A 131 16.08 9.51 12.83
C TYR A 131 16.92 10.79 12.87
N ASN A 132 17.18 11.39 11.74
CA ASN A 132 18.00 12.63 11.72
C ASN A 132 17.16 13.82 11.24
N GLY A 133 15.86 13.69 11.29
CA GLY A 133 15.00 14.83 10.84
C GLY A 133 13.96 14.32 9.83
N LYS A 134 13.92 13.04 9.59
CA LYS A 134 12.93 12.51 8.64
C LYS A 134 12.15 11.40 9.33
N LEU A 135 11.54 10.54 8.57
CA LEU A 135 10.75 9.45 9.21
C LEU A 135 11.11 8.08 8.64
N ASN A 136 11.71 7.23 9.43
CA ASN A 136 12.05 5.88 8.92
C ASN A 136 10.92 4.93 9.30
N ALA A 137 10.11 4.56 8.34
CA ALA A 137 8.97 3.65 8.64
C ALA A 137 9.29 2.21 8.23
N ILE A 138 8.88 1.26 9.02
CA ILE A 138 9.15 -0.17 8.67
C ILE A 138 7.85 -0.96 8.71
N VAL A 139 7.62 -1.82 7.75
CA VAL A 139 6.36 -2.61 7.74
C VAL A 139 6.52 -3.91 8.52
N ARG A 140 5.64 -4.17 9.44
CA ARG A 140 5.71 -5.42 10.24
C ARG A 140 4.78 -6.46 9.60
N GLU A 141 3.69 -6.03 9.02
CA GLU A 141 2.75 -6.99 8.38
C GLU A 141 2.46 -6.55 6.95
N CYS A 142 2.22 -7.48 6.07
CA CYS A 142 1.94 -7.10 4.66
C CYS A 142 0.91 -8.06 4.04
N GLU A 143 -0.19 -7.54 3.58
CA GLU A 143 -1.24 -8.40 2.97
C GLU A 143 -2.06 -7.60 1.96
N PRO A 144 -2.18 -8.14 0.78
CA PRO A 144 -2.96 -7.46 -0.28
C PRO A 144 -4.45 -7.47 0.06
N VAL A 145 -5.10 -6.36 -0.16
CA VAL A 145 -6.55 -6.25 0.17
C VAL A 145 -7.33 -5.68 -1.02
N PRO A 146 -7.62 -6.54 -1.95
CA PRO A 146 -8.39 -6.14 -3.16
C PRO A 146 -9.83 -5.78 -2.79
N HIS A 147 -10.70 -6.75 -2.74
CA HIS A 147 -12.12 -6.45 -2.37
C HIS A 147 -12.82 -7.73 -1.88
N SER A 148 -14.00 -7.60 -1.37
CA SER A 148 -14.74 -8.79 -0.87
C SER A 148 -14.02 -9.41 0.34
N GLN A 149 -12.88 -10.01 0.12
CA GLN A 149 -12.13 -10.64 1.24
C GLN A 149 -11.58 -9.58 2.20
N ILE A 150 -11.51 -8.35 1.78
CA ILE A 150 -10.98 -7.29 2.67
C ILE A 150 -11.77 -7.25 3.96
N SER A 151 -13.04 -7.51 3.88
CA SER A 151 -13.89 -7.47 5.09
C SER A 151 -13.41 -8.50 6.12
N SER A 152 -12.50 -9.37 5.75
CA SER A 152 -11.99 -10.37 6.72
C SER A 152 -10.55 -10.02 7.05
N ILE A 153 -9.92 -9.28 6.19
CA ILE A 153 -8.52 -8.86 6.41
C ILE A 153 -8.50 -7.61 7.27
N ALA A 154 -9.46 -6.76 7.08
CA ALA A 154 -9.52 -5.50 7.88
C ALA A 154 -10.91 -5.33 8.51
N SER A 155 -11.06 -4.34 9.35
CA SER A 155 -12.39 -4.11 9.99
C SER A 155 -13.36 -3.47 8.98
N PRO A 156 -14.48 -2.99 9.47
CA PRO A 156 -15.47 -2.36 8.56
C PRO A 156 -14.98 -0.99 8.09
N SER A 157 -14.98 0.00 8.94
CA SER A 157 -14.49 1.33 8.50
C SER A 157 -13.19 1.16 7.72
N GLN A 158 -12.46 0.11 8.00
CA GLN A 158 -11.19 -0.14 7.26
C GLN A 158 -11.52 -0.38 5.79
N CYS A 159 -12.43 -1.27 5.51
CA CYS A 159 -12.80 -1.54 4.10
C CYS A 159 -13.50 -0.29 3.53
N GLU A 160 -14.29 0.35 4.33
CA GLU A 160 -14.98 1.58 3.88
C GLU A 160 -13.94 2.60 3.43
N HIS A 161 -13.03 2.91 4.30
CA HIS A 161 -11.96 3.88 3.94
C HIS A 161 -11.23 3.38 2.69
N LEU A 162 -11.11 2.09 2.54
CA LEU A 162 -10.43 1.53 1.34
C LEU A 162 -11.35 1.66 0.13
N ARG A 163 -12.62 1.40 0.30
CA ARG A 163 -13.57 1.52 -0.82
C ARG A 163 -13.51 2.93 -1.40
N LEU A 164 -13.69 3.92 -0.56
CA LEU A 164 -13.63 5.32 -1.02
C LEU A 164 -12.28 5.61 -1.67
N PHE A 165 -11.24 4.99 -1.18
CA PHE A 165 -9.89 5.23 -1.77
C PHE A 165 -9.97 4.95 -3.28
N TYR A 166 -10.61 3.88 -3.66
CA TYR A 166 -10.72 3.55 -5.11
C TYR A 166 -11.47 4.69 -5.82
N GLN A 167 -12.49 5.22 -5.20
CA GLN A 167 -13.25 6.31 -5.82
C GLN A 167 -12.31 7.49 -6.12
N ARG A 168 -11.35 7.72 -5.28
CA ARG A 168 -10.40 8.85 -5.51
C ARG A 168 -9.37 8.45 -6.57
N ALA A 169 -8.96 7.22 -6.58
CA ALA A 169 -7.97 6.77 -7.60
C ALA A 169 -8.52 6.96 -9.00
N PHE A 170 -9.81 6.85 -9.16
CA PHE A 170 -10.42 7.03 -10.51
C PHE A 170 -10.04 8.39 -11.10
N LYS A 171 -9.73 9.34 -10.27
CA LYS A 171 -9.35 10.68 -10.79
C LYS A 171 -7.83 10.87 -10.69
N ARG A 172 -7.20 10.24 -9.74
CA ARG A 172 -5.72 10.38 -9.60
C ARG A 172 -5.01 9.43 -10.58
N ILE A 173 -5.48 8.22 -10.70
CA ILE A 173 -4.84 7.26 -11.64
C ILE A 173 -5.20 7.61 -13.08
N GLY A 174 -6.40 8.09 -13.31
CA GLY A 174 -6.80 8.46 -14.70
C GLY A 174 -7.68 7.35 -15.29
N GLU A 175 -8.89 7.70 -15.67
CA GLU A 175 -9.79 6.67 -16.27
C GLU A 175 -9.08 5.94 -17.41
N SER A 176 -8.22 6.62 -18.11
CA SER A 176 -7.49 5.95 -19.23
C SER A 176 -6.52 4.90 -18.68
N ALA A 177 -5.80 5.24 -17.65
CA ALA A 177 -4.84 4.25 -17.07
C ALA A 177 -5.55 2.92 -16.83
N ILE A 178 -6.70 2.95 -16.22
CA ILE A 178 -7.44 1.68 -15.96
C ILE A 178 -7.62 0.90 -17.27
N SER A 179 -7.61 1.59 -18.37
CA SER A 179 -7.77 0.89 -19.69
C SER A 179 -6.41 0.40 -20.17
N ARG A 180 -5.38 1.16 -19.94
CA ARG A 180 -4.02 0.75 -20.38
C ARG A 180 -3.74 -0.68 -19.91
N TYR A 181 -4.32 -1.03 -18.80
CA TYR A 181 -4.13 -2.41 -18.27
C TYR A 181 -5.48 -2.93 -17.77
N PHE A 182 -6.47 -2.84 -18.61
CA PHE A 182 -7.82 -3.30 -18.18
C PHE A 182 -7.71 -4.64 -17.47
N GLU A 183 -7.10 -5.60 -18.10
CA GLU A 183 -6.97 -6.95 -17.45
C GLU A 183 -6.37 -6.79 -16.06
N GLU A 184 -5.21 -6.21 -15.98
CA GLU A 184 -4.60 -6.03 -14.64
C GLU A 184 -5.65 -5.47 -13.67
N TYR A 185 -6.56 -4.67 -14.17
CA TYR A 185 -7.62 -4.09 -13.30
C TYR A 185 -8.84 -5.03 -13.16
N ARG A 186 -9.11 -5.88 -14.12
CA ARG A 186 -10.29 -6.76 -14.02
C ARG A 186 -10.10 -7.85 -12.97
N ARG A 187 -8.93 -7.95 -12.41
CA ARG A 187 -8.65 -9.01 -11.38
C ARG A 187 -9.90 -9.27 -10.53
N PHE A 188 -10.53 -8.23 -10.03
CA PHE A 188 -11.75 -8.43 -9.20
C PHE A 188 -12.98 -7.91 -9.96
N PHE A 189 -12.87 -7.80 -11.26
CA PHE A 189 -14.01 -7.31 -12.06
C PHE A 189 -14.51 -5.94 -11.57
N PRO A 190 -13.60 -5.01 -11.40
CA PRO A 190 -13.99 -3.65 -10.95
C PRO A 190 -14.29 -2.78 -12.17
N ILE A 191 -13.27 -2.14 -12.71
CA ILE A 191 -13.47 -1.27 -13.91
C ILE A 191 -14.83 -0.57 -13.85
N LYS A 5 -5.37 7.32 18.12
CA LYS A 5 -5.70 8.75 18.38
C LYS A 5 -7.15 8.88 18.83
N MET A 6 -7.93 7.85 18.66
CA MET A 6 -9.36 7.92 19.08
C MET A 6 -10.03 6.56 18.91
N ALA A 7 -9.62 5.58 19.68
CA ALA A 7 -10.22 4.23 19.56
C ALA A 7 -9.61 3.27 20.59
N ARG A 8 -9.46 2.03 20.23
CA ARG A 8 -8.87 1.05 21.19
C ARG A 8 -7.52 0.54 20.68
N LYS A 9 -7.31 -0.76 20.68
CA LYS A 9 -6.01 -1.30 20.21
C LYS A 9 -5.96 -1.34 18.67
N ASP A 10 -4.89 -1.83 18.11
CA ASP A 10 -4.78 -1.90 16.62
C ASP A 10 -5.37 -0.64 15.97
N PRO A 11 -4.60 0.42 16.00
CA PRO A 11 -5.05 1.70 15.40
C PRO A 11 -5.01 1.62 13.88
N THR A 12 -5.21 2.72 13.21
CA THR A 12 -5.18 2.71 11.73
C THR A 12 -5.03 4.12 11.16
N ILE A 13 -3.96 4.38 10.48
CA ILE A 13 -3.76 5.72 9.88
C ILE A 13 -3.03 5.56 8.55
N GLU A 14 -2.23 6.51 8.17
CA GLU A 14 -1.50 6.39 6.88
C GLU A 14 -0.24 7.25 6.93
N PHE A 15 0.67 7.05 6.03
CA PHE A 15 1.92 7.86 6.03
C PHE A 15 1.59 9.33 6.35
N CYS A 16 0.38 9.73 6.07
CA CYS A 16 -0.03 11.13 6.32
C CYS A 16 -0.80 11.22 7.65
N GLN A 17 -1.40 10.12 8.07
CA GLN A 17 -2.17 10.14 9.35
C GLN A 17 -1.36 9.55 10.51
N LEU A 18 -0.06 9.54 10.41
CA LEU A 18 0.77 8.98 11.51
C LEU A 18 0.37 9.57 12.86
N GLY A 19 1.03 10.63 13.23
CA GLY A 19 0.76 11.29 14.54
C GLY A 19 1.98 11.05 15.44
N LEU A 20 3.02 10.54 14.87
CA LEU A 20 4.27 10.25 15.63
C LEU A 20 4.72 11.43 16.48
N ASP A 21 5.89 11.33 17.01
CA ASP A 21 6.47 12.39 17.86
C ASP A 21 7.99 12.23 17.87
N THR A 22 8.68 12.79 18.83
CA THR A 22 10.16 12.61 18.85
C THR A 22 10.53 11.47 19.78
N PHE A 23 9.66 11.18 20.69
CA PHE A 23 9.89 10.06 21.63
C PHE A 23 8.98 8.90 21.27
N GLU A 24 8.09 9.14 20.36
CA GLU A 24 7.11 8.10 19.97
C GLU A 24 7.70 6.74 19.65
N THR A 25 6.88 5.98 18.97
CA THR A 25 7.20 4.58 18.54
C THR A 25 5.92 3.74 18.66
N LYS A 26 5.35 3.30 17.58
CA LYS A 26 4.09 2.52 17.70
C LYS A 26 3.84 1.57 16.55
N TYR A 27 2.71 0.94 16.63
CA TYR A 27 2.28 -0.02 15.59
C TYR A 27 0.99 0.50 14.94
N ILE A 28 1.05 0.90 13.71
CA ILE A 28 -0.17 1.43 13.04
C ILE A 28 -0.47 0.65 11.77
N THR A 29 -1.70 0.61 11.36
CA THR A 29 -2.06 -0.13 10.13
C THR A 29 -2.24 0.83 8.96
N MET A 30 -1.72 0.49 7.82
CA MET A 30 -1.87 1.40 6.64
C MET A 30 -2.12 0.57 5.38
N PHE A 31 -3.06 0.99 4.56
CA PHE A 31 -3.35 0.24 3.32
C PHE A 31 -2.54 0.84 2.16
N GLY A 32 -2.58 0.24 1.00
CA GLY A 32 -1.82 0.81 -0.14
C GLY A 32 -1.82 -0.18 -1.32
N MET A 33 -2.21 0.29 -2.47
CA MET A 33 -2.24 -0.60 -3.66
C MET A 33 -0.82 -0.93 -4.14
N LEU A 34 0.14 -0.32 -3.53
CA LEU A 34 1.57 -0.54 -3.92
C LEU A 34 1.88 0.24 -5.19
N VAL A 35 2.95 0.98 -5.18
CA VAL A 35 3.31 1.78 -6.38
C VAL A 35 4.60 1.26 -7.00
N SER A 36 5.43 0.60 -6.22
CA SER A 36 6.70 0.07 -6.80
C SER A 36 7.34 -0.94 -5.83
N CYS A 37 8.36 -1.62 -6.28
CA CYS A 37 9.04 -2.62 -5.42
C CYS A 37 10.44 -2.91 -5.96
N SER A 38 11.45 -2.89 -5.12
CA SER A 38 12.82 -3.16 -5.60
C SER A 38 13.34 -4.49 -5.04
N PHE A 39 13.92 -5.31 -5.88
CA PHE A 39 14.45 -6.61 -5.41
C PHE A 39 15.96 -6.53 -5.21
N ASP A 40 16.49 -5.34 -5.10
CA ASP A 40 17.96 -5.17 -4.92
C ASP A 40 18.36 -5.61 -3.51
N LYS A 41 17.87 -4.97 -2.50
CA LYS A 41 18.23 -5.34 -1.11
C LYS A 41 18.24 -6.88 -0.96
N PRO A 42 19.42 -7.41 -0.87
CA PRO A 42 19.59 -8.88 -0.73
C PRO A 42 19.11 -9.35 0.64
N ALA A 43 18.79 -8.45 1.52
CA ALA A 43 18.33 -8.87 2.88
C ALA A 43 16.80 -8.83 2.96
N PHE A 44 16.17 -8.24 1.99
CA PHE A 44 14.68 -8.14 1.99
C PHE A 44 14.20 -7.37 0.76
N ILE A 45 12.96 -6.97 0.76
CA ILE A 45 12.44 -6.20 -0.41
C ILE A 45 11.84 -4.87 0.06
N SER A 46 11.79 -3.89 -0.80
CA SER A 46 11.21 -2.58 -0.40
C SER A 46 10.24 -2.07 -1.47
N PHE A 47 9.03 -1.79 -1.10
CA PHE A 47 8.04 -1.29 -2.12
C PHE A 47 7.39 0.01 -1.64
N VAL A 48 7.07 0.88 -2.55
CA VAL A 48 6.42 2.17 -2.16
C VAL A 48 4.90 2.04 -2.23
N PHE A 49 4.24 2.36 -1.15
CA PHE A 49 2.76 2.27 -1.13
C PHE A 49 2.15 3.63 -1.44
N SER A 50 0.84 3.72 -1.50
CA SER A 50 0.22 5.05 -1.81
C SER A 50 -1.25 5.07 -1.39
N ASP A 51 -1.86 6.23 -1.46
CA ASP A 51 -3.29 6.36 -1.08
C ASP A 51 -3.72 7.83 -1.22
N PHE A 52 -4.92 8.17 -0.83
CA PHE A 52 -5.35 9.59 -0.95
C PHE A 52 -5.10 10.33 0.36
N THR A 53 -3.90 10.80 0.56
CA THR A 53 -3.56 11.53 1.81
C THR A 53 -2.45 12.55 1.56
N LYS A 54 -1.75 12.96 2.59
CA LYS A 54 -0.64 13.95 2.39
C LYS A 54 0.38 13.82 3.52
N ASN A 55 1.46 13.11 3.28
CA ASN A 55 2.49 12.95 4.34
C ASN A 55 3.44 14.14 4.35
N ASP A 56 3.96 14.49 5.50
CA ASP A 56 4.89 15.65 5.55
C ASP A 56 5.91 15.41 6.66
N ILE A 57 6.03 14.19 7.11
CA ILE A 57 6.96 13.89 8.20
C ILE A 57 8.40 14.17 7.79
N VAL A 58 9.21 14.25 8.77
CA VAL A 58 10.67 14.58 8.58
C VAL A 58 11.39 13.52 7.74
N GLN A 59 10.90 12.34 7.76
CA GLN A 59 11.55 11.22 7.00
C GLN A 59 12.07 11.68 5.63
N ASN A 60 12.80 10.83 4.98
CA ASN A 60 13.39 11.17 3.65
C ASN A 60 12.33 11.67 2.66
N TYR A 61 12.64 11.65 1.39
CA TYR A 61 11.68 12.13 0.36
C TYR A 61 11.54 11.09 -0.77
N LEU A 62 10.34 10.63 -1.02
CA LEU A 62 10.14 9.63 -2.11
C LEU A 62 10.58 10.22 -3.46
N TYR A 63 10.49 9.44 -4.51
CA TYR A 63 10.89 9.97 -5.84
C TYR A 63 9.74 9.84 -6.83
N ASP A 64 9.94 10.28 -8.05
CA ASP A 64 8.85 10.18 -9.07
C ASP A 64 8.22 8.80 -9.04
N ARG A 65 7.07 8.68 -8.42
CA ARG A 65 6.39 7.35 -8.36
C ARG A 65 4.90 7.52 -8.65
N TYR A 66 4.55 7.81 -9.88
CA TYR A 66 3.11 8.00 -10.22
C TYR A 66 2.51 6.68 -10.72
N LEU A 67 1.25 6.69 -11.09
CA LEU A 67 0.60 5.45 -11.58
C LEU A 67 0.12 5.65 -13.02
N ILE A 68 -0.03 4.57 -13.74
CA ILE A 68 -0.50 4.63 -15.17
C ILE A 68 -0.30 6.01 -15.81
N ASP A 69 -1.20 6.92 -15.56
CA ASP A 69 -1.08 8.29 -16.16
C ASP A 69 0.37 8.76 -16.12
N TYR A 70 1.05 8.43 -15.09
CA TYR A 70 2.47 8.85 -14.96
C TYR A 70 2.56 10.37 -15.08
N GLU A 71 1.44 11.02 -14.89
CA GLU A 71 1.41 12.50 -14.98
C GLU A 71 1.46 13.11 -13.57
N ASN A 72 0.52 12.75 -12.74
CA ASN A 72 0.50 13.29 -11.35
C ASN A 72 -0.02 12.23 -10.38
N LYS A 73 -1.31 12.15 -10.27
CA LYS A 73 -1.93 11.15 -9.37
C LYS A 73 -1.25 11.17 -7.98
N LEU A 74 -0.74 10.05 -7.53
CA LEU A 74 -0.07 10.01 -6.21
C LEU A 74 1.09 11.00 -6.16
N GLU A 75 1.05 11.92 -5.23
CA GLU A 75 2.16 12.91 -5.11
C GLU A 75 3.34 12.31 -4.36
N LEU A 76 4.44 13.00 -4.30
CA LEU A 76 5.60 12.47 -3.57
C LEU A 76 5.36 12.62 -2.06
N ASN A 77 4.30 13.28 -1.70
CA ASN A 77 4.00 13.45 -0.25
C ASN A 77 2.70 12.72 0.08
N GLU A 78 2.64 11.46 -0.23
CA GLU A 78 1.41 10.66 0.05
C GLU A 78 1.76 9.18 0.19
N GLY A 79 2.59 8.68 -0.69
CA GLY A 79 2.98 7.24 -0.62
C GLY A 79 4.16 7.09 0.35
N PHE A 80 4.65 5.90 0.53
CA PHE A 80 5.81 5.71 1.47
C PHE A 80 6.57 4.42 1.15
N LYS A 81 7.77 4.31 1.66
CA LYS A 81 8.59 3.09 1.40
C LYS A 81 8.35 2.06 2.51
N ALA A 82 7.82 0.92 2.16
CA ALA A 82 7.57 -0.12 3.20
C ALA A 82 8.62 -1.23 3.11
N ILE A 83 9.23 -1.58 4.22
CA ILE A 83 10.25 -2.66 4.19
C ILE A 83 9.84 -3.79 5.15
N MET A 84 10.15 -5.01 4.81
CA MET A 84 9.77 -6.14 5.69
C MET A 84 10.78 -7.28 5.56
N TYR A 85 10.76 -8.22 6.47
CA TYR A 85 11.72 -9.36 6.41
C TYR A 85 11.38 -10.31 5.27
N LYS A 86 12.36 -10.94 4.70
CA LYS A 86 12.10 -11.90 3.57
C LYS A 86 11.13 -13.00 4.01
N ASN A 87 11.41 -13.66 5.09
CA ASN A 87 10.48 -14.75 5.53
C ASN A 87 9.05 -14.21 5.56
N GLN A 88 8.85 -13.04 6.08
CA GLN A 88 7.47 -12.47 6.10
C GLN A 88 7.08 -12.11 4.67
N PHE A 89 8.05 -11.94 3.82
CA PHE A 89 7.74 -11.62 2.39
C PHE A 89 7.30 -12.90 1.69
N GLU A 90 8.00 -13.98 1.89
CA GLU A 90 7.57 -15.25 1.23
C GLU A 90 6.15 -15.55 1.67
N THR A 91 5.93 -15.57 2.95
CA THR A 91 4.55 -15.82 3.46
C THR A 91 3.58 -14.86 2.79
N PHE A 92 3.91 -13.59 2.74
CA PHE A 92 3.01 -12.60 2.09
C PHE A 92 2.70 -13.04 0.65
N ASP A 93 3.69 -13.51 -0.06
CA ASP A 93 3.47 -13.95 -1.47
C ASP A 93 2.72 -15.27 -1.49
N SER A 94 3.06 -16.18 -0.63
CA SER A 94 2.37 -17.50 -0.65
C SER A 94 0.85 -17.31 -0.65
N LYS A 95 0.31 -16.55 0.27
CA LYS A 95 -1.17 -16.35 0.25
C LYS A 95 -1.53 -15.64 -1.04
N LEU A 96 -0.71 -14.72 -1.46
CA LEU A 96 -0.99 -13.99 -2.72
C LEU A 96 -1.01 -14.95 -3.90
N ARG A 97 -0.13 -15.92 -3.94
CA ARG A 97 -0.18 -16.87 -5.11
C ARG A 97 -1.59 -17.43 -5.25
N LYS A 98 -2.37 -17.38 -4.20
CA LYS A 98 -3.77 -17.89 -4.30
C LYS A 98 -4.66 -16.81 -4.89
N ILE A 99 -4.22 -15.60 -4.82
CA ILE A 99 -5.00 -14.48 -5.42
C ILE A 99 -4.67 -14.42 -6.90
N PHE A 100 -3.55 -14.96 -7.27
CA PHE A 100 -3.12 -14.97 -8.69
C PHE A 100 -2.52 -16.33 -9.04
N ASN A 101 -1.30 -16.56 -8.63
CA ASN A 101 -0.63 -17.84 -8.94
C ASN A 101 0.79 -17.83 -8.40
N ASN A 102 1.38 -16.68 -8.44
CA ASN A 102 2.79 -16.53 -7.95
C ASN A 102 2.84 -15.55 -6.78
N GLY A 103 3.95 -14.90 -6.60
CA GLY A 103 4.07 -13.92 -5.48
C GLY A 103 4.27 -12.52 -6.07
N LEU A 104 4.17 -11.51 -5.25
CA LEU A 104 4.36 -10.11 -5.77
C LEU A 104 5.55 -10.08 -6.74
N ARG A 105 6.48 -10.98 -6.57
CA ARG A 105 7.66 -11.02 -7.46
C ARG A 105 7.25 -11.26 -8.92
N ASP A 106 6.37 -12.20 -9.14
CA ASP A 106 5.94 -12.52 -10.53
C ASP A 106 5.15 -11.35 -11.12
N LEU A 107 4.71 -10.46 -10.28
CA LEU A 107 3.93 -9.30 -10.79
C LEU A 107 4.88 -8.27 -11.39
N GLN A 108 6.13 -8.32 -11.04
CA GLN A 108 7.11 -7.35 -11.60
C GLN A 108 7.35 -7.67 -13.08
N ASN A 109 8.51 -8.17 -13.41
CA ASN A 109 8.79 -8.50 -14.84
C ASN A 109 8.54 -7.28 -15.72
N GLY A 110 8.62 -6.11 -15.16
CA GLY A 110 8.39 -4.87 -15.95
C GLY A 110 9.13 -3.71 -15.29
N ARG A 111 10.20 -3.27 -15.88
CA ARG A 111 10.97 -2.15 -15.28
C ARG A 111 10.16 -0.86 -15.37
N ASP A 112 10.32 -0.16 -16.44
CA ASP A 112 9.58 1.13 -16.63
C ASP A 112 9.44 1.86 -15.29
N GLU A 113 8.34 1.67 -14.60
CA GLU A 113 8.15 2.34 -13.28
C GLU A 113 7.65 1.33 -12.25
N ASN A 114 8.11 0.12 -12.34
CA ASN A 114 7.67 -0.93 -11.37
C ASN A 114 6.14 -0.98 -11.30
N LEU A 115 5.61 -1.86 -10.50
CA LEU A 115 4.12 -1.97 -10.38
C LEU A 115 3.47 -0.59 -10.38
N SER A 116 2.20 -0.51 -10.66
CA SER A 116 1.51 0.80 -10.68
C SER A 116 0.02 0.64 -10.98
N GLN A 117 -0.33 -0.33 -11.78
CA GLN A 117 -1.78 -0.52 -12.12
C GLN A 117 -2.26 -1.90 -11.66
N TYR A 118 -1.41 -2.66 -11.04
CA TYR A 118 -1.83 -4.02 -10.57
C TYR A 118 -2.87 -3.89 -9.46
N GLY A 119 -3.03 -2.71 -8.90
CA GLY A 119 -4.02 -2.53 -7.81
C GLY A 119 -3.56 -3.29 -6.57
N ILE A 120 -3.81 -4.58 -6.52
CA ILE A 120 -3.40 -5.40 -5.34
C ILE A 120 -4.04 -4.88 -4.06
N VAL A 121 -3.59 -3.76 -3.56
CA VAL A 121 -4.13 -3.18 -2.29
C VAL A 121 -4.03 -4.20 -1.15
N CYS A 122 -3.63 -3.77 0.00
CA CYS A 122 -3.48 -4.72 1.14
C CYS A 122 -3.47 -3.97 2.48
N LYS A 123 -3.65 -4.69 3.56
CA LYS A 123 -3.60 -4.03 4.91
C LYS A 123 -2.31 -4.44 5.60
N MET A 124 -1.74 -3.60 6.42
CA MET A 124 -0.46 -3.99 7.08
C MET A 124 -0.23 -3.21 8.36
N ASN A 125 0.33 -3.86 9.33
CA ASN A 125 0.66 -3.16 10.60
C ASN A 125 2.06 -2.59 10.45
N ILE A 126 2.38 -1.51 11.09
CA ILE A 126 3.74 -0.96 10.91
C ILE A 126 4.38 -0.52 12.22
N LYS A 127 5.61 -0.92 12.45
CA LYS A 127 6.32 -0.49 13.68
C LYS A 127 7.14 0.75 13.32
N VAL A 128 6.65 1.89 13.71
CA VAL A 128 7.35 3.15 13.32
C VAL A 128 8.10 3.76 14.52
N LYS A 129 9.18 4.44 14.26
CA LYS A 129 9.94 5.07 15.38
C LYS A 129 11.03 6.01 14.83
N MET A 130 11.57 6.84 15.67
CA MET A 130 12.63 7.79 15.22
C MET A 130 13.96 7.40 15.89
N TYR A 131 15.05 7.70 15.25
CA TYR A 131 16.38 7.36 15.83
C TYR A 131 17.45 8.22 15.15
N ASN A 132 17.45 8.24 13.85
CA ASN A 132 18.45 9.06 13.11
C ASN A 132 17.95 10.50 13.01
N GLY A 133 16.71 10.73 13.34
CA GLY A 133 16.16 12.12 13.28
C GLY A 133 14.82 12.12 12.55
N LYS A 134 14.44 11.02 11.95
CA LYS A 134 13.16 10.99 11.21
C LYS A 134 12.30 9.83 11.71
N LEU A 135 11.30 9.47 10.96
CA LEU A 135 10.44 8.33 11.39
C LEU A 135 10.59 7.16 10.42
N ASN A 136 11.14 6.07 10.87
CA ASN A 136 11.30 4.89 9.98
C ASN A 136 10.05 4.01 10.07
N ALA A 137 9.29 3.95 9.01
CA ALA A 137 8.05 3.12 9.04
C ALA A 137 8.36 1.69 8.60
N ILE A 138 8.13 0.73 9.47
CA ILE A 138 8.40 -0.69 9.08
C ILE A 138 7.09 -1.49 9.08
N VAL A 139 6.87 -2.30 8.09
CA VAL A 139 5.61 -3.10 8.06
C VAL A 139 5.78 -4.39 8.85
N ARG A 140 4.89 -4.65 9.79
CA ARG A 140 4.99 -5.90 10.59
C ARG A 140 4.04 -6.94 10.01
N GLU A 141 3.01 -6.50 9.32
CA GLU A 141 2.05 -7.46 8.72
C GLU A 141 1.61 -6.96 7.35
N CYS A 142 1.24 -7.84 6.48
CA CYS A 142 0.81 -7.39 5.12
C CYS A 142 -0.19 -8.39 4.53
N GLU A 143 -1.30 -7.90 4.04
CA GLU A 143 -2.33 -8.80 3.45
C GLU A 143 -3.14 -8.04 2.40
N PRO A 144 -3.22 -8.59 1.22
CA PRO A 144 -3.97 -7.95 0.13
C PRO A 144 -5.47 -7.93 0.45
N VAL A 145 -6.11 -6.82 0.22
CA VAL A 145 -7.56 -6.69 0.50
C VAL A 145 -8.33 -6.30 -0.76
N PRO A 146 -8.86 -7.29 -1.43
CA PRO A 146 -9.65 -7.03 -2.66
C PRO A 146 -10.96 -6.32 -2.33
N HIS A 147 -11.94 -6.41 -3.18
CA HIS A 147 -13.25 -5.72 -2.91
C HIS A 147 -14.31 -6.74 -2.52
N SER A 148 -14.17 -7.98 -2.94
CA SER A 148 -15.18 -9.01 -2.60
C SER A 148 -15.03 -9.47 -1.15
N GLN A 149 -14.00 -9.03 -0.48
CA GLN A 149 -13.80 -9.45 0.93
C GLN A 149 -13.16 -8.32 1.76
N ILE A 150 -13.72 -7.14 1.69
CA ILE A 150 -13.15 -6.01 2.46
C ILE A 150 -13.78 -5.97 3.85
N SER A 151 -15.07 -6.11 3.92
CA SER A 151 -15.76 -6.06 5.23
C SER A 151 -15.48 -7.32 6.06
N SER A 152 -14.66 -8.20 5.58
CA SER A 152 -14.35 -9.43 6.35
C SER A 152 -12.89 -9.36 6.80
N ILE A 153 -12.16 -8.44 6.25
CA ILE A 153 -10.73 -8.27 6.61
C ILE A 153 -10.55 -7.00 7.42
N ALA A 154 -11.18 -5.94 6.97
CA ALA A 154 -11.06 -4.64 7.70
C ALA A 154 -12.15 -4.51 8.76
N SER A 155 -11.81 -4.00 9.91
CA SER A 155 -12.83 -3.84 10.99
C SER A 155 -13.95 -2.91 10.51
N PRO A 156 -14.87 -2.63 11.40
CA PRO A 156 -16.00 -1.73 11.05
C PRO A 156 -15.51 -0.30 10.91
N SER A 157 -16.22 0.53 10.19
CA SER A 157 -15.79 1.95 10.01
C SER A 157 -14.54 2.00 9.13
N GLN A 158 -13.49 1.33 9.53
CA GLN A 158 -12.23 1.35 8.71
C GLN A 158 -12.50 0.73 7.33
N CYS A 159 -13.27 -0.32 7.28
CA CYS A 159 -13.56 -0.96 5.97
C CYS A 159 -14.21 0.05 5.02
N GLU A 160 -15.04 0.92 5.52
CA GLU A 160 -15.68 1.93 4.64
C GLU A 160 -14.60 2.85 4.05
N HIS A 161 -13.74 3.37 4.88
CA HIS A 161 -12.68 4.26 4.32
C HIS A 161 -12.02 3.55 3.14
N LEU A 162 -11.93 2.25 3.21
CA LEU A 162 -11.33 1.46 2.09
C LEU A 162 -12.36 1.28 0.97
N ARG A 163 -13.59 0.99 1.31
CA ARG A 163 -14.62 0.80 0.26
C ARG A 163 -14.88 2.12 -0.46
N LEU A 164 -14.98 3.19 0.27
CA LEU A 164 -15.21 4.51 -0.36
C LEU A 164 -13.98 4.90 -1.17
N PHE A 165 -12.82 4.50 -0.72
CA PHE A 165 -11.57 4.83 -1.47
C PHE A 165 -11.66 4.22 -2.86
N TYR A 166 -12.35 3.11 -2.99
CA TYR A 166 -12.49 2.47 -4.32
C TYR A 166 -13.36 3.35 -5.21
N GLN A 167 -14.47 3.81 -4.71
CA GLN A 167 -15.36 4.67 -5.52
C GLN A 167 -14.55 5.82 -6.14
N ARG A 168 -13.60 6.35 -5.42
CA ARG A 168 -12.79 7.47 -5.97
C ARG A 168 -11.81 6.95 -7.03
N ALA A 169 -10.98 6.01 -6.67
CA ALA A 169 -10.01 5.46 -7.66
C ALA A 169 -10.77 4.93 -8.89
N PHE A 170 -11.96 4.45 -8.70
CA PHE A 170 -12.74 3.93 -9.86
C PHE A 170 -12.87 5.03 -10.92
N LYS A 171 -12.91 6.27 -10.50
CA LYS A 171 -13.02 7.39 -11.48
C LYS A 171 -11.71 8.19 -11.52
N ARG A 172 -10.95 8.15 -10.45
CA ARG A 172 -9.67 8.90 -10.42
C ARG A 172 -8.64 8.23 -11.32
N ILE A 173 -8.57 6.93 -11.31
CA ILE A 173 -7.57 6.22 -12.16
C ILE A 173 -7.74 6.66 -13.62
N GLY A 174 -8.90 7.13 -13.98
CA GLY A 174 -9.12 7.57 -15.40
C GLY A 174 -9.73 6.44 -16.21
N GLU A 175 -10.84 6.70 -16.86
CA GLU A 175 -11.48 5.64 -17.69
C GLU A 175 -10.49 5.14 -18.75
N SER A 176 -9.60 6.00 -19.18
CA SER A 176 -8.60 5.58 -20.21
C SER A 176 -7.67 4.52 -19.62
N ALA A 177 -7.15 4.76 -18.44
CA ALA A 177 -6.24 3.76 -17.83
C ALA A 177 -6.90 2.39 -17.84
N ILE A 178 -8.19 2.34 -17.65
CA ILE A 178 -8.89 1.02 -17.66
C ILE A 178 -8.72 0.36 -19.03
N SER A 179 -8.47 1.14 -20.04
CA SER A 179 -8.28 0.56 -21.40
C SER A 179 -6.81 0.14 -21.59
N ARG A 180 -5.91 0.83 -20.94
CA ARG A 180 -4.47 0.49 -21.08
C ARG A 180 -4.22 -0.94 -20.61
N TYR A 181 -4.94 -1.35 -19.60
CA TYR A 181 -4.78 -2.74 -19.08
C TYR A 181 -6.15 -3.24 -18.65
N PHE A 182 -7.06 -3.30 -19.58
CA PHE A 182 -8.43 -3.74 -19.23
C PHE A 182 -8.41 -4.98 -18.35
N GLU A 183 -7.74 -6.01 -18.78
CA GLU A 183 -7.68 -7.27 -17.97
C GLU A 183 -6.96 -7.02 -16.65
N GLU A 184 -5.74 -6.56 -16.72
CA GLU A 184 -4.96 -6.30 -15.48
C GLU A 184 -5.78 -5.46 -14.49
N TYR A 185 -6.71 -4.70 -14.97
CA TYR A 185 -7.53 -3.85 -14.06
C TYR A 185 -8.69 -4.66 -13.45
N ARG A 186 -9.43 -5.36 -14.27
CA ARG A 186 -10.57 -6.15 -13.75
C ARG A 186 -10.10 -7.21 -12.77
N ARG A 187 -8.82 -7.45 -12.72
CA ARG A 187 -8.26 -8.48 -11.78
C ARG A 187 -9.25 -9.63 -11.56
N PHE A 188 -10.08 -9.53 -10.56
CA PHE A 188 -11.07 -10.62 -10.29
C PHE A 188 -12.50 -10.10 -10.46
N PHE A 189 -12.67 -8.80 -10.52
CA PHE A 189 -14.04 -8.23 -10.67
C PHE A 189 -14.26 -7.82 -12.13
N PRO A 190 -15.49 -7.98 -12.56
CA PRO A 190 -15.85 -7.63 -13.96
C PRO A 190 -15.93 -6.10 -14.11
N ILE A 191 -15.47 -5.58 -15.23
CA ILE A 191 -15.52 -4.10 -15.43
C ILE A 191 -16.96 -3.63 -15.53
N LYS A 5 -10.05 2.97 19.78
CA LYS A 5 -10.33 3.68 21.06
C LYS A 5 -9.38 4.86 21.22
N MET A 6 -8.90 5.10 22.41
CA MET A 6 -7.96 6.25 22.62
C MET A 6 -6.58 5.93 22.03
N ALA A 7 -6.00 4.83 22.42
CA ALA A 7 -4.67 4.46 21.87
C ALA A 7 -4.33 3.00 22.22
N ARG A 8 -5.25 2.11 21.99
CA ARG A 8 -4.98 0.68 22.31
C ARG A 8 -3.83 0.16 21.43
N LYS A 9 -3.68 -1.14 21.34
CA LYS A 9 -2.59 -1.72 20.51
C LYS A 9 -3.11 -2.05 19.11
N ASP A 10 -2.22 -2.26 18.18
CA ASP A 10 -2.66 -2.60 16.80
C ASP A 10 -3.66 -1.58 16.28
N PRO A 11 -3.30 -0.32 16.36
CA PRO A 11 -4.19 0.76 15.88
C PRO A 11 -4.18 0.81 14.35
N THR A 12 -4.68 1.88 13.78
CA THR A 12 -4.70 1.99 12.30
C THR A 12 -4.82 3.45 11.88
N ILE A 13 -4.00 3.88 10.96
CA ILE A 13 -4.06 5.29 10.49
C ILE A 13 -3.68 5.34 9.01
N GLU A 14 -3.34 6.47 8.49
CA GLU A 14 -2.96 6.52 7.04
C GLU A 14 -2.47 7.92 6.66
N PHE A 15 -1.20 8.18 6.84
CA PHE A 15 -0.65 9.51 6.46
C PHE A 15 -1.37 10.62 7.24
N CYS A 16 -2.59 10.89 6.91
CA CYS A 16 -3.34 11.96 7.62
C CYS A 16 -3.69 11.49 9.04
N GLN A 17 -3.75 10.21 9.25
CA GLN A 17 -4.09 9.69 10.60
C GLN A 17 -2.85 9.28 11.39
N LEU A 18 -1.68 9.71 10.96
CA LEU A 18 -0.45 9.34 11.69
C LEU A 18 -0.58 9.68 13.17
N GLY A 19 -0.08 10.82 13.54
CA GLY A 19 -0.14 11.24 14.97
C GLY A 19 1.25 11.15 15.59
N LEU A 20 2.21 10.79 14.79
CA LEU A 20 3.61 10.68 15.30
C LEU A 20 4.04 11.94 16.04
N ASP A 21 5.29 11.99 16.39
CA ASP A 21 5.84 13.16 17.12
C ASP A 21 7.36 12.98 17.23
N THR A 22 8.04 13.88 17.86
CA THR A 22 9.51 13.73 17.99
C THR A 22 9.83 12.56 18.91
N PHE A 23 9.36 12.65 20.10
CA PHE A 23 9.60 11.57 21.10
C PHE A 23 8.70 10.38 20.83
N GLU A 24 7.79 10.52 19.92
CA GLU A 24 6.83 9.43 19.61
C GLU A 24 7.47 8.08 19.39
N THR A 25 6.68 7.23 18.79
CA THR A 25 7.08 5.81 18.46
C THR A 25 5.85 4.90 18.66
N LYS A 26 5.53 4.06 17.72
CA LYS A 26 4.34 3.18 17.92
C LYS A 26 4.16 2.16 16.82
N TYR A 27 3.09 1.45 16.92
CA TYR A 27 2.73 0.41 15.93
C TYR A 27 1.44 0.83 15.23
N ILE A 28 1.41 0.86 13.94
CA ILE A 28 0.17 1.28 13.23
C ILE A 28 -0.07 0.43 11.99
N THR A 29 -1.31 0.27 11.62
CA THR A 29 -1.63 -0.53 10.41
C THR A 29 -1.87 0.41 9.23
N MET A 30 -1.27 0.14 8.11
CA MET A 30 -1.48 1.03 6.93
C MET A 30 -1.86 0.21 5.70
N PHE A 31 -2.68 0.76 4.84
CA PHE A 31 -3.10 0.02 3.62
C PHE A 31 -2.38 0.60 2.39
N GLY A 32 -2.69 0.13 1.22
CA GLY A 32 -2.02 0.68 0.00
C GLY A 32 -2.03 -0.36 -1.12
N MET A 33 -2.26 0.06 -2.33
CA MET A 33 -2.27 -0.89 -3.47
C MET A 33 -0.86 -1.11 -4.01
N LEU A 34 0.08 -0.39 -3.49
CA LEU A 34 1.52 -0.52 -3.92
C LEU A 34 1.77 0.26 -5.21
N VAL A 35 2.84 1.02 -5.24
CA VAL A 35 3.18 1.79 -6.46
C VAL A 35 4.51 1.28 -7.03
N SER A 36 5.40 0.84 -6.17
CA SER A 36 6.71 0.33 -6.67
C SER A 36 7.37 -0.55 -5.61
N CYS A 37 8.16 -1.51 -6.04
CA CYS A 37 8.84 -2.40 -5.06
C CYS A 37 10.13 -2.98 -5.65
N SER A 38 11.07 -3.31 -4.82
CA SER A 38 12.36 -3.88 -5.34
C SER A 38 12.93 -4.88 -4.35
N PHE A 39 13.04 -6.13 -4.75
CA PHE A 39 13.59 -7.15 -3.83
C PHE A 39 15.13 -7.19 -3.92
N ASP A 40 15.70 -6.32 -4.71
CA ASP A 40 17.18 -6.29 -4.86
C ASP A 40 17.85 -6.20 -3.48
N LYS A 41 17.19 -5.60 -2.53
CA LYS A 41 17.78 -5.48 -1.17
C LYS A 41 18.08 -6.87 -0.60
N PRO A 42 19.33 -7.10 -0.30
CA PRO A 42 19.76 -8.41 0.26
C PRO A 42 19.25 -8.59 1.69
N ALA A 43 18.79 -7.55 2.32
CA ALA A 43 18.29 -7.69 3.72
C ALA A 43 16.77 -7.91 3.73
N PHE A 44 16.12 -7.53 2.67
CA PHE A 44 14.64 -7.70 2.59
C PHE A 44 14.09 -7.02 1.34
N ILE A 45 12.80 -6.83 1.26
CA ILE A 45 12.21 -6.17 0.06
C ILE A 45 11.73 -4.76 0.41
N SER A 46 12.22 -3.76 -0.28
CA SER A 46 11.79 -2.37 0.03
C SER A 46 10.84 -1.84 -1.04
N PHE A 47 9.70 -1.33 -0.65
CA PHE A 47 8.73 -0.81 -1.65
C PHE A 47 7.93 0.34 -1.05
N VAL A 48 7.16 1.04 -1.85
CA VAL A 48 6.33 2.15 -1.31
C VAL A 48 4.88 1.97 -1.72
N PHE A 49 4.01 2.11 -0.77
CA PHE A 49 2.56 1.94 -1.03
C PHE A 49 1.87 3.29 -1.26
N SER A 50 0.60 3.27 -1.51
CA SER A 50 -0.14 4.54 -1.74
C SER A 50 -1.60 4.40 -1.28
N ASP A 51 -2.19 5.46 -0.79
CA ASP A 51 -3.60 5.37 -0.33
C ASP A 51 -4.22 6.77 -0.24
N PHE A 52 -5.48 6.90 -0.52
CA PHE A 52 -6.14 8.23 -0.46
C PHE A 52 -5.97 8.85 0.93
N THR A 53 -5.29 9.96 1.02
CA THR A 53 -5.08 10.62 2.34
C THR A 53 -4.17 11.84 2.16
N LYS A 54 -3.54 12.30 3.21
CA LYS A 54 -2.65 13.48 3.08
C LYS A 54 -1.55 13.44 4.16
N ASN A 55 -0.39 12.97 3.82
CA ASN A 55 0.71 12.91 4.82
C ASN A 55 1.43 14.27 4.87
N ASP A 56 1.95 14.64 6.00
CA ASP A 56 2.67 15.95 6.09
C ASP A 56 3.85 15.81 7.03
N ILE A 57 4.21 14.61 7.35
CA ILE A 57 5.33 14.39 8.26
C ILE A 57 6.65 14.75 7.63
N VAL A 58 7.62 14.92 8.45
CA VAL A 58 8.99 15.30 7.98
C VAL A 58 9.62 14.18 7.17
N GLN A 59 9.29 12.98 7.53
CA GLN A 59 9.81 11.74 6.86
C GLN A 59 10.91 12.05 5.82
N ASN A 60 10.72 11.66 4.59
CA ASN A 60 11.77 11.92 3.56
C ASN A 60 11.16 11.99 2.16
N TYR A 61 11.95 11.74 1.15
CA TYR A 61 11.41 11.80 -0.24
C TYR A 61 10.86 10.45 -0.67
N LEU A 62 10.35 10.36 -1.87
CA LEU A 62 9.79 9.08 -2.36
C LEU A 62 9.84 9.03 -3.89
N TYR A 63 10.41 7.98 -4.44
CA TYR A 63 10.50 7.89 -5.93
C TYR A 63 9.62 6.75 -6.45
N ASP A 64 8.37 6.75 -6.10
CA ASP A 64 7.46 5.66 -6.59
C ASP A 64 7.09 5.90 -8.06
N ARG A 65 6.11 5.19 -8.55
CA ARG A 65 5.71 5.38 -9.98
C ARG A 65 4.35 6.10 -10.05
N TYR A 66 4.02 6.63 -11.19
CA TYR A 66 2.71 7.33 -11.33
C TYR A 66 1.59 6.32 -11.58
N LEU A 67 0.48 6.77 -12.11
CA LEU A 67 -0.65 5.82 -12.38
C LEU A 67 -0.66 5.42 -13.85
N ILE A 68 -1.24 4.29 -14.17
CA ILE A 68 -1.28 3.82 -15.59
C ILE A 68 -1.47 5.00 -16.55
N ASP A 69 -2.43 5.85 -16.27
CA ASP A 69 -2.69 7.02 -17.16
C ASP A 69 -1.39 7.60 -17.70
N TYR A 70 -0.34 7.46 -16.97
CA TYR A 70 0.97 8.03 -17.43
C TYR A 70 0.78 9.49 -17.76
N GLU A 71 -0.28 10.07 -17.26
CA GLU A 71 -0.56 11.50 -17.53
C GLU A 71 -0.28 12.31 -16.26
N ASN A 72 -0.96 12.01 -15.19
CA ASN A 72 -0.73 12.74 -13.92
C ASN A 72 0.45 12.13 -13.17
N LYS A 73 0.59 12.45 -11.91
CA LYS A 73 1.73 11.88 -11.13
C LYS A 73 1.37 11.79 -9.65
N LEU A 74 1.73 10.72 -9.00
CA LEU A 74 1.41 10.58 -7.55
C LEU A 74 1.69 11.88 -6.82
N GLU A 75 0.79 12.31 -5.98
CA GLU A 75 0.99 13.57 -5.21
C GLU A 75 2.22 13.44 -4.33
N LEU A 76 2.66 12.24 -4.15
CA LEU A 76 3.84 11.96 -3.30
C LEU A 76 3.48 12.20 -1.84
N ASN A 77 2.30 12.67 -1.57
CA ASN A 77 1.90 12.88 -0.15
C ASN A 77 0.84 11.85 0.23
N GLU A 78 0.70 10.83 -0.59
CA GLU A 78 -0.32 9.77 -0.31
C GLU A 78 0.36 8.43 0.01
N GLY A 79 1.45 8.12 -0.66
CA GLY A 79 2.13 6.82 -0.39
C GLY A 79 3.30 7.01 0.56
N PHE A 80 4.07 5.98 0.78
CA PHE A 80 5.24 6.10 1.70
C PHE A 80 6.23 4.95 1.45
N LYS A 81 7.36 4.99 2.10
CA LYS A 81 8.36 3.90 1.89
C LYS A 81 8.49 3.06 3.17
N ALA A 82 8.41 1.76 3.04
CA ALA A 82 8.53 0.89 4.24
C ALA A 82 9.20 -0.44 3.85
N ILE A 83 9.90 -1.05 4.77
CA ILE A 83 10.57 -2.34 4.45
C ILE A 83 10.05 -3.45 5.35
N MET A 84 10.05 -4.67 4.88
CA MET A 84 9.55 -5.80 5.71
C MET A 84 10.53 -6.99 5.64
N TYR A 85 10.72 -7.68 6.72
CA TYR A 85 11.67 -8.83 6.73
C TYR A 85 11.28 -9.84 5.64
N LYS A 86 12.27 -10.54 5.11
CA LYS A 86 11.99 -11.54 4.05
C LYS A 86 10.87 -12.50 4.48
N ASN A 87 11.01 -13.14 5.61
CA ASN A 87 9.94 -14.08 6.06
C ASN A 87 8.59 -13.39 5.97
N GLN A 88 8.46 -12.23 6.58
CA GLN A 88 7.17 -11.50 6.52
C GLN A 88 6.84 -11.20 5.05
N PHE A 89 7.85 -11.11 4.23
CA PHE A 89 7.62 -10.85 2.78
C PHE A 89 7.18 -12.14 2.10
N GLU A 90 7.81 -13.24 2.42
CA GLU A 90 7.41 -14.53 1.81
C GLU A 90 5.94 -14.78 2.12
N THR A 91 5.59 -14.60 3.36
CA THR A 91 4.17 -14.78 3.76
C THR A 91 3.29 -13.93 2.84
N PHE A 92 3.63 -12.70 2.67
CA PHE A 92 2.84 -11.82 1.78
C PHE A 92 2.84 -12.38 0.35
N ASP A 93 4.00 -12.60 -0.20
CA ASP A 93 4.07 -13.16 -1.59
C ASP A 93 3.18 -14.40 -1.70
N SER A 94 3.30 -15.32 -0.79
CA SER A 94 2.46 -16.53 -0.89
C SER A 94 1.01 -16.11 -1.07
N LYS A 95 0.62 -15.00 -0.51
CA LYS A 95 -0.77 -14.53 -0.69
C LYS A 95 -0.92 -14.10 -2.14
N LEU A 96 -0.08 -13.22 -2.59
CA LEU A 96 -0.15 -12.75 -3.99
C LEU A 96 -0.10 -13.91 -4.98
N ARG A 97 0.68 -14.94 -4.73
CA ARG A 97 0.72 -16.05 -5.75
C ARG A 97 -0.68 -16.62 -5.98
N LYS A 98 -1.52 -16.63 -4.98
CA LYS A 98 -2.89 -17.19 -5.18
C LYS A 98 -3.82 -16.14 -5.78
N ILE A 99 -3.50 -14.91 -5.61
CA ILE A 99 -4.35 -13.84 -6.20
C ILE A 99 -3.77 -13.43 -7.55
N PHE A 100 -2.58 -13.88 -7.84
CA PHE A 100 -1.94 -13.52 -9.12
C PHE A 100 -1.36 -14.79 -9.78
N ASN A 101 -0.22 -15.23 -9.30
CA ASN A 101 0.41 -16.45 -9.90
C ASN A 101 1.71 -16.77 -9.16
N ASN A 102 2.44 -15.77 -8.86
CA ASN A 102 3.73 -15.95 -8.17
C ASN A 102 3.84 -14.97 -6.98
N GLY A 103 4.89 -14.19 -6.91
CA GLY A 103 5.03 -13.23 -5.79
C GLY A 103 5.24 -11.84 -6.37
N LEU A 104 5.11 -10.82 -5.57
CA LEU A 104 5.29 -9.43 -6.08
C LEU A 104 6.49 -9.33 -7.03
N ARG A 105 7.44 -10.22 -6.90
CA ARG A 105 8.63 -10.19 -7.78
C ARG A 105 8.25 -10.45 -9.25
N ASP A 106 7.48 -11.47 -9.49
CA ASP A 106 7.10 -11.80 -10.91
C ASP A 106 6.31 -10.65 -11.53
N LEU A 107 5.88 -9.73 -10.73
CA LEU A 107 5.10 -8.57 -11.24
C LEU A 107 6.03 -7.44 -11.70
N GLN A 108 6.88 -6.98 -10.83
CA GLN A 108 7.80 -5.88 -11.21
C GLN A 108 8.68 -6.29 -12.38
N ASN A 109 9.27 -5.34 -13.04
CA ASN A 109 10.17 -5.66 -14.17
C ASN A 109 11.55 -6.02 -13.61
N GLY A 110 11.73 -5.88 -12.33
CA GLY A 110 13.05 -6.21 -11.74
C GLY A 110 13.97 -4.99 -11.80
N ARG A 111 13.81 -4.15 -12.80
CA ARG A 111 14.68 -2.96 -12.92
C ARG A 111 13.84 -1.68 -13.10
N ASP A 112 13.78 -1.20 -14.30
CA ASP A 112 13.00 0.05 -14.56
C ASP A 112 11.57 -0.06 -14.02
N GLU A 113 10.60 -0.31 -14.88
CA GLU A 113 9.19 -0.42 -14.40
C GLU A 113 9.12 -1.20 -13.08
N ASN A 114 8.30 -0.77 -12.17
CA ASN A 114 8.19 -1.48 -10.87
C ASN A 114 6.78 -2.03 -10.66
N LEU A 115 5.80 -1.17 -10.64
CA LEU A 115 4.40 -1.65 -10.43
C LEU A 115 3.42 -0.47 -10.44
N SER A 116 2.16 -0.74 -10.65
CA SER A 116 1.15 0.37 -10.68
C SER A 116 -0.18 -0.16 -11.20
N GLN A 117 -0.15 -1.03 -12.17
CA GLN A 117 -1.41 -1.57 -12.73
C GLN A 117 -1.90 -2.75 -11.88
N TYR A 118 -1.04 -3.34 -11.12
CA TYR A 118 -1.45 -4.49 -10.27
C TYR A 118 -2.03 -3.98 -8.95
N GLY A 119 -3.17 -3.33 -9.00
CA GLY A 119 -3.78 -2.81 -7.75
C GLY A 119 -3.70 -3.86 -6.65
N ILE A 120 -2.72 -3.76 -5.79
CA ILE A 120 -2.59 -4.78 -4.71
C ILE A 120 -2.90 -4.14 -3.34
N VAL A 121 -4.15 -3.95 -3.03
CA VAL A 121 -4.50 -3.34 -1.72
C VAL A 121 -4.22 -4.36 -0.61
N CYS A 122 -3.55 -3.95 0.43
CA CYS A 122 -3.24 -4.91 1.53
C CYS A 122 -3.04 -4.20 2.87
N LYS A 123 -3.45 -4.83 3.94
CA LYS A 123 -3.27 -4.21 5.28
C LYS A 123 -1.94 -4.67 5.88
N MET A 124 -1.30 -3.84 6.66
CA MET A 124 0.00 -4.25 7.24
C MET A 124 0.27 -3.51 8.55
N ASN A 125 0.86 -4.17 9.49
CA ASN A 125 1.19 -3.52 10.78
C ASN A 125 2.58 -2.90 10.65
N ILE A 126 2.81 -1.77 11.25
CA ILE A 126 4.16 -1.15 11.09
C ILE A 126 4.73 -0.65 12.42
N LYS A 127 5.98 -0.92 12.64
CA LYS A 127 6.65 -0.42 13.88
C LYS A 127 7.35 0.87 13.48
N VAL A 128 6.78 1.98 13.82
CA VAL A 128 7.37 3.28 13.37
C VAL A 128 8.03 4.02 14.54
N LYS A 129 8.84 4.99 14.22
CA LYS A 129 9.52 5.79 15.27
C LYS A 129 10.44 6.82 14.62
N MET A 130 10.83 7.82 15.34
CA MET A 130 11.75 8.85 14.77
C MET A 130 13.19 8.41 14.96
N TYR A 131 14.10 8.99 14.24
CA TYR A 131 15.53 8.62 14.37
C TYR A 131 16.41 9.82 14.04
N ASN A 132 16.54 10.16 12.79
CA ASN A 132 17.37 11.33 12.42
C ASN A 132 16.51 12.59 12.41
N GLY A 133 15.25 12.47 12.72
CA GLY A 133 14.36 13.67 12.75
C GLY A 133 13.13 13.43 11.89
N LYS A 134 12.94 12.23 11.39
CA LYS A 134 11.78 11.96 10.54
C LYS A 134 10.98 10.76 11.08
N LEU A 135 10.20 10.13 10.25
CA LEU A 135 9.40 8.96 10.70
C LEU A 135 9.83 7.69 9.97
N ASN A 136 10.33 6.72 10.69
CA ASN A 136 10.75 5.45 10.03
C ASN A 136 9.59 4.46 10.10
N ALA A 137 8.93 4.21 9.00
CA ALA A 137 7.78 3.27 9.02
C ALA A 137 8.18 1.88 8.52
N ILE A 138 8.16 0.90 9.38
CA ILE A 138 8.53 -0.48 8.94
C ILE A 138 7.33 -1.41 9.12
N VAL A 139 6.86 -2.01 8.06
CA VAL A 139 5.68 -2.92 8.19
C VAL A 139 6.12 -4.34 8.56
N ARG A 140 5.44 -4.96 9.48
CA ARG A 140 5.83 -6.34 9.89
C ARG A 140 4.84 -7.35 9.29
N GLU A 141 3.63 -6.93 9.00
CA GLU A 141 2.64 -7.86 8.42
C GLU A 141 2.17 -7.34 7.06
N CYS A 142 1.56 -8.17 6.27
CA CYS A 142 1.09 -7.71 4.94
C CYS A 142 -0.01 -8.64 4.42
N GLU A 143 -1.22 -8.17 4.33
CA GLU A 143 -2.33 -9.02 3.83
C GLU A 143 -3.13 -8.29 2.75
N PRO A 144 -2.98 -8.74 1.54
CA PRO A 144 -3.70 -8.12 0.41
C PRO A 144 -5.15 -8.58 0.38
N VAL A 145 -6.05 -7.64 0.35
CA VAL A 145 -7.48 -7.99 0.33
C VAL A 145 -8.06 -7.76 -1.08
N PRO A 146 -8.77 -8.75 -1.56
CA PRO A 146 -9.40 -8.67 -2.90
C PRO A 146 -10.55 -7.66 -2.87
N HIS A 147 -11.49 -7.79 -3.76
CA HIS A 147 -12.63 -6.82 -3.78
C HIS A 147 -13.88 -7.49 -3.20
N SER A 148 -13.79 -8.72 -2.80
CA SER A 148 -14.97 -9.43 -2.24
C SER A 148 -14.70 -9.84 -0.79
N GLN A 149 -13.47 -9.81 -0.37
CA GLN A 149 -13.15 -10.19 1.04
C GLN A 149 -12.85 -8.94 1.87
N ILE A 150 -12.90 -7.79 1.26
CA ILE A 150 -12.63 -6.54 2.02
C ILE A 150 -13.62 -6.42 3.16
N SER A 151 -14.85 -6.80 2.90
CA SER A 151 -15.88 -6.69 3.95
C SER A 151 -15.71 -7.79 5.01
N SER A 152 -14.69 -8.59 4.88
CA SER A 152 -14.47 -9.67 5.89
C SER A 152 -13.20 -9.36 6.65
N ILE A 153 -12.30 -8.67 6.02
CA ILE A 153 -11.02 -8.29 6.67
C ILE A 153 -11.19 -6.90 7.30
N ALA A 154 -11.91 -6.05 6.63
CA ALA A 154 -12.14 -4.68 7.18
C ALA A 154 -13.63 -4.51 7.52
N SER A 155 -13.95 -3.54 8.32
CA SER A 155 -15.40 -3.34 8.69
C SER A 155 -15.61 -2.01 9.42
N PRO A 156 -14.98 -1.90 10.56
CA PRO A 156 -15.11 -0.66 11.38
C PRO A 156 -14.39 0.54 10.74
N SER A 157 -15.11 1.35 10.01
CA SER A 157 -14.48 2.54 9.36
C SER A 157 -13.45 2.14 8.32
N GLN A 158 -12.46 1.37 8.70
CA GLN A 158 -11.41 0.96 7.72
C GLN A 158 -12.06 0.38 6.46
N CYS A 159 -13.26 -0.13 6.58
CA CYS A 159 -13.95 -0.71 5.39
C CYS A 159 -14.55 0.41 4.55
N GLU A 160 -15.21 1.35 5.17
CA GLU A 160 -15.81 2.46 4.39
C GLU A 160 -14.69 3.32 3.78
N HIS A 161 -13.68 3.63 4.55
CA HIS A 161 -12.56 4.44 4.00
C HIS A 161 -11.92 3.70 2.83
N LEU A 162 -11.75 2.41 2.95
CA LEU A 162 -11.14 1.63 1.83
C LEU A 162 -12.04 1.76 0.61
N ARG A 163 -13.32 1.60 0.79
CA ARG A 163 -14.27 1.73 -0.34
C ARG A 163 -14.18 3.13 -0.93
N LEU A 164 -14.08 4.12 -0.08
CA LEU A 164 -13.99 5.52 -0.58
C LEU A 164 -12.68 5.69 -1.36
N PHE A 165 -11.63 5.07 -0.90
CA PHE A 165 -10.33 5.19 -1.63
C PHE A 165 -10.56 4.78 -3.09
N TYR A 166 -11.42 3.83 -3.31
CA TYR A 166 -11.70 3.39 -4.71
C TYR A 166 -12.48 4.48 -5.44
N GLN A 167 -13.30 5.21 -4.73
CA GLN A 167 -14.09 6.30 -5.36
C GLN A 167 -13.14 7.29 -6.04
N ARG A 168 -12.15 7.76 -5.34
CA ARG A 168 -11.20 8.73 -5.94
C ARG A 168 -10.39 8.04 -7.03
N ALA A 169 -9.75 6.94 -6.71
CA ALA A 169 -8.94 6.24 -7.75
C ALA A 169 -9.79 5.98 -8.99
N PHE A 170 -11.08 5.87 -8.82
CA PHE A 170 -11.96 5.63 -10.00
C PHE A 170 -11.79 6.76 -11.02
N LYS A 171 -11.62 7.97 -10.55
CA LYS A 171 -11.44 9.12 -11.48
C LYS A 171 -9.98 9.56 -11.47
N ARG A 172 -9.26 9.25 -10.43
CA ARG A 172 -7.83 9.65 -10.36
C ARG A 172 -6.98 8.72 -11.22
N ILE A 173 -7.36 7.48 -11.34
CA ILE A 173 -6.57 6.54 -12.17
C ILE A 173 -6.76 6.84 -13.66
N GLY A 174 -7.98 6.88 -14.11
CA GLY A 174 -8.24 7.19 -15.55
C GLY A 174 -9.14 6.12 -16.17
N GLU A 175 -10.37 6.44 -16.43
CA GLU A 175 -11.29 5.43 -17.03
C GLU A 175 -10.67 4.89 -18.34
N SER A 176 -9.93 5.71 -19.04
CA SER A 176 -9.30 5.24 -20.29
C SER A 176 -8.29 4.14 -19.98
N ALA A 177 -7.55 4.30 -18.92
CA ALA A 177 -6.55 3.26 -18.55
C ALA A 177 -7.25 1.92 -18.33
N ILE A 178 -8.46 1.95 -17.85
CA ILE A 178 -9.20 0.67 -17.62
C ILE A 178 -9.23 -0.16 -18.90
N SER A 179 -9.15 0.48 -20.03
CA SER A 179 -9.15 -0.27 -21.32
C SER A 179 -7.76 -0.85 -21.58
N ARG A 180 -6.75 -0.25 -21.02
CA ARG A 180 -5.37 -0.74 -21.21
C ARG A 180 -5.18 -2.08 -20.51
N TYR A 181 -5.87 -2.28 -19.42
CA TYR A 181 -5.76 -3.57 -18.68
C TYR A 181 -7.10 -3.91 -18.05
N PHE A 182 -8.17 -3.75 -18.78
CA PHE A 182 -9.50 -4.03 -18.23
C PHE A 182 -9.49 -5.39 -17.52
N GLU A 183 -8.84 -6.34 -18.10
CA GLU A 183 -8.77 -7.70 -17.49
C GLU A 183 -8.46 -7.60 -16.00
N GLU A 184 -7.72 -6.60 -15.61
CA GLU A 184 -7.40 -6.43 -14.17
C GLU A 184 -8.62 -5.90 -13.43
N TYR A 185 -9.49 -5.23 -14.13
CA TYR A 185 -10.71 -4.67 -13.47
C TYR A 185 -11.82 -5.72 -13.37
N ARG A 186 -11.89 -6.64 -14.29
CA ARG A 186 -12.95 -7.67 -14.25
C ARG A 186 -12.78 -8.58 -13.03
N ARG A 187 -11.70 -8.43 -12.32
CA ARG A 187 -11.47 -9.29 -11.13
C ARG A 187 -12.73 -9.35 -10.25
N PHE A 188 -13.53 -10.36 -10.41
CA PHE A 188 -14.77 -10.48 -9.60
C PHE A 188 -15.61 -9.19 -9.72
N PHE A 189 -15.82 -8.72 -10.92
CA PHE A 189 -16.61 -7.46 -11.09
C PHE A 189 -16.74 -7.12 -12.58
N PRO A 190 -17.95 -6.94 -13.02
CA PRO A 190 -18.20 -6.60 -14.45
C PRO A 190 -17.76 -5.16 -14.74
N ILE A 191 -17.11 -4.94 -15.85
CA ILE A 191 -16.66 -3.57 -16.19
C ILE A 191 -17.74 -2.84 -17.00
N LYS A 5 2.11 2.11 28.35
CA LYS A 5 2.40 0.70 28.74
C LYS A 5 3.02 -0.05 27.56
N MET A 6 2.23 -0.44 26.61
CA MET A 6 2.77 -1.19 25.43
C MET A 6 1.95 -0.86 24.18
N ALA A 7 0.78 -1.42 24.07
CA ALA A 7 -0.07 -1.15 22.87
C ALA A 7 -1.43 -1.84 23.03
N ARG A 8 -2.35 -1.23 23.73
CA ARG A 8 -3.69 -1.86 23.91
C ARG A 8 -4.71 -1.16 23.00
N LYS A 9 -4.26 -0.30 22.13
CA LYS A 9 -5.21 0.40 21.22
C LYS A 9 -5.16 -0.21 19.82
N ASP A 10 -6.05 0.18 18.96
CA ASP A 10 -6.05 -0.38 17.57
C ASP A 10 -6.89 0.50 16.65
N PRO A 11 -6.58 1.77 16.66
CA PRO A 11 -7.32 2.74 15.80
C PRO A 11 -6.89 2.58 14.34
N THR A 12 -7.13 3.59 13.54
CA THR A 12 -6.73 3.51 12.11
C THR A 12 -6.59 4.91 11.52
N ILE A 13 -5.74 5.08 10.54
CA ILE A 13 -5.57 6.43 9.94
C ILE A 13 -5.26 6.31 8.45
N GLU A 14 -4.66 7.32 7.85
CA GLU A 14 -4.35 7.22 6.40
C GLU A 14 -3.75 8.53 5.87
N PHE A 15 -2.46 8.72 6.05
CA PHE A 15 -1.80 9.96 5.55
C PHE A 15 -2.43 11.19 6.20
N CYS A 16 -3.62 11.55 5.79
CA CYS A 16 -4.28 12.73 6.39
C CYS A 16 -4.78 12.40 7.80
N GLN A 17 -4.77 11.15 8.15
CA GLN A 17 -5.26 10.75 9.50
C GLN A 17 -4.09 10.38 10.43
N LEU A 18 -2.87 10.63 10.04
CA LEU A 18 -1.72 10.30 10.90
C LEU A 18 -1.83 10.99 12.26
N GLY A 19 -1.11 12.05 12.45
CA GLY A 19 -1.13 12.77 13.76
C GLY A 19 0.27 12.75 14.36
N LEU A 20 1.19 12.14 13.68
CA LEU A 20 2.60 12.06 14.19
C LEU A 20 3.09 13.43 14.66
N ASP A 21 4.33 13.48 15.03
CA ASP A 21 4.94 14.76 15.50
C ASP A 21 6.46 14.65 15.36
N THR A 22 7.21 15.05 16.35
CA THR A 22 8.68 14.92 16.25
C THR A 22 9.16 13.83 17.19
N PHE A 23 8.60 13.82 18.35
CA PHE A 23 8.93 12.78 19.34
C PHE A 23 7.85 11.71 19.34
N GLU A 24 6.84 11.92 18.57
CA GLU A 24 5.70 10.97 18.50
C GLU A 24 6.10 9.52 18.36
N THR A 25 5.11 8.76 17.93
CA THR A 25 5.27 7.28 17.70
C THR A 25 3.92 6.58 17.95
N LYS A 26 3.55 5.64 17.12
CA LYS A 26 2.24 4.95 17.37
C LYS A 26 2.04 3.75 16.46
N TYR A 27 0.89 3.18 16.59
CA TYR A 27 0.51 1.99 15.78
C TYR A 27 -0.80 2.30 15.06
N ILE A 28 -0.92 1.95 13.81
CA ILE A 28 -2.18 2.25 13.09
C ILE A 28 -2.36 1.32 11.89
N THR A 29 -3.57 1.23 11.39
CA THR A 29 -3.85 0.35 10.23
C THR A 29 -3.93 1.21 8.96
N MET A 30 -3.40 0.72 7.87
CA MET A 30 -3.47 1.51 6.62
C MET A 30 -3.82 0.61 5.43
N PHE A 31 -4.69 1.07 4.57
CA PHE A 31 -5.06 0.24 3.39
C PHE A 31 -4.28 0.73 2.17
N GLY A 32 -4.34 0.04 1.07
CA GLY A 32 -3.57 0.51 -0.12
C GLY A 32 -3.52 -0.60 -1.18
N MET A 33 -3.15 -0.24 -2.38
CA MET A 33 -3.06 -1.24 -3.47
C MET A 33 -1.59 -1.52 -3.80
N LEU A 34 -0.71 -0.92 -3.05
CA LEU A 34 0.76 -1.11 -3.28
C LEU A 34 1.21 -0.30 -4.49
N VAL A 35 2.34 0.34 -4.38
CA VAL A 35 2.84 1.15 -5.52
C VAL A 35 4.19 0.59 -6.01
N SER A 36 4.90 -0.10 -5.16
CA SER A 36 6.22 -0.66 -5.58
C SER A 36 6.68 -1.74 -4.59
N CYS A 37 7.88 -2.26 -4.80
CA CYS A 37 8.39 -3.31 -3.87
C CYS A 37 9.91 -3.44 -4.02
N SER A 38 10.59 -3.76 -2.95
CA SER A 38 12.08 -3.91 -3.02
C SER A 38 12.51 -5.20 -2.34
N PHE A 39 13.50 -5.86 -2.87
CA PHE A 39 13.98 -7.14 -2.26
C PHE A 39 15.36 -6.96 -1.63
N ASP A 40 15.77 -5.74 -1.43
CA ASP A 40 17.11 -5.50 -0.82
C ASP A 40 17.31 -6.38 0.41
N LYS A 41 16.65 -6.06 1.49
CA LYS A 41 16.79 -6.87 2.74
C LYS A 41 16.82 -8.37 2.42
N PRO A 42 17.74 -9.06 3.05
CA PRO A 42 17.88 -10.52 2.85
C PRO A 42 16.75 -11.27 3.57
N ALA A 43 16.36 -10.81 4.74
CA ALA A 43 15.27 -11.49 5.49
C ALA A 43 14.12 -10.50 5.70
N PHE A 44 14.00 -9.56 4.82
CA PHE A 44 12.92 -8.54 4.94
C PHE A 44 12.60 -7.99 3.55
N ILE A 45 11.42 -7.51 3.35
CA ILE A 45 11.07 -6.93 2.02
C ILE A 45 10.45 -5.56 2.25
N SER A 46 10.62 -4.65 1.34
CA SER A 46 10.04 -3.31 1.56
C SER A 46 9.31 -2.80 0.31
N PHE A 47 8.09 -2.40 0.49
CA PHE A 47 7.31 -1.87 -0.67
C PHE A 47 6.58 -0.61 -0.22
N VAL A 48 5.84 0.01 -1.10
CA VAL A 48 5.10 1.23 -0.69
C VAL A 48 3.64 1.13 -1.10
N PHE A 49 2.77 1.49 -0.21
CA PHE A 49 1.31 1.43 -0.50
C PHE A 49 0.79 2.81 -0.83
N SER A 50 -0.48 2.92 -1.10
CA SER A 50 -1.04 4.27 -1.44
C SER A 50 -2.57 4.25 -1.32
N ASP A 51 -3.18 5.41 -1.27
CA ASP A 51 -4.67 5.45 -1.16
C ASP A 51 -5.17 6.90 -1.23
N PHE A 52 -4.59 7.70 -2.09
CA PHE A 52 -5.03 9.12 -2.21
C PHE A 52 -4.80 9.86 -0.88
N THR A 53 -5.85 10.34 -0.25
CA THR A 53 -5.68 11.08 1.04
C THR A 53 -4.50 12.06 0.93
N LYS A 54 -4.09 12.62 2.03
CA LYS A 54 -2.96 13.59 1.98
C LYS A 54 -2.12 13.50 3.26
N ASN A 55 -0.95 12.92 3.16
CA ASN A 55 -0.08 12.80 4.36
C ASN A 55 0.48 14.18 4.73
N ASP A 56 0.87 14.38 5.97
CA ASP A 56 1.42 15.69 6.37
C ASP A 56 2.80 15.47 6.99
N ILE A 57 3.23 14.24 7.01
CA ILE A 57 4.52 13.91 7.61
C ILE A 57 5.67 14.28 6.70
N VAL A 58 6.83 14.15 7.25
CA VAL A 58 8.07 14.47 6.48
C VAL A 58 8.64 13.20 5.87
N GLN A 59 8.41 12.13 6.54
CA GLN A 59 8.90 10.79 6.07
C GLN A 59 10.24 10.92 5.36
N ASN A 60 10.53 10.01 4.45
CA ASN A 60 11.83 10.07 3.73
C ASN A 60 11.61 10.01 2.21
N TYR A 61 12.44 9.30 1.49
CA TYR A 61 12.29 9.21 0.02
C TYR A 61 11.30 8.10 -0.36
N LEU A 62 10.98 7.98 -1.61
CA LEU A 62 10.02 6.93 -2.05
C LEU A 62 10.02 6.81 -3.57
N TYR A 63 10.30 5.63 -4.09
CA TYR A 63 10.32 5.47 -5.57
C TYR A 63 9.05 6.07 -6.20
N ASP A 64 7.93 5.90 -5.57
CA ASP A 64 6.66 6.47 -6.13
C ASP A 64 6.46 6.00 -7.56
N ARG A 65 5.59 5.04 -7.76
CA ARG A 65 5.33 4.55 -9.15
C ARG A 65 3.92 4.97 -9.58
N TYR A 66 3.82 5.86 -10.53
CA TYR A 66 2.47 6.32 -11.00
C TYR A 66 1.56 5.11 -11.24
N LEU A 67 0.32 5.37 -11.55
CA LEU A 67 -0.64 4.24 -11.81
C LEU A 67 -1.15 4.30 -13.24
N ILE A 68 -2.29 3.71 -13.51
CA ILE A 68 -2.84 3.73 -14.92
C ILE A 68 -2.57 5.08 -15.58
N ASP A 69 -3.25 6.10 -15.15
CA ASP A 69 -3.03 7.45 -15.75
C ASP A 69 -1.63 7.95 -15.42
N TYR A 70 -0.92 8.47 -16.38
CA TYR A 70 0.46 8.96 -16.10
C TYR A 70 0.42 10.40 -15.60
N GLU A 71 -0.75 10.85 -15.24
CA GLU A 71 -0.91 12.23 -14.75
C GLU A 71 -1.46 12.22 -13.31
N ASN A 72 -2.55 11.54 -13.10
CA ASN A 72 -3.17 11.50 -11.74
C ASN A 72 -2.33 10.68 -10.76
N LYS A 73 -1.22 10.16 -11.19
CA LYS A 73 -0.37 9.36 -10.26
C LYS A 73 -0.27 10.06 -8.90
N LEU A 74 -0.01 9.32 -7.86
CA LEU A 74 0.09 9.94 -6.51
C LEU A 74 1.52 10.42 -6.23
N GLU A 75 1.75 10.97 -5.07
CA GLU A 75 3.12 11.46 -4.73
C GLU A 75 3.57 10.89 -3.38
N LEU A 76 4.80 11.13 -3.02
CA LEU A 76 5.29 10.63 -1.71
C LEU A 76 4.33 11.07 -0.61
N ASN A 77 3.54 12.07 -0.89
CA ASN A 77 2.57 12.56 0.13
C ASN A 77 1.28 11.76 0.07
N GLU A 78 1.27 10.66 -0.63
CA GLU A 78 0.03 9.84 -0.74
C GLU A 78 0.34 8.37 -0.39
N GLY A 79 1.53 7.92 -0.68
CA GLY A 79 1.88 6.51 -0.36
C GLY A 79 2.99 6.49 0.69
N PHE A 80 3.33 5.34 1.20
CA PHE A 80 4.42 5.28 2.22
C PHE A 80 5.23 4.00 2.07
N LYS A 81 6.36 3.93 2.70
CA LYS A 81 7.20 2.70 2.59
C LYS A 81 6.92 1.75 3.76
N ALA A 82 6.65 0.51 3.46
CA ALA A 82 6.36 -0.48 4.55
C ALA A 82 7.42 -1.59 4.54
N ILE A 83 7.81 -2.07 5.68
CA ILE A 83 8.85 -3.14 5.72
C ILE A 83 8.56 -4.15 6.86
N MET A 84 9.00 -5.37 6.70
CA MET A 84 8.77 -6.39 7.79
C MET A 84 9.54 -7.67 7.47
N TYR A 85 9.73 -8.51 8.46
CA TYR A 85 10.48 -9.77 8.23
C TYR A 85 9.99 -10.48 6.97
N LYS A 86 10.89 -10.84 6.09
CA LYS A 86 10.45 -11.55 4.85
C LYS A 86 9.47 -12.66 5.20
N ASN A 87 9.53 -13.16 6.39
CA ASN A 87 8.57 -14.24 6.78
C ASN A 87 7.15 -13.72 6.57
N GLN A 88 6.84 -12.56 7.07
CA GLN A 88 5.48 -12.01 6.86
C GLN A 88 5.21 -11.98 5.35
N PHE A 89 6.16 -11.51 4.59
CA PHE A 89 5.97 -11.48 3.11
C PHE A 89 5.70 -12.90 2.62
N GLU A 90 6.53 -13.82 3.01
CA GLU A 90 6.30 -15.23 2.57
C GLU A 90 4.87 -15.60 2.88
N THR A 91 4.50 -15.44 4.10
CA THR A 91 3.10 -15.76 4.49
C THR A 91 2.13 -14.85 3.76
N PHE A 92 2.39 -13.57 3.73
CA PHE A 92 1.49 -12.62 3.04
C PHE A 92 1.38 -12.94 1.54
N ASP A 93 2.46 -13.33 0.92
CA ASP A 93 2.41 -13.64 -0.53
C ASP A 93 1.79 -15.01 -0.78
N SER A 94 2.11 -15.99 0.02
CA SER A 94 1.52 -17.34 -0.22
C SER A 94 0.01 -17.24 -0.35
N LYS A 95 -0.67 -16.65 0.59
CA LYS A 95 -2.14 -16.53 0.44
C LYS A 95 -2.43 -15.70 -0.80
N LEU A 96 -1.58 -14.74 -1.05
CA LEU A 96 -1.77 -13.86 -2.23
C LEU A 96 -1.61 -14.64 -3.54
N ARG A 97 -0.62 -15.50 -3.67
CA ARG A 97 -0.50 -16.23 -4.96
C ARG A 97 -1.83 -16.90 -5.29
N LYS A 98 -2.59 -17.26 -4.29
CA LYS A 98 -3.91 -17.91 -4.54
C LYS A 98 -4.93 -16.87 -5.00
N ILE A 99 -4.73 -15.66 -4.63
CA ILE A 99 -5.65 -14.58 -5.06
C ILE A 99 -5.38 -14.28 -6.53
N PHE A 100 -4.18 -14.56 -6.95
CA PHE A 100 -3.81 -14.32 -8.36
C PHE A 100 -3.14 -15.56 -8.95
N ASN A 101 -1.88 -15.76 -8.64
CA ASN A 101 -1.15 -16.93 -9.18
C ASN A 101 0.28 -16.94 -8.67
N ASN A 102 0.82 -15.78 -8.46
CA ASN A 102 2.22 -15.67 -7.98
C ASN A 102 2.28 -14.82 -6.71
N GLY A 103 3.45 -14.71 -6.14
CA GLY A 103 3.60 -13.88 -4.92
C GLY A 103 3.71 -12.42 -5.33
N LEU A 104 3.15 -11.53 -4.56
CA LEU A 104 3.21 -10.08 -4.91
C LEU A 104 4.61 -9.70 -5.38
N ARG A 105 5.59 -10.45 -4.95
CA ARG A 105 6.99 -10.17 -5.34
C ARG A 105 7.27 -10.65 -6.76
N ASP A 106 6.61 -11.70 -7.13
CA ASP A 106 6.82 -12.28 -8.49
C ASP A 106 6.24 -11.35 -9.54
N LEU A 107 5.37 -10.48 -9.13
CA LEU A 107 4.74 -9.53 -10.06
C LEU A 107 5.77 -8.53 -10.61
N GLN A 108 6.76 -8.19 -9.84
CA GLN A 108 7.78 -7.23 -10.33
C GLN A 108 8.42 -7.75 -11.61
N ASN A 109 8.93 -8.93 -11.54
CA ASN A 109 9.59 -9.56 -12.72
C ASN A 109 10.75 -8.69 -13.23
N GLY A 110 11.18 -7.73 -12.45
CA GLY A 110 12.31 -6.86 -12.88
C GLY A 110 11.75 -5.63 -13.60
N ARG A 111 11.40 -5.78 -14.84
CA ARG A 111 10.86 -4.62 -15.62
C ARG A 111 9.34 -4.74 -15.76
N ASP A 112 8.91 -5.32 -16.85
CA ASP A 112 7.44 -5.48 -17.07
C ASP A 112 6.71 -4.17 -16.78
N GLU A 113 6.26 -4.00 -15.56
CA GLU A 113 5.55 -2.74 -15.21
C GLU A 113 5.51 -2.57 -13.68
N ASN A 114 5.19 -1.39 -13.22
CA ASN A 114 5.14 -1.18 -11.74
C ASN A 114 3.99 -1.98 -11.13
N LEU A 115 3.64 -1.70 -9.91
CA LEU A 115 2.53 -2.44 -9.25
C LEU A 115 1.50 -1.44 -8.70
N SER A 116 0.54 -1.05 -9.50
CA SER A 116 -0.48 -0.08 -9.02
C SER A 116 -1.59 0.10 -10.05
N GLN A 117 -1.86 -0.91 -10.83
CA GLN A 117 -2.93 -0.79 -11.86
C GLN A 117 -4.18 -1.55 -11.40
N TYR A 118 -4.08 -2.83 -11.23
CA TYR A 118 -5.26 -3.62 -10.79
C TYR A 118 -5.86 -3.02 -9.51
N GLY A 119 -5.04 -2.79 -8.51
CA GLY A 119 -5.58 -2.20 -7.25
C GLY A 119 -5.55 -3.25 -6.13
N ILE A 120 -4.40 -3.80 -5.86
CA ILE A 120 -4.31 -4.83 -4.78
C ILE A 120 -4.61 -4.20 -3.42
N VAL A 121 -5.81 -3.73 -3.22
CA VAL A 121 -6.15 -3.11 -1.91
C VAL A 121 -5.81 -4.08 -0.77
N CYS A 122 -5.22 -3.59 0.28
CA CYS A 122 -4.85 -4.51 1.40
C CYS A 122 -4.69 -3.72 2.70
N LYS A 123 -5.09 -4.27 3.81
CA LYS A 123 -4.95 -3.55 5.11
C LYS A 123 -3.71 -4.05 5.84
N MET A 124 -3.16 -3.24 6.70
CA MET A 124 -1.95 -3.67 7.46
C MET A 124 -1.80 -2.87 8.73
N ASN A 125 -1.30 -3.50 9.75
CA ASN A 125 -1.09 -2.77 11.03
C ASN A 125 0.31 -2.18 10.98
N ILE A 126 0.46 -0.91 11.24
CA ILE A 126 1.82 -0.33 11.14
C ILE A 126 2.34 0.25 12.45
N LYS A 127 3.55 -0.09 12.79
CA LYS A 127 4.18 0.50 14.00
C LYS A 127 5.02 1.68 13.51
N VAL A 128 4.52 2.86 13.65
CA VAL A 128 5.25 4.04 13.10
C VAL A 128 6.03 4.78 14.18
N LYS A 129 7.18 5.28 13.82
CA LYS A 129 8.02 6.06 14.77
C LYS A 129 9.10 6.80 14.01
N MET A 130 9.64 7.82 14.59
CA MET A 130 10.71 8.59 13.90
C MET A 130 12.02 7.79 13.94
N TYR A 131 12.79 7.88 12.90
CA TYR A 131 14.09 7.14 12.86
C TYR A 131 15.25 8.12 12.82
N ASN A 132 15.27 9.01 11.87
CA ASN A 132 16.39 9.99 11.79
C ASN A 132 15.83 11.40 11.68
N GLY A 133 14.54 11.55 11.78
CA GLY A 133 13.93 12.92 11.70
C GLY A 133 12.59 12.86 10.97
N LYS A 134 12.21 11.73 10.46
CA LYS A 134 10.92 11.63 9.74
C LYS A 134 10.07 10.54 10.37
N LEU A 135 9.10 10.04 9.67
CA LEU A 135 8.24 8.96 10.25
C LEU A 135 8.47 7.63 9.53
N ASN A 136 8.89 6.63 10.24
CA ASN A 136 9.13 5.30 9.60
C ASN A 136 7.86 4.46 9.67
N ALA A 137 7.24 4.20 8.56
CA ALA A 137 5.98 3.39 8.57
C ALA A 137 6.31 1.90 8.47
N ILE A 138 6.26 1.20 9.57
CA ILE A 138 6.56 -0.26 9.51
C ILE A 138 5.26 -1.05 9.66
N VAL A 139 5.00 -1.98 8.77
CA VAL A 139 3.74 -2.76 8.87
C VAL A 139 4.01 -4.21 9.27
N ARG A 140 3.32 -4.70 10.26
CA ARG A 140 3.52 -6.10 10.70
C ARG A 140 2.46 -7.01 10.07
N GLU A 141 1.34 -6.46 9.69
CA GLU A 141 0.26 -7.28 9.08
C GLU A 141 -0.08 -6.75 7.69
N CYS A 142 -0.59 -7.58 6.84
CA CYS A 142 -0.94 -7.11 5.46
C CYS A 142 -1.89 -8.12 4.80
N GLU A 143 -3.16 -7.86 4.84
CA GLU A 143 -4.13 -8.79 4.22
C GLU A 143 -4.81 -8.11 3.03
N PRO A 144 -4.44 -8.52 1.85
CA PRO A 144 -5.02 -7.93 0.63
C PRO A 144 -6.41 -8.50 0.37
N VAL A 145 -7.34 -7.65 0.07
CA VAL A 145 -8.72 -8.10 -0.20
C VAL A 145 -9.10 -7.78 -1.66
N PRO A 146 -9.69 -8.73 -2.31
CA PRO A 146 -10.10 -8.55 -3.72
C PRO A 146 -11.26 -7.55 -3.81
N HIS A 147 -12.47 -8.03 -3.84
CA HIS A 147 -13.64 -7.11 -3.93
C HIS A 147 -14.92 -7.84 -3.54
N SER A 148 -14.80 -8.90 -2.78
CA SER A 148 -16.00 -9.67 -2.36
C SER A 148 -15.87 -10.04 -0.88
N GLN A 149 -14.70 -10.49 -0.50
CA GLN A 149 -14.49 -10.87 0.93
C GLN A 149 -13.95 -9.67 1.72
N ILE A 150 -13.90 -8.52 1.10
CA ILE A 150 -13.38 -7.32 1.80
C ILE A 150 -14.28 -7.00 2.99
N SER A 151 -15.56 -7.14 2.81
CA SER A 151 -16.48 -6.81 3.92
C SER A 151 -16.58 -8.00 4.89
N SER A 152 -15.80 -9.01 4.69
CA SER A 152 -15.83 -10.18 5.61
C SER A 152 -14.50 -10.27 6.34
N ILE A 153 -13.50 -9.61 5.81
CA ILE A 153 -12.17 -9.61 6.44
C ILE A 153 -11.95 -8.29 7.15
N ALA A 154 -12.30 -7.21 6.51
CA ALA A 154 -12.14 -5.87 7.14
C ALA A 154 -13.18 -5.68 8.25
N SER A 155 -12.75 -5.66 9.48
CA SER A 155 -13.71 -5.47 10.60
C SER A 155 -14.60 -4.24 10.34
N PRO A 156 -15.41 -3.90 11.32
CA PRO A 156 -16.30 -2.72 11.16
C PRO A 156 -15.47 -1.44 11.18
N SER A 157 -16.06 -0.33 10.82
CA SER A 157 -15.29 0.94 10.81
C SER A 157 -14.24 0.90 9.69
N GLN A 158 -13.36 -0.07 9.73
CA GLN A 158 -12.32 -0.18 8.67
C GLN A 158 -13.01 -0.41 7.32
N CYS A 159 -14.00 -1.26 7.28
CA CYS A 159 -14.71 -1.51 6.00
C CYS A 159 -15.17 -0.18 5.39
N GLU A 160 -15.79 0.66 6.18
CA GLU A 160 -16.22 1.97 5.66
C GLU A 160 -15.01 2.69 5.05
N HIS A 161 -13.91 2.67 5.75
CA HIS A 161 -12.68 3.32 5.21
C HIS A 161 -12.33 2.69 3.86
N LEU A 162 -12.40 1.39 3.79
CA LEU A 162 -12.08 0.70 2.51
C LEU A 162 -13.16 1.03 1.47
N ARG A 163 -14.39 1.03 1.87
CA ARG A 163 -15.49 1.36 0.93
C ARG A 163 -15.36 2.82 0.48
N LEU A 164 -15.25 3.73 1.40
CA LEU A 164 -15.11 5.15 1.04
C LEU A 164 -13.93 5.35 0.10
N PHE A 165 -12.84 4.69 0.35
CA PHE A 165 -11.66 4.83 -0.54
C PHE A 165 -12.09 4.55 -1.98
N TYR A 166 -12.88 3.53 -2.19
CA TYR A 166 -13.34 3.22 -3.57
C TYR A 166 -14.08 4.42 -4.16
N GLN A 167 -14.80 5.14 -3.34
CA GLN A 167 -15.54 6.33 -3.84
C GLN A 167 -14.56 7.35 -4.43
N ARG A 168 -13.41 7.47 -3.84
CA ARG A 168 -12.40 8.45 -4.36
C ARG A 168 -11.81 7.95 -5.67
N ALA A 169 -11.32 6.73 -5.68
CA ALA A 169 -10.73 6.18 -6.94
C ALA A 169 -11.79 6.12 -8.04
N PHE A 170 -12.99 5.77 -7.70
CA PHE A 170 -14.07 5.71 -8.73
C PHE A 170 -14.21 7.06 -9.43
N LYS A 171 -13.95 8.13 -8.73
CA LYS A 171 -14.07 9.48 -9.35
C LYS A 171 -12.67 10.01 -9.70
N ARG A 172 -11.67 9.61 -8.96
CA ARG A 172 -10.29 10.09 -9.25
C ARG A 172 -9.69 9.29 -10.40
N ILE A 173 -9.84 8.00 -10.38
CA ILE A 173 -9.28 7.16 -11.49
C ILE A 173 -10.00 7.49 -12.80
N GLY A 174 -11.30 7.60 -12.76
CA GLY A 174 -12.05 7.92 -14.01
C GLY A 174 -12.31 6.63 -14.80
N GLU A 175 -13.48 6.50 -15.38
CA GLU A 175 -13.78 5.28 -16.17
C GLU A 175 -12.69 5.04 -17.21
N SER A 176 -12.15 6.10 -17.77
CA SER A 176 -11.08 5.93 -18.79
C SER A 176 -10.07 4.89 -18.32
N ALA A 177 -9.59 5.03 -17.10
CA ALA A 177 -8.61 4.04 -16.57
C ALA A 177 -9.27 2.67 -16.46
N ILE A 178 -10.39 2.60 -15.80
CA ILE A 178 -11.08 1.28 -15.67
C ILE A 178 -11.28 0.66 -17.06
N SER A 179 -11.37 1.47 -18.07
CA SER A 179 -11.54 0.93 -19.45
C SER A 179 -10.25 0.23 -19.88
N ARG A 180 -9.13 0.81 -19.57
CA ARG A 180 -7.83 0.21 -19.93
C ARG A 180 -7.76 -1.22 -19.40
N TYR A 181 -8.41 -1.45 -18.29
CA TYR A 181 -8.43 -2.83 -17.70
C TYR A 181 -9.81 -3.06 -17.11
N PHE A 182 -10.83 -2.92 -17.91
CA PHE A 182 -12.20 -3.11 -17.37
C PHE A 182 -12.27 -4.35 -16.50
N GLU A 183 -11.88 -5.48 -17.03
CA GLU A 183 -11.93 -6.75 -16.22
C GLU A 183 -10.72 -6.79 -15.28
N GLU A 184 -9.55 -6.66 -15.82
CA GLU A 184 -8.32 -6.70 -14.98
C GLU A 184 -8.47 -5.77 -13.76
N TYR A 185 -9.30 -4.77 -13.86
CA TYR A 185 -9.47 -3.84 -12.70
C TYR A 185 -10.50 -4.42 -11.71
N ARG A 186 -11.64 -4.83 -12.18
CA ARG A 186 -12.67 -5.40 -11.27
C ARG A 186 -12.18 -6.73 -10.69
N ARG A 187 -11.08 -7.21 -11.17
CA ARG A 187 -10.53 -8.50 -10.65
C ARG A 187 -11.56 -9.63 -10.77
N PHE A 188 -12.50 -9.69 -9.86
CA PHE A 188 -13.54 -10.76 -9.93
C PHE A 188 -14.93 -10.15 -10.07
N PHE A 189 -15.50 -9.70 -8.98
CA PHE A 189 -16.87 -9.11 -9.05
C PHE A 189 -16.92 -8.01 -10.10
N PRO A 190 -18.12 -7.67 -10.50
CA PRO A 190 -18.32 -6.62 -11.52
C PRO A 190 -18.04 -5.23 -10.93
N ILE A 191 -18.20 -4.21 -11.73
CA ILE A 191 -17.95 -2.83 -11.23
C ILE A 191 -19.24 -2.21 -10.70
N LYS A 5 14.03 -1.47 22.26
CA LYS A 5 12.58 -1.36 22.62
C LYS A 5 11.74 -2.14 21.60
N MET A 6 10.84 -2.97 22.07
CA MET A 6 9.98 -3.75 21.13
C MET A 6 8.56 -3.85 21.67
N ALA A 7 7.79 -2.80 21.55
CA ALA A 7 6.39 -2.84 22.07
C ALA A 7 5.49 -1.94 21.21
N ARG A 8 4.81 -1.00 21.81
CA ARG A 8 3.91 -0.09 21.03
C ARG A 8 2.81 -0.91 20.35
N LYS A 9 1.62 -0.39 20.32
CA LYS A 9 0.49 -1.13 19.68
C LYS A 9 0.70 -1.20 18.16
N ASP A 10 -0.31 -1.59 17.44
CA ASP A 10 -0.17 -1.67 15.95
C ASP A 10 -1.38 -1.01 15.28
N PRO A 11 -1.51 0.27 15.50
CA PRO A 11 -2.62 1.05 14.93
C PRO A 11 -2.42 1.31 13.44
N THR A 12 -3.25 2.13 12.86
CA THR A 12 -3.12 2.45 11.41
C THR A 12 -3.31 3.96 11.19
N ILE A 13 -2.61 4.52 10.25
CA ILE A 13 -2.76 5.98 10.00
C ILE A 13 -2.37 6.29 8.55
N GLU A 14 -3.03 7.23 7.92
CA GLU A 14 -2.67 7.57 6.52
C GLU A 14 -1.42 8.42 6.54
N PHE A 15 -0.79 8.61 5.42
CA PHE A 15 0.45 9.45 5.40
C PHE A 15 0.19 10.74 6.19
N CYS A 16 -1.05 11.13 6.32
CA CYS A 16 -1.37 12.37 7.07
C CYS A 16 -1.73 12.05 8.53
N GLN A 17 -2.34 10.91 8.79
CA GLN A 17 -2.71 10.59 10.20
C GLN A 17 -1.50 10.76 11.11
N LEU A 18 -0.51 9.93 10.93
CA LEU A 18 0.71 10.01 11.76
C LEU A 18 1.33 11.41 11.67
N GLY A 19 2.61 11.52 11.88
CA GLY A 19 3.26 12.86 11.81
C GLY A 19 4.05 13.10 13.08
N LEU A 20 4.71 12.08 13.54
CA LEU A 20 5.51 12.18 14.77
C LEU A 20 6.53 13.33 14.70
N ASP A 21 7.58 13.23 15.47
CA ASP A 21 8.62 14.31 15.46
C ASP A 21 10.02 13.71 15.32
N THR A 22 11.01 14.31 15.93
CA THR A 22 12.39 13.76 15.80
C THR A 22 12.76 12.90 17.01
N PHE A 23 12.05 13.05 18.07
CA PHE A 23 12.32 12.23 19.27
C PHE A 23 11.41 11.02 19.28
N GLU A 24 10.39 11.07 18.48
CA GLU A 24 9.40 9.98 18.41
C GLU A 24 9.95 8.64 17.98
N THR A 25 9.03 7.83 17.51
CA THR A 25 9.34 6.44 17.03
C THR A 25 8.10 5.56 17.24
N LYS A 26 7.38 5.24 16.20
CA LYS A 26 6.16 4.39 16.40
C LYS A 26 5.99 3.34 15.32
N TYR A 27 4.90 2.65 15.44
CA TYR A 27 4.55 1.58 14.47
C TYR A 27 3.18 1.90 13.86
N ILE A 28 2.98 1.63 12.61
CA ILE A 28 1.66 1.95 12.01
C ILE A 28 1.40 1.08 10.77
N THR A 29 0.25 1.21 10.18
CA THR A 29 -0.07 0.42 8.97
C THR A 29 -0.44 1.35 7.81
N MET A 30 0.11 1.11 6.65
CA MET A 30 -0.19 2.00 5.49
C MET A 30 -0.59 1.16 4.27
N PHE A 31 -1.29 1.74 3.35
CA PHE A 31 -1.69 0.99 2.13
C PHE A 31 -0.89 1.49 0.93
N GLY A 32 -1.11 0.94 -0.23
CA GLY A 32 -0.35 1.40 -1.43
C GLY A 32 -0.41 0.35 -2.53
N MET A 33 -0.10 0.73 -3.74
CA MET A 33 -0.12 -0.24 -4.88
C MET A 33 1.29 -0.50 -5.38
N LEU A 34 2.26 0.08 -4.73
CA LEU A 34 3.67 -0.09 -5.14
C LEU A 34 3.97 0.70 -6.42
N VAL A 35 4.96 1.56 -6.37
CA VAL A 35 5.32 2.37 -7.57
C VAL A 35 6.73 2.02 -8.01
N SER A 36 7.57 1.60 -7.10
CA SER A 36 8.97 1.24 -7.49
C SER A 36 9.59 0.30 -6.46
N CYS A 37 10.36 -0.66 -6.93
CA CYS A 37 11.00 -1.61 -5.98
C CYS A 37 12.40 -2.00 -6.47
N SER A 38 13.30 -2.24 -5.57
CA SER A 38 14.68 -2.62 -6.00
C SER A 38 15.02 -4.03 -5.49
N PHE A 39 15.33 -4.93 -6.38
CA PHE A 39 15.66 -6.32 -5.96
C PHE A 39 17.15 -6.42 -5.60
N ASP A 40 17.93 -5.42 -5.95
CA ASP A 40 19.38 -5.48 -5.62
C ASP A 40 19.58 -5.64 -4.10
N LYS A 41 19.98 -4.60 -3.42
CA LYS A 41 20.18 -4.69 -1.95
C LYS A 41 21.09 -5.86 -1.58
N PRO A 42 21.64 -5.75 -0.40
CA PRO A 42 22.56 -6.78 0.13
C PRO A 42 21.81 -8.04 0.55
N ALA A 43 20.63 -7.90 1.11
CA ALA A 43 19.87 -9.11 1.54
C ALA A 43 18.40 -8.81 1.78
N PHE A 44 17.86 -7.82 1.10
CA PHE A 44 16.42 -7.50 1.29
C PHE A 44 15.89 -6.63 0.14
N ILE A 45 14.61 -6.44 0.06
CA ILE A 45 14.06 -5.62 -1.06
C ILE A 45 13.53 -4.27 -0.53
N SER A 46 13.61 -3.25 -1.35
CA SER A 46 13.13 -1.91 -0.92
C SER A 46 12.28 -1.27 -2.03
N PHE A 47 11.22 -0.60 -1.68
CA PHE A 47 10.36 0.03 -2.74
C PHE A 47 9.69 1.30 -2.20
N VAL A 48 9.07 2.07 -3.06
CA VAL A 48 8.40 3.31 -2.57
C VAL A 48 7.00 3.42 -3.15
N PHE A 49 6.07 3.70 -2.30
CA PHE A 49 4.65 3.83 -2.71
C PHE A 49 3.88 4.52 -1.58
N SER A 50 2.59 4.67 -1.73
CA SER A 50 1.80 5.33 -0.65
C SER A 50 0.31 5.27 -0.98
N ASP A 51 -0.52 5.83 -0.14
CA ASP A 51 -1.98 5.83 -0.41
C ASP A 51 -2.45 7.23 -0.82
N PHE A 52 -3.63 7.62 -0.41
CA PHE A 52 -4.13 8.98 -0.78
C PHE A 52 -4.11 9.90 0.45
N THR A 53 -3.06 10.65 0.62
CA THR A 53 -3.00 11.57 1.80
C THR A 53 -1.82 12.54 1.65
N LYS A 54 -1.40 13.15 2.72
CA LYS A 54 -0.27 14.12 2.62
C LYS A 54 0.62 14.05 3.88
N ASN A 55 1.83 13.60 3.73
CA ASN A 55 2.77 13.51 4.90
C ASN A 55 3.29 14.91 5.23
N ASP A 56 3.71 15.14 6.45
CA ASP A 56 4.23 16.48 6.81
C ASP A 56 5.59 16.31 7.49
N ILE A 57 6.05 15.11 7.60
CA ILE A 57 7.33 14.84 8.24
C ILE A 57 8.49 15.35 7.42
N VAL A 58 9.63 15.33 8.01
CA VAL A 58 10.85 15.81 7.32
C VAL A 58 11.41 14.73 6.40
N GLN A 59 11.25 13.52 6.81
CA GLN A 59 11.73 12.33 6.02
C GLN A 59 12.88 12.72 5.07
N ASN A 60 12.88 12.20 3.88
CA ASN A 60 13.98 12.54 2.92
C ASN A 60 13.40 12.88 1.54
N TYR A 61 14.05 12.46 0.49
CA TYR A 61 13.55 12.77 -0.87
C TYR A 61 13.30 11.47 -1.67
N LEU A 62 12.42 11.51 -2.63
CA LEU A 62 12.13 10.28 -3.44
C LEU A 62 12.56 10.49 -4.88
N TYR A 63 12.71 9.43 -5.64
CA TYR A 63 13.13 9.58 -7.06
C TYR A 63 12.02 10.24 -7.87
N ASP A 64 11.05 9.47 -8.31
CA ASP A 64 9.94 10.07 -9.12
C ASP A 64 8.85 9.02 -9.35
N ARG A 65 8.83 8.40 -10.51
CA ARG A 65 7.77 7.37 -10.78
C ARG A 65 6.39 7.99 -10.55
N TYR A 66 5.36 7.34 -11.02
CA TYR A 66 3.98 7.89 -10.83
C TYR A 66 2.92 6.83 -11.12
N LEU A 67 1.67 7.19 -11.03
CA LEU A 67 0.58 6.22 -11.30
C LEU A 67 0.34 6.08 -12.81
N ILE A 68 1.16 5.30 -13.47
CA ILE A 68 0.99 5.12 -14.95
C ILE A 68 1.25 6.44 -15.69
N ASP A 69 0.49 7.45 -15.39
CA ASP A 69 0.70 8.76 -16.08
C ASP A 69 2.18 9.11 -16.15
N TYR A 70 2.66 9.52 -17.29
CA TYR A 70 4.11 9.87 -17.42
C TYR A 70 4.30 11.36 -17.17
N GLU A 71 3.32 11.98 -16.60
CA GLU A 71 3.41 13.43 -16.32
C GLU A 71 4.03 13.68 -14.94
N ASN A 72 3.29 13.44 -13.89
CA ASN A 72 3.84 13.67 -12.51
C ASN A 72 2.73 13.72 -11.45
N LYS A 73 1.56 13.25 -11.77
CA LYS A 73 0.42 13.28 -10.79
C LYS A 73 0.78 12.55 -9.48
N LEU A 74 1.66 13.10 -8.71
CA LEU A 74 2.05 12.47 -7.42
C LEU A 74 3.03 13.41 -6.70
N GLU A 75 2.76 13.75 -5.47
CA GLU A 75 3.68 14.66 -4.74
C GLU A 75 4.72 13.90 -3.96
N LEU A 76 5.71 14.61 -3.48
CA LEU A 76 6.76 13.96 -2.67
C LEU A 76 6.18 13.65 -1.28
N ASN A 77 5.06 14.23 -0.99
CA ASN A 77 4.43 13.98 0.34
C ASN A 77 3.43 12.82 0.26
N GLU A 78 3.78 11.80 -0.48
CA GLU A 78 2.87 10.62 -0.60
C GLU A 78 3.69 9.33 -0.62
N GLY A 79 4.17 8.94 -1.76
CA GLY A 79 4.99 7.69 -1.85
C GLY A 79 6.10 7.75 -0.79
N PHE A 80 6.31 6.69 -0.06
CA PHE A 80 7.39 6.72 0.97
C PHE A 80 8.31 5.52 0.78
N LYS A 81 9.44 5.53 1.43
CA LYS A 81 10.37 4.38 1.28
C LYS A 81 10.25 3.41 2.46
N ALA A 82 10.07 2.15 2.18
CA ALA A 82 9.93 1.15 3.27
C ALA A 82 10.75 -0.10 2.93
N ILE A 83 11.35 -0.70 3.92
CA ILE A 83 12.17 -1.93 3.65
C ILE A 83 11.66 -3.09 4.50
N MET A 84 11.93 -4.31 4.10
CA MET A 84 11.46 -5.47 4.91
C MET A 84 12.41 -6.66 4.72
N TYR A 85 12.28 -7.66 5.55
CA TYR A 85 13.19 -8.85 5.43
C TYR A 85 12.76 -9.74 4.26
N LYS A 86 13.69 -10.42 3.66
CA LYS A 86 13.35 -11.32 2.52
C LYS A 86 12.26 -12.31 2.92
N ASN A 87 12.47 -13.05 3.98
CA ASN A 87 11.43 -14.02 4.41
C ASN A 87 10.08 -13.32 4.52
N GLN A 88 10.04 -12.16 5.13
CA GLN A 88 8.76 -11.43 5.23
C GLN A 88 8.36 -10.95 3.83
N PHE A 89 9.33 -10.77 2.97
CA PHE A 89 9.02 -10.34 1.58
C PHE A 89 8.49 -11.54 0.80
N GLU A 90 9.06 -12.70 1.01
CA GLU A 90 8.57 -13.90 0.28
C GLU A 90 7.12 -14.14 0.67
N THR A 91 6.87 -14.12 1.95
CA THR A 91 5.48 -14.32 2.44
C THR A 91 4.53 -13.34 1.74
N PHE A 92 4.86 -12.08 1.75
CA PHE A 92 3.98 -11.09 1.07
C PHE A 92 3.85 -11.42 -0.41
N ASP A 93 4.87 -11.97 -1.01
CA ASP A 93 4.82 -12.32 -2.45
C ASP A 93 4.08 -13.65 -2.65
N SER A 94 4.30 -14.61 -1.79
CA SER A 94 3.61 -15.92 -1.96
C SER A 94 2.11 -15.69 -2.14
N LYS A 95 1.48 -15.00 -1.24
CA LYS A 95 0.02 -14.75 -1.42
C LYS A 95 -0.14 -14.00 -2.73
N LEU A 96 0.72 -13.05 -2.96
CA LEU A 96 0.65 -12.28 -4.23
C LEU A 96 0.63 -13.25 -5.41
N ARG A 97 1.49 -14.24 -5.42
CA ARG A 97 1.48 -15.19 -6.57
C ARG A 97 0.06 -15.74 -6.76
N LYS A 98 -0.60 -16.09 -5.70
CA LYS A 98 -1.99 -16.62 -5.82
C LYS A 98 -2.95 -15.50 -6.20
N ILE A 99 -2.62 -14.31 -5.82
CA ILE A 99 -3.47 -13.13 -6.17
C ILE A 99 -3.11 -12.68 -7.58
N PHE A 100 -1.95 -13.08 -8.02
CA PHE A 100 -1.50 -12.70 -9.38
C PHE A 100 -1.04 -13.94 -10.15
N ASN A 101 0.16 -14.39 -9.88
CA ASN A 101 0.69 -15.59 -10.59
C ASN A 101 2.08 -15.90 -10.09
N ASN A 102 2.80 -14.88 -9.80
CA ASN A 102 4.20 -15.04 -9.31
C ASN A 102 4.52 -14.01 -8.23
N GLY A 103 5.75 -13.60 -8.14
CA GLY A 103 6.14 -12.58 -7.13
C GLY A 103 6.31 -11.24 -7.84
N LEU A 104 6.26 -10.16 -7.12
CA LEU A 104 6.41 -8.81 -7.77
C LEU A 104 7.54 -8.85 -8.81
N ARG A 105 8.47 -9.73 -8.65
CA ARG A 105 9.60 -9.82 -9.60
C ARG A 105 9.13 -10.29 -10.97
N ASP A 106 8.32 -11.32 -11.00
CA ASP A 106 7.84 -11.86 -12.31
C ASP A 106 7.05 -10.79 -13.06
N LEU A 107 6.69 -9.75 -12.39
CA LEU A 107 5.91 -8.67 -13.05
C LEU A 107 6.84 -7.78 -13.89
N GLN A 108 8.04 -7.55 -13.43
CA GLN A 108 8.98 -6.70 -14.22
C GLN A 108 9.01 -7.22 -15.65
N ASN A 109 8.77 -8.46 -15.80
CA ASN A 109 8.78 -9.08 -17.16
C ASN A 109 10.12 -8.82 -17.87
N GLY A 110 11.10 -8.35 -17.16
CA GLY A 110 12.41 -8.07 -17.81
C GLY A 110 12.49 -6.60 -18.22
N ARG A 111 11.36 -5.97 -18.43
CA ARG A 111 11.36 -4.55 -18.82
C ARG A 111 12.31 -3.77 -17.91
N ASP A 112 12.18 -4.00 -16.65
CA ASP A 112 13.05 -3.31 -15.65
C ASP A 112 12.61 -1.85 -15.49
N GLU A 113 11.58 -1.44 -16.20
CA GLU A 113 11.11 -0.04 -16.07
C GLU A 113 10.66 0.23 -14.64
N ASN A 114 9.56 -0.34 -14.22
CA ASN A 114 9.07 -0.12 -12.83
C ASN A 114 7.70 -0.76 -12.63
N LEU A 115 7.21 -0.75 -11.42
CA LEU A 115 5.87 -1.36 -11.15
C LEU A 115 4.92 -0.32 -10.58
N SER A 116 3.91 0.06 -11.31
CA SER A 116 2.94 1.06 -10.79
C SER A 116 1.73 1.16 -11.72
N GLN A 117 1.41 0.09 -12.40
CA GLN A 117 0.24 0.13 -13.33
C GLN A 117 -0.57 -1.16 -13.20
N TYR A 118 -0.36 -1.91 -12.16
CA TYR A 118 -1.11 -3.19 -11.99
C TYR A 118 -2.19 -3.02 -10.90
N GLY A 119 -2.01 -2.05 -10.03
CA GLY A 119 -3.01 -1.83 -8.95
C GLY A 119 -2.79 -2.86 -7.83
N ILE A 120 -1.61 -2.90 -7.27
CA ILE A 120 -1.33 -3.89 -6.18
C ILE A 120 -1.60 -3.25 -4.81
N VAL A 121 -2.81 -2.81 -4.57
CA VAL A 121 -3.12 -2.20 -3.24
C VAL A 121 -2.82 -3.21 -2.14
N CYS A 122 -2.13 -2.80 -1.10
CA CYS A 122 -1.80 -3.77 -0.01
C CYS A 122 -1.59 -3.06 1.33
N LYS A 123 -1.94 -3.71 2.41
CA LYS A 123 -1.74 -3.10 3.75
C LYS A 123 -0.38 -3.53 4.30
N MET A 124 0.22 -2.73 5.14
CA MET A 124 1.54 -3.11 5.69
C MET A 124 1.84 -2.38 6.98
N ASN A 125 2.38 -3.08 7.93
CA ASN A 125 2.74 -2.44 9.22
C ASN A 125 4.11 -1.82 9.08
N ILE A 126 4.41 -0.76 9.79
CA ILE A 126 5.75 -0.14 9.63
C ILE A 126 6.31 0.37 10.95
N LYS A 127 7.57 0.14 11.17
CA LYS A 127 8.24 0.67 12.39
C LYS A 127 8.91 1.97 11.99
N VAL A 128 8.31 3.08 12.31
CA VAL A 128 8.89 4.38 11.89
C VAL A 128 9.82 4.96 12.96
N LYS A 129 10.81 5.70 12.54
CA LYS A 129 11.75 6.34 13.49
C LYS A 129 12.63 7.33 12.75
N MET A 130 13.38 8.13 13.45
CA MET A 130 14.24 9.13 12.75
C MET A 130 15.61 8.51 12.46
N TYR A 131 16.13 8.73 11.28
CA TYR A 131 17.45 8.16 10.93
C TYR A 131 18.55 9.22 11.08
N ASN A 132 18.25 10.44 10.72
CA ASN A 132 19.26 11.52 10.84
C ASN A 132 18.56 12.87 10.94
N GLY A 133 17.36 12.89 11.44
CA GLY A 133 16.61 14.17 11.57
C GLY A 133 15.48 14.21 10.52
N LYS A 134 15.23 13.10 9.89
CA LYS A 134 14.16 13.05 8.86
C LYS A 134 13.04 12.12 9.33
N LEU A 135 12.99 10.94 8.78
CA LEU A 135 11.95 9.95 9.19
C LEU A 135 12.10 8.68 8.36
N ASN A 136 12.41 7.59 8.98
CA ASN A 136 12.57 6.32 8.21
C ASN A 136 11.41 5.37 8.50
N ALA A 137 10.62 5.06 7.50
CA ALA A 137 9.47 4.15 7.71
C ALA A 137 9.87 2.71 7.37
N ILE A 138 9.95 1.85 8.34
CA ILE A 138 10.34 0.44 8.07
C ILE A 138 9.08 -0.44 8.01
N VAL A 139 8.79 -1.02 6.88
CA VAL A 139 7.57 -1.87 6.79
C VAL A 139 7.85 -3.26 7.38
N ARG A 140 7.00 -3.70 8.27
CA ARG A 140 7.20 -5.05 8.89
C ARG A 140 6.27 -6.07 8.24
N GLU A 141 5.15 -5.64 7.71
CA GLU A 141 4.21 -6.59 7.06
C GLU A 141 3.71 -6.00 5.74
N CYS A 142 3.09 -6.82 4.93
CA CYS A 142 2.57 -6.31 3.62
C CYS A 142 1.56 -7.30 3.05
N GLU A 143 0.39 -6.84 2.68
CA GLU A 143 -0.64 -7.77 2.12
C GLU A 143 -1.51 -7.05 1.10
N PRO A 144 -1.44 -7.49 -0.12
CA PRO A 144 -2.25 -6.88 -1.19
C PRO A 144 -3.67 -7.42 -1.17
N VAL A 145 -4.62 -6.52 -1.11
CA VAL A 145 -6.03 -6.94 -1.08
C VAL A 145 -6.74 -6.56 -2.39
N PRO A 146 -7.36 -7.53 -2.98
CA PRO A 146 -8.10 -7.31 -4.26
C PRO A 146 -9.38 -6.51 -4.02
N HIS A 147 -10.47 -7.17 -3.76
CA HIS A 147 -11.76 -6.44 -3.52
C HIS A 147 -12.76 -7.33 -2.79
N SER A 148 -12.93 -8.54 -3.24
CA SER A 148 -13.90 -9.46 -2.57
C SER A 148 -13.28 -10.07 -1.31
N GLN A 149 -12.00 -9.89 -1.11
CA GLN A 149 -11.34 -10.47 0.09
C GLN A 149 -10.85 -9.36 1.02
N ILE A 150 -10.74 -8.16 0.52
CA ILE A 150 -10.27 -7.03 1.38
C ILE A 150 -11.25 -6.81 2.52
N SER A 151 -12.51 -6.96 2.24
CA SER A 151 -13.54 -6.75 3.30
C SER A 151 -13.30 -7.71 4.47
N SER A 152 -12.44 -8.68 4.30
CA SER A 152 -12.16 -9.63 5.41
C SER A 152 -10.81 -9.27 6.01
N ILE A 153 -10.02 -8.57 5.26
CA ILE A 153 -8.69 -8.13 5.74
C ILE A 153 -8.83 -6.79 6.44
N ALA A 154 -9.49 -5.86 5.79
CA ALA A 154 -9.68 -4.52 6.40
C ALA A 154 -11.11 -4.39 6.95
N SER A 155 -11.28 -3.77 8.08
CA SER A 155 -12.65 -3.61 8.66
C SER A 155 -13.54 -2.86 7.67
N PRO A 156 -14.75 -2.60 8.08
CA PRO A 156 -15.71 -1.86 7.21
C PRO A 156 -15.29 -0.39 7.10
N SER A 157 -14.48 0.08 8.01
CA SER A 157 -14.03 1.50 7.95
C SER A 157 -12.68 1.59 7.23
N GLN A 158 -11.68 0.92 7.73
CA GLN A 158 -10.35 0.97 7.06
C GLN A 158 -10.53 0.66 5.58
N CYS A 159 -11.35 -0.32 5.28
CA CYS A 159 -11.60 -0.66 3.86
C CYS A 159 -12.39 0.47 3.20
N GLU A 160 -13.24 1.10 3.96
CA GLU A 160 -14.04 2.23 3.40
C GLU A 160 -13.12 3.26 2.80
N HIS A 161 -12.22 3.80 3.57
CA HIS A 161 -11.27 4.80 3.02
C HIS A 161 -10.66 4.23 1.75
N LEU A 162 -10.53 2.94 1.70
CA LEU A 162 -9.96 2.29 0.49
C LEU A 162 -10.98 2.37 -0.64
N ARG A 163 -12.24 2.47 -0.31
CA ARG A 163 -13.29 2.56 -1.36
C ARG A 163 -13.14 3.88 -2.12
N LEU A 164 -12.90 4.94 -1.41
CA LEU A 164 -12.70 6.26 -2.06
C LEU A 164 -11.37 6.25 -2.81
N PHE A 165 -10.49 5.38 -2.43
CA PHE A 165 -9.18 5.31 -3.13
C PHE A 165 -9.43 4.68 -4.51
N TYR A 166 -10.39 3.80 -4.58
CA TYR A 166 -10.72 3.13 -5.88
C TYR A 166 -11.57 4.06 -6.75
N GLN A 167 -12.35 4.91 -6.13
CA GLN A 167 -13.22 5.83 -6.91
C GLN A 167 -12.39 7.00 -7.46
N ARG A 168 -11.47 7.49 -6.69
CA ARG A 168 -10.63 8.63 -7.15
C ARG A 168 -9.60 8.16 -8.19
N ALA A 169 -9.01 7.02 -7.98
CA ALA A 169 -8.00 6.51 -8.97
C ALA A 169 -8.68 6.23 -10.31
N PHE A 170 -9.85 5.66 -10.28
CA PHE A 170 -10.55 5.36 -11.57
C PHE A 170 -10.75 6.63 -12.40
N LYS A 171 -10.65 7.78 -11.77
CA LYS A 171 -10.84 9.04 -12.54
C LYS A 171 -9.55 9.87 -12.56
N ARG A 172 -8.80 9.85 -11.49
CA ARG A 172 -7.54 10.64 -11.45
C ARG A 172 -6.39 9.87 -12.10
N ILE A 173 -6.53 8.59 -12.26
CA ILE A 173 -5.42 7.80 -12.89
C ILE A 173 -5.33 8.12 -14.39
N GLY A 174 -6.46 8.28 -15.04
CA GLY A 174 -6.43 8.60 -16.49
C GLY A 174 -7.17 7.52 -17.27
N GLU A 175 -8.36 7.81 -17.73
CA GLU A 175 -9.12 6.79 -18.49
C GLU A 175 -8.20 6.09 -19.50
N SER A 176 -7.23 6.79 -20.01
CA SER A 176 -6.30 6.17 -21.00
C SER A 176 -5.38 5.17 -20.28
N ALA A 177 -4.89 5.52 -19.13
CA ALA A 177 -3.99 4.59 -18.38
C ALA A 177 -4.64 3.21 -18.28
N ILE A 178 -5.82 3.13 -17.73
CA ILE A 178 -6.50 1.82 -17.61
C ILE A 178 -6.55 1.15 -18.98
N SER A 179 -6.58 1.92 -20.03
CA SER A 179 -6.61 1.33 -21.39
C SER A 179 -5.26 0.67 -21.68
N ARG A 180 -4.24 1.08 -20.99
CA ARG A 180 -2.89 0.51 -21.20
C ARG A 180 -2.80 -0.89 -20.59
N TYR A 181 -3.44 -1.08 -19.45
CA TYR A 181 -3.41 -2.42 -18.80
C TYR A 181 -4.77 -2.71 -18.19
N PHE A 182 -5.82 -2.33 -18.86
CA PHE A 182 -7.16 -2.56 -18.31
C PHE A 182 -7.31 -4.00 -17.83
N GLU A 183 -6.87 -4.92 -18.61
CA GLU A 183 -6.97 -6.37 -18.23
C GLU A 183 -6.22 -6.63 -16.92
N GLU A 184 -5.10 -6.00 -16.73
CA GLU A 184 -4.33 -6.23 -15.47
C GLU A 184 -5.03 -5.57 -14.28
N TYR A 185 -5.68 -4.47 -14.49
CA TYR A 185 -6.38 -3.79 -13.37
C TYR A 185 -7.63 -4.56 -12.96
N ARG A 186 -8.38 -5.06 -13.92
CA ARG A 186 -9.61 -5.81 -13.60
C ARG A 186 -9.28 -7.13 -12.90
N ARG A 187 -8.02 -7.46 -12.83
CA ARG A 187 -7.59 -8.73 -12.16
C ARG A 187 -8.60 -9.85 -12.42
N PHE A 188 -9.56 -10.01 -11.55
CA PHE A 188 -10.58 -11.08 -11.75
C PHE A 188 -11.91 -10.50 -12.21
N PHE A 189 -12.37 -9.48 -11.54
CA PHE A 189 -13.67 -8.85 -11.94
C PHE A 189 -13.54 -8.10 -13.26
N PRO A 190 -14.56 -8.19 -14.05
CA PRO A 190 -14.57 -7.51 -15.38
C PRO A 190 -14.75 -6.00 -15.19
N ILE A 191 -14.55 -5.23 -16.22
CA ILE A 191 -14.70 -3.75 -16.10
C ILE A 191 -16.10 -3.33 -16.54
N LYS A 5 -15.26 -8.61 23.25
CA LYS A 5 -13.96 -8.03 23.71
C LYS A 5 -12.82 -8.49 22.83
N MET A 6 -12.05 -7.59 22.29
CA MET A 6 -10.91 -7.98 21.40
C MET A 6 -9.83 -6.91 21.41
N ALA A 7 -9.33 -6.57 22.57
CA ALA A 7 -8.26 -5.52 22.64
C ALA A 7 -8.64 -4.29 21.82
N ARG A 8 -9.14 -3.27 22.45
CA ARG A 8 -9.53 -2.05 21.69
C ARG A 8 -8.29 -1.27 21.24
N LYS A 9 -7.13 -1.76 21.57
CA LYS A 9 -5.88 -1.06 21.16
C LYS A 9 -5.71 -1.14 19.64
N ASP A 10 -4.56 -0.79 19.14
CA ASP A 10 -4.33 -0.84 17.68
C ASP A 10 -5.44 -0.10 16.94
N PRO A 11 -5.34 1.21 16.95
CA PRO A 11 -6.35 2.06 16.28
C PRO A 11 -6.15 2.01 14.76
N THR A 12 -6.65 2.99 14.06
CA THR A 12 -6.48 2.99 12.58
C THR A 12 -6.39 4.42 12.04
N ILE A 13 -5.45 4.67 11.17
CA ILE A 13 -5.32 6.03 10.61
C ILE A 13 -4.94 5.93 9.13
N GLU A 14 -4.64 7.03 8.50
CA GLU A 14 -4.26 6.99 7.06
C GLU A 14 -3.60 8.32 6.69
N PHE A 15 -2.37 8.50 7.09
CA PHE A 15 -1.67 9.79 6.80
C PHE A 15 -2.48 10.94 7.38
N CYS A 16 -3.53 11.32 6.71
CA CYS A 16 -4.38 12.43 7.22
C CYS A 16 -4.82 12.09 8.65
N GLN A 17 -4.75 10.83 9.02
CA GLN A 17 -5.18 10.43 10.40
C GLN A 17 -3.96 10.02 11.24
N LEU A 18 -2.78 10.38 10.82
CA LEU A 18 -1.57 10.01 11.60
C LEU A 18 -1.68 10.53 13.04
N GLY A 19 -1.13 11.68 13.29
CA GLY A 19 -1.19 12.25 14.66
C GLY A 19 0.20 12.17 15.30
N LEU A 20 1.16 11.71 14.57
CA LEU A 20 2.55 11.60 15.10
C LEU A 20 3.01 12.91 15.73
N ASP A 21 4.27 12.99 16.03
CA ASP A 21 4.83 14.22 16.63
C ASP A 21 6.36 14.20 16.49
N THR A 22 7.09 14.53 17.53
CA THR A 22 8.57 14.49 17.43
C THR A 22 9.08 13.29 18.20
N PHE A 23 8.87 13.32 19.47
CA PHE A 23 9.30 12.20 20.34
C PHE A 23 8.29 11.05 20.25
N GLU A 24 7.26 11.26 19.49
CA GLU A 24 6.18 10.24 19.35
C GLU A 24 6.68 8.82 19.16
N THR A 25 5.74 8.02 18.71
CA THR A 25 5.97 6.55 18.44
C THR A 25 4.68 5.79 18.74
N LYS A 26 4.16 5.06 17.80
CA LYS A 26 2.89 4.33 18.08
C LYS A 26 2.65 3.19 17.12
N TYR A 27 1.53 2.58 17.31
CA TYR A 27 1.10 1.44 16.45
C TYR A 27 -0.26 1.76 15.84
N ILE A 28 -0.46 1.43 14.61
CA ILE A 28 -1.76 1.75 13.97
C ILE A 28 -2.01 0.84 12.76
N THR A 29 -3.14 0.96 12.14
CA THR A 29 -3.45 0.13 10.96
C THR A 29 -3.59 1.02 9.73
N MET A 30 -3.04 0.61 8.61
CA MET A 30 -3.15 1.45 7.39
C MET A 30 -3.67 0.62 6.21
N PHE A 31 -4.29 1.26 5.26
CA PHE A 31 -4.81 0.51 4.08
C PHE A 31 -4.03 0.89 2.83
N GLY A 32 -4.35 0.32 1.71
CA GLY A 32 -3.59 0.67 0.46
C GLY A 32 -3.69 -0.48 -0.55
N MET A 33 -3.33 -0.22 -1.78
CA MET A 33 -3.38 -1.27 -2.83
C MET A 33 -1.96 -1.62 -3.27
N LEU A 34 -0.99 -1.00 -2.66
CA LEU A 34 0.44 -1.25 -3.02
C LEU A 34 0.82 -0.49 -4.30
N VAL A 35 1.88 0.25 -4.24
CA VAL A 35 2.33 1.02 -5.43
C VAL A 35 3.70 0.52 -5.89
N SER A 36 4.48 -0.01 -4.97
CA SER A 36 5.83 -0.51 -5.36
C SER A 36 6.36 -1.49 -4.31
N CYS A 37 7.47 -2.10 -4.55
CA CYS A 37 8.03 -3.07 -3.56
C CYS A 37 9.51 -3.36 -3.85
N SER A 38 10.29 -3.56 -2.82
CA SER A 38 11.74 -3.85 -3.04
C SER A 38 12.03 -5.31 -2.68
N PHE A 39 12.86 -5.96 -3.44
CA PHE A 39 13.18 -7.39 -3.14
C PHE A 39 14.68 -7.56 -2.88
N ASP A 40 15.48 -6.61 -3.26
CA ASP A 40 16.94 -6.73 -3.03
C ASP A 40 17.24 -6.81 -1.53
N LYS A 41 16.25 -6.52 -0.72
CA LYS A 41 16.45 -6.57 0.76
C LYS A 41 17.18 -7.85 1.16
N PRO A 42 17.79 -7.77 2.31
CA PRO A 42 18.55 -8.92 2.87
C PRO A 42 17.61 -10.06 3.31
N ALA A 43 16.72 -9.82 4.24
CA ALA A 43 15.81 -10.91 4.70
C ALA A 43 14.38 -10.40 4.89
N PHE A 44 13.88 -9.59 4.00
CA PHE A 44 12.48 -9.09 4.15
C PHE A 44 12.12 -8.21 2.96
N ILE A 45 10.85 -7.95 2.75
CA ILE A 45 10.44 -7.10 1.59
C ILE A 45 9.98 -5.72 2.05
N SER A 46 10.14 -4.72 1.23
CA SER A 46 9.71 -3.35 1.60
C SER A 46 8.97 -2.70 0.43
N PHE A 47 7.76 -2.26 0.65
CA PHE A 47 6.98 -1.63 -0.45
C PHE A 47 6.26 -0.38 0.07
N VAL A 48 5.79 0.45 -0.82
CA VAL A 48 5.05 1.67 -0.37
C VAL A 48 3.59 1.57 -0.79
N PHE A 49 2.72 1.96 0.09
CA PHE A 49 1.26 1.89 -0.20
C PHE A 49 0.71 3.27 -0.57
N SER A 50 -0.55 3.34 -0.86
CA SER A 50 -1.15 4.66 -1.22
C SER A 50 -2.68 4.58 -1.19
N ASP A 51 -3.36 5.68 -1.46
CA ASP A 51 -4.85 5.65 -1.45
C ASP A 51 -5.40 7.03 -1.87
N PHE A 52 -5.62 7.90 -0.92
CA PHE A 52 -6.17 9.24 -1.27
C PHE A 52 -5.89 10.27 -0.15
N THR A 53 -5.78 9.82 1.07
CA THR A 53 -5.51 10.76 2.19
C THR A 53 -4.42 11.77 1.80
N LYS A 54 -4.19 12.75 2.62
CA LYS A 54 -3.13 13.75 2.29
C LYS A 54 -2.02 13.72 3.35
N ASN A 55 -0.90 13.14 3.03
CA ASN A 55 0.22 13.08 4.02
C ASN A 55 0.76 14.49 4.27
N ASP A 56 1.12 14.79 5.49
CA ASP A 56 1.66 16.14 5.77
C ASP A 56 2.77 16.03 6.80
N ILE A 57 3.15 14.83 7.14
CA ILE A 57 4.19 14.63 8.15
C ILE A 57 5.56 15.06 7.64
N VAL A 58 6.43 15.23 8.57
CA VAL A 58 7.82 15.68 8.24
C VAL A 58 8.46 14.79 7.17
N GLN A 59 8.13 13.54 7.20
CA GLN A 59 8.73 12.59 6.21
C GLN A 59 8.64 13.18 4.80
N ASN A 60 9.11 12.46 3.82
CA ASN A 60 9.04 13.01 2.42
C ASN A 60 9.38 11.93 1.38
N TYR A 61 10.61 11.84 1.01
CA TYR A 61 11.04 10.85 -0.03
C TYR A 61 10.20 9.57 0.05
N LEU A 62 10.00 8.94 -1.08
CA LEU A 62 9.20 7.68 -1.12
C LEU A 62 9.03 7.23 -2.58
N TYR A 63 9.62 6.13 -2.94
CA TYR A 63 9.48 5.63 -4.34
C TYR A 63 8.05 5.84 -4.83
N ASP A 64 7.14 5.02 -4.37
CA ASP A 64 5.71 5.14 -4.77
C ASP A 64 5.59 5.60 -6.23
N ARG A 65 5.41 4.68 -7.13
CA ARG A 65 5.28 5.06 -8.56
C ARG A 65 3.95 5.77 -8.80
N TYR A 66 3.32 5.51 -9.91
CA TYR A 66 2.01 6.18 -10.19
C TYR A 66 0.86 5.17 -10.12
N LEU A 67 -0.34 5.64 -9.93
CA LEU A 67 -1.48 4.72 -9.85
C LEU A 67 -2.16 4.66 -11.22
N ILE A 68 -1.90 3.61 -11.96
CA ILE A 68 -2.51 3.47 -13.32
C ILE A 68 -2.01 4.60 -14.25
N ASP A 69 -2.39 5.82 -13.98
CA ASP A 69 -1.92 6.94 -14.85
C ASP A 69 -0.41 7.11 -14.74
N TYR A 70 0.28 7.09 -15.85
CA TYR A 70 1.76 7.25 -15.81
C TYR A 70 2.12 8.72 -15.94
N GLU A 71 1.30 9.57 -15.40
CA GLU A 71 1.55 11.02 -15.47
C GLU A 71 1.90 11.58 -14.09
N ASN A 72 0.92 11.76 -13.24
CA ASN A 72 1.22 12.33 -11.89
C ASN A 72 0.10 12.01 -10.88
N LYS A 73 -0.81 11.15 -11.24
CA LYS A 73 -1.94 10.80 -10.31
C LYS A 73 -1.47 10.77 -8.87
N LEU A 74 -1.14 9.62 -8.37
CA LEU A 74 -0.68 9.51 -6.95
C LEU A 74 0.71 10.18 -6.81
N GLU A 75 0.85 11.11 -5.89
CA GLU A 75 2.17 11.78 -5.71
C GLU A 75 2.82 11.36 -4.40
N LEU A 76 4.00 11.83 -4.14
CA LEU A 76 4.70 11.48 -2.89
C LEU A 76 3.82 11.84 -1.68
N ASN A 77 2.78 12.59 -1.91
CA ASN A 77 1.88 12.97 -0.77
C ASN A 77 0.67 12.03 -0.70
N GLU A 78 0.83 10.79 -1.05
CA GLU A 78 -0.33 9.85 -1.00
C GLU A 78 0.11 8.41 -0.73
N GLY A 79 1.37 8.17 -0.47
CA GLY A 79 1.81 6.77 -0.22
C GLY A 79 2.81 6.74 0.94
N PHE A 80 3.05 5.58 1.50
CA PHE A 80 4.03 5.48 2.63
C PHE A 80 4.78 4.16 2.54
N LYS A 81 5.90 4.06 3.21
CA LYS A 81 6.70 2.81 3.14
C LYS A 81 6.34 1.86 4.28
N ALA A 82 6.55 0.58 4.08
CA ALA A 82 6.24 -0.42 5.15
C ALA A 82 7.12 -1.66 4.96
N ILE A 83 7.58 -2.27 6.02
CA ILE A 83 8.45 -3.48 5.86
C ILE A 83 8.11 -4.54 6.92
N MET A 84 8.25 -5.79 6.58
CA MET A 84 7.94 -6.87 7.55
C MET A 84 8.88 -8.07 7.31
N TYR A 85 9.08 -8.90 8.30
CA TYR A 85 9.98 -10.07 8.12
C TYR A 85 9.48 -10.95 6.97
N LYS A 86 10.35 -11.72 6.36
CA LYS A 86 9.92 -12.60 5.24
C LYS A 86 8.74 -13.48 5.67
N ASN A 87 8.87 -14.16 6.78
CA ASN A 87 7.74 -15.01 7.23
C ASN A 87 6.44 -14.21 7.18
N GLN A 88 6.42 -13.03 7.77
CA GLN A 88 5.20 -12.21 7.73
C GLN A 88 4.89 -11.86 6.27
N PHE A 89 5.90 -11.83 5.44
CA PHE A 89 5.69 -11.51 4.01
C PHE A 89 5.12 -12.73 3.29
N GLU A 90 5.61 -13.90 3.59
CA GLU A 90 5.08 -15.12 2.93
C GLU A 90 3.60 -15.25 3.25
N THR A 91 3.27 -15.11 4.50
CA THR A 91 1.84 -15.21 4.90
C THR A 91 1.01 -14.17 4.17
N PHE A 92 1.40 -12.92 4.24
CA PHE A 92 0.63 -11.86 3.53
C PHE A 92 0.52 -12.20 2.04
N ASP A 93 1.55 -12.75 1.47
CA ASP A 93 1.49 -13.12 0.02
C ASP A 93 0.73 -14.43 -0.16
N SER A 94 0.83 -15.33 0.77
CA SER A 94 0.09 -16.61 0.62
C SER A 94 -1.37 -16.33 0.31
N LYS A 95 -2.05 -15.56 1.13
CA LYS A 95 -3.45 -15.26 0.81
C LYS A 95 -3.49 -14.60 -0.56
N LEU A 96 -2.60 -13.67 -0.80
CA LEU A 96 -2.55 -12.99 -2.11
C LEU A 96 -2.49 -14.01 -3.25
N ARG A 97 -1.65 -15.01 -3.17
CA ARG A 97 -1.61 -15.99 -4.29
C ARG A 97 -3.03 -16.48 -4.57
N LYS A 98 -3.81 -16.71 -3.55
CA LYS A 98 -5.19 -17.19 -3.75
C LYS A 98 -6.06 -16.08 -4.33
N ILE A 99 -5.72 -14.88 -4.02
CA ILE A 99 -6.46 -13.71 -4.56
C ILE A 99 -5.99 -13.43 -5.97
N PHE A 100 -4.84 -13.93 -6.30
CA PHE A 100 -4.28 -13.71 -7.66
C PHE A 100 -3.80 -15.02 -8.25
N ASN A 101 -2.63 -15.46 -7.85
CA ASN A 101 -2.08 -16.73 -8.39
C ASN A 101 -0.69 -16.98 -7.82
N ASN A 102 0.00 -15.94 -7.52
CA ASN A 102 1.37 -16.05 -6.97
C ASN A 102 1.64 -14.93 -5.96
N GLY A 103 2.79 -14.30 -6.01
CA GLY A 103 3.10 -13.22 -5.04
C GLY A 103 3.42 -11.93 -5.79
N LEU A 104 3.36 -10.81 -5.12
CA LEU A 104 3.68 -9.53 -5.81
C LEU A 104 4.91 -9.69 -6.70
N ARG A 105 5.78 -10.58 -6.34
CA ARG A 105 7.01 -10.81 -7.15
C ARG A 105 6.65 -11.34 -8.53
N ASP A 106 5.82 -12.34 -8.59
CA ASP A 106 5.44 -12.90 -9.92
C ASP A 106 4.42 -11.95 -10.55
N LEU A 107 3.61 -11.35 -9.72
CA LEU A 107 2.61 -10.40 -10.21
C LEU A 107 3.27 -9.35 -11.11
N GLN A 108 4.48 -8.97 -10.79
CA GLN A 108 5.18 -7.96 -11.65
C GLN A 108 5.06 -8.38 -13.10
N ASN A 109 5.04 -9.66 -13.32
CA ASN A 109 4.91 -10.18 -14.70
C ASN A 109 5.83 -9.41 -15.67
N GLY A 110 6.84 -8.76 -15.16
CA GLY A 110 7.75 -8.00 -16.06
C GLY A 110 9.02 -7.62 -15.29
N ARG A 111 9.31 -6.36 -15.20
CA ARG A 111 10.53 -5.93 -14.47
C ARG A 111 10.18 -5.57 -13.03
N ASP A 112 9.95 -4.32 -12.77
CA ASP A 112 9.61 -3.90 -11.38
C ASP A 112 8.69 -2.67 -11.40
N GLU A 113 8.27 -2.21 -10.25
CA GLU A 113 7.38 -1.02 -10.22
C GLU A 113 6.15 -1.25 -11.10
N ASN A 114 5.46 -2.33 -10.89
CA ASN A 114 4.25 -2.61 -11.73
C ASN A 114 3.07 -2.95 -10.83
N LEU A 115 3.15 -2.66 -9.56
CA LEU A 115 2.02 -2.97 -8.64
C LEU A 115 1.33 -1.68 -8.20
N SER A 116 0.22 -1.35 -8.79
CA SER A 116 -0.50 -0.11 -8.39
C SER A 116 -1.81 0.03 -9.19
N GLN A 117 -2.54 -1.04 -9.35
CA GLN A 117 -3.81 -0.97 -10.13
C GLN A 117 -4.99 -0.69 -9.20
N TYR A 118 -5.52 -1.72 -8.58
CA TYR A 118 -6.68 -1.52 -7.65
C TYR A 118 -7.30 -2.88 -7.25
N GLY A 119 -6.99 -3.94 -7.94
CA GLY A 119 -7.59 -5.26 -7.59
C GLY A 119 -6.87 -5.89 -6.39
N ILE A 120 -6.31 -5.09 -5.52
CA ILE A 120 -5.60 -5.65 -4.34
C ILE A 120 -6.18 -5.03 -3.06
N VAL A 121 -5.78 -3.83 -2.72
CA VAL A 121 -6.31 -3.16 -1.50
C VAL A 121 -6.10 -4.04 -0.26
N CYS A 122 -5.44 -3.54 0.75
CA CYS A 122 -5.21 -4.37 1.96
C CYS A 122 -5.04 -3.51 3.21
N LYS A 123 -5.08 -4.12 4.36
CA LYS A 123 -4.92 -3.36 5.63
C LYS A 123 -3.70 -3.91 6.38
N MET A 124 -3.10 -3.15 7.24
CA MET A 124 -1.90 -3.67 7.96
C MET A 124 -1.62 -2.87 9.23
N ASN A 125 -1.14 -3.55 10.23
CA ASN A 125 -0.79 -2.87 11.50
C ASN A 125 0.63 -2.34 11.37
N ILE A 126 0.93 -1.20 11.93
CA ILE A 126 2.31 -0.68 11.76
C ILE A 126 2.88 -0.08 13.03
N LYS A 127 4.13 -0.36 13.32
CA LYS A 127 4.77 0.25 14.51
C LYS A 127 5.50 1.49 14.00
N VAL A 128 4.93 2.64 14.21
CA VAL A 128 5.55 3.88 13.66
C VAL A 128 6.23 4.70 14.76
N LYS A 129 7.27 5.39 14.40
CA LYS A 129 8.01 6.24 15.38
C LYS A 129 9.04 7.09 14.65
N MET A 130 9.61 8.06 15.32
CA MET A 130 10.63 8.92 14.65
C MET A 130 12.04 8.42 15.01
N TYR A 131 12.98 8.69 14.16
CA TYR A 131 14.39 8.25 14.42
C TYR A 131 15.32 9.45 14.28
N ASN A 132 15.63 9.82 13.07
CA ASN A 132 16.52 10.99 12.86
C ASN A 132 15.67 12.27 12.83
N GLY A 133 14.40 12.15 13.14
CA GLY A 133 13.51 13.34 13.14
C GLY A 133 12.33 13.11 12.19
N LYS A 134 12.25 11.96 11.57
CA LYS A 134 11.14 11.69 10.63
C LYS A 134 10.19 10.66 11.21
N LEU A 135 9.63 9.83 10.38
CA LEU A 135 8.69 8.79 10.86
C LEU A 135 9.01 7.43 10.24
N ASN A 136 9.46 6.51 11.04
CA ASN A 136 9.78 5.15 10.50
C ASN A 136 8.52 4.29 10.58
N ALA A 137 7.88 4.06 9.47
CA ALA A 137 6.63 3.25 9.49
C ALA A 137 6.96 1.76 9.31
N ILE A 138 6.74 0.97 10.32
CA ILE A 138 7.02 -0.49 10.19
C ILE A 138 5.71 -1.26 10.22
N VAL A 139 5.51 -2.16 9.30
CA VAL A 139 4.24 -2.94 9.26
C VAL A 139 4.48 -4.38 9.71
N ARG A 140 3.49 -4.98 10.33
CA ARG A 140 3.65 -6.39 10.81
C ARG A 140 2.54 -7.26 10.22
N GLU A 141 1.44 -6.68 9.82
CA GLU A 141 0.33 -7.49 9.25
C GLU A 141 -0.06 -6.95 7.88
N CYS A 142 -0.70 -7.77 7.08
CA CYS A 142 -1.12 -7.31 5.72
C CYS A 142 -2.07 -8.32 5.08
N GLU A 143 -3.28 -7.92 4.81
CA GLU A 143 -4.26 -8.85 4.19
C GLU A 143 -5.14 -8.09 3.21
N PRO A 144 -4.89 -8.29 1.94
CA PRO A 144 -5.67 -7.59 0.90
C PRO A 144 -7.10 -8.12 0.82
N VAL A 145 -8.04 -7.22 0.89
CA VAL A 145 -9.45 -7.60 0.83
C VAL A 145 -10.02 -7.23 -0.55
N PRO A 146 -10.41 -8.22 -1.29
CA PRO A 146 -10.98 -8.00 -2.64
C PRO A 146 -12.32 -7.27 -2.56
N HIS A 147 -13.40 -8.00 -2.47
CA HIS A 147 -14.73 -7.34 -2.40
C HIS A 147 -15.71 -8.18 -1.58
N SER A 148 -15.79 -9.45 -1.87
CA SER A 148 -16.73 -10.33 -1.09
C SER A 148 -16.05 -10.84 0.18
N GLN A 149 -14.81 -10.46 0.40
CA GLN A 149 -14.10 -10.92 1.62
C GLN A 149 -13.80 -9.73 2.54
N ILE A 150 -13.95 -8.53 2.04
CA ILE A 150 -13.68 -7.34 2.88
C ILE A 150 -14.50 -7.40 4.15
N SER A 151 -15.71 -7.88 4.05
CA SER A 151 -16.56 -7.95 5.26
C SER A 151 -16.19 -9.17 6.09
N SER A 152 -15.15 -9.85 5.74
CA SER A 152 -14.73 -11.05 6.52
C SER A 152 -13.37 -10.76 7.15
N ILE A 153 -12.64 -9.86 6.55
CA ILE A 153 -11.31 -9.46 7.08
C ILE A 153 -11.46 -8.18 7.87
N ALA A 154 -12.21 -7.24 7.36
CA ALA A 154 -12.43 -5.97 8.08
C ALA A 154 -13.80 -5.99 8.76
N SER A 155 -14.11 -5.02 9.57
CA SER A 155 -15.44 -5.02 10.26
C SER A 155 -15.58 -3.82 11.19
N PRO A 156 -14.67 -3.73 12.13
CA PRO A 156 -14.69 -2.61 13.10
C PRO A 156 -14.35 -1.29 12.41
N SER A 157 -15.24 -0.79 11.59
CA SER A 157 -14.99 0.51 10.89
C SER A 157 -13.96 0.32 9.77
N GLN A 158 -13.40 -0.84 9.64
CA GLN A 158 -12.39 -1.06 8.56
C GLN A 158 -13.08 -1.39 7.24
N CYS A 159 -14.14 -2.16 7.29
CA CYS A 159 -14.86 -2.51 6.03
C CYS A 159 -15.67 -1.32 5.52
N GLU A 160 -16.23 -0.55 6.42
CA GLU A 160 -17.04 0.63 5.99
C GLU A 160 -16.10 1.69 5.39
N HIS A 161 -15.02 1.98 6.06
CA HIS A 161 -14.06 2.99 5.53
C HIS A 161 -13.51 2.52 4.18
N LEU A 162 -13.44 1.24 3.99
CA LEU A 162 -12.93 0.71 2.70
C LEU A 162 -14.03 0.77 1.64
N ARG A 163 -15.26 0.64 2.05
CA ARG A 163 -16.39 0.70 1.10
C ARG A 163 -16.35 2.03 0.35
N LEU A 164 -16.37 3.12 1.05
CA LEU A 164 -16.32 4.44 0.38
C LEU A 164 -15.02 4.59 -0.40
N PHE A 165 -13.94 4.04 0.10
CA PHE A 165 -12.66 4.15 -0.65
C PHE A 165 -12.92 3.66 -2.09
N TYR A 166 -13.87 2.77 -2.23
CA TYR A 166 -14.21 2.26 -3.59
C TYR A 166 -15.09 3.28 -4.31
N GLN A 167 -15.89 4.02 -3.57
CA GLN A 167 -16.77 5.02 -4.22
C GLN A 167 -15.97 6.27 -4.57
N ARG A 168 -15.07 6.66 -3.72
CA ARG A 168 -14.23 7.88 -4.00
C ARG A 168 -13.18 7.55 -5.04
N ALA A 169 -12.54 6.41 -4.94
CA ALA A 169 -11.50 6.04 -5.93
C ALA A 169 -12.13 5.89 -7.31
N PHE A 170 -13.32 5.39 -7.38
CA PHE A 170 -14.00 5.22 -8.70
C PHE A 170 -14.08 6.58 -9.41
N LYS A 171 -14.04 7.64 -8.67
CA LYS A 171 -14.11 9.00 -9.31
C LYS A 171 -12.69 9.53 -9.53
N ARG A 172 -11.80 9.29 -8.61
CA ARG A 172 -10.41 9.78 -8.77
C ARG A 172 -9.65 8.88 -9.74
N ILE A 173 -9.88 7.60 -9.69
CA ILE A 173 -9.16 6.67 -10.62
C ILE A 173 -9.38 7.11 -12.07
N GLY A 174 -10.61 7.31 -12.47
CA GLY A 174 -10.88 7.75 -13.86
C GLY A 174 -11.44 6.58 -14.67
N GLU A 175 -12.62 6.72 -15.20
CA GLU A 175 -13.21 5.62 -16.01
C GLU A 175 -12.21 5.15 -17.07
N SER A 176 -11.38 6.04 -17.53
CA SER A 176 -10.37 5.67 -18.56
C SER A 176 -9.39 4.66 -17.98
N ALA A 177 -8.96 4.88 -16.77
CA ALA A 177 -8.00 3.94 -16.13
C ALA A 177 -8.57 2.53 -16.12
N ILE A 178 -9.82 2.38 -15.74
CA ILE A 178 -10.44 1.03 -15.73
C ILE A 178 -10.26 0.39 -17.11
N SER A 179 -10.07 1.18 -18.12
CA SER A 179 -9.88 0.62 -19.49
C SER A 179 -8.45 0.12 -19.64
N ARG A 180 -7.54 0.65 -18.88
CA ARG A 180 -6.12 0.23 -18.96
C ARG A 180 -5.96 -1.19 -18.40
N TYR A 181 -6.76 -1.53 -17.42
CA TYR A 181 -6.67 -2.90 -16.84
C TYR A 181 -8.08 -3.39 -16.49
N PHE A 182 -9.00 -3.18 -17.39
CA PHE A 182 -10.38 -3.60 -17.13
C PHE A 182 -10.42 -5.02 -16.57
N GLU A 183 -9.73 -5.91 -17.21
CA GLU A 183 -9.70 -7.34 -16.73
C GLU A 183 -9.44 -7.38 -15.22
N GLU A 184 -8.60 -6.52 -14.73
CA GLU A 184 -8.29 -6.51 -13.26
C GLU A 184 -9.52 -6.06 -12.47
N TYR A 185 -10.40 -5.30 -13.09
CA TYR A 185 -11.61 -4.82 -12.36
C TYR A 185 -12.70 -5.89 -12.41
N ARG A 186 -12.86 -6.56 -13.52
CA ARG A 186 -13.89 -7.60 -13.63
C ARG A 186 -13.55 -8.80 -12.75
N ARG A 187 -12.37 -8.80 -12.18
CA ARG A 187 -11.98 -9.94 -11.31
C ARG A 187 -13.11 -10.27 -10.34
N PHE A 188 -13.47 -11.53 -10.25
CA PHE A 188 -14.58 -11.91 -9.33
C PHE A 188 -15.87 -11.25 -9.78
N PHE A 189 -16.02 -9.97 -9.55
CA PHE A 189 -17.26 -9.27 -9.97
C PHE A 189 -17.05 -8.65 -11.35
N PRO A 190 -18.03 -8.83 -12.20
CA PRO A 190 -17.96 -8.28 -13.58
C PRO A 190 -18.11 -6.76 -13.56
N ILE A 191 -17.25 -6.06 -14.26
CA ILE A 191 -17.35 -4.58 -14.29
C ILE A 191 -18.79 -4.15 -14.59
N LYS A 5 -2.87 -0.06 30.92
CA LYS A 5 -2.77 -1.53 30.68
C LYS A 5 -3.98 -2.02 29.87
N MET A 6 -4.63 -1.14 29.16
CA MET A 6 -5.82 -1.56 28.36
C MET A 6 -6.18 -0.48 27.35
N ALA A 7 -5.20 0.20 26.82
CA ALA A 7 -5.50 1.27 25.82
C ALA A 7 -5.84 0.66 24.46
N ARG A 8 -6.28 1.45 23.54
CA ARG A 8 -6.63 0.92 22.19
C ARG A 8 -5.37 0.53 21.42
N LYS A 9 -4.98 -0.71 21.47
CA LYS A 9 -3.76 -1.15 20.74
C LYS A 9 -4.10 -1.49 19.28
N ASP A 10 -3.10 -1.72 18.48
CA ASP A 10 -3.36 -2.06 17.05
C ASP A 10 -4.45 -1.15 16.48
N PRO A 11 -4.23 0.13 16.58
CA PRO A 11 -5.22 1.10 16.06
C PRO A 11 -5.20 1.13 14.54
N THR A 12 -5.72 2.16 13.94
CA THR A 12 -5.72 2.23 12.46
C THR A 12 -5.98 3.67 11.99
N ILE A 13 -5.14 4.18 11.14
CA ILE A 13 -5.33 5.56 10.63
C ILE A 13 -4.98 5.57 9.14
N GLU A 14 -4.44 6.64 8.65
CA GLU A 14 -4.08 6.66 7.21
C GLU A 14 -3.01 7.73 6.95
N PHE A 15 -2.45 7.75 5.78
CA PHE A 15 -1.39 8.76 5.50
C PHE A 15 -1.81 10.12 6.07
N CYS A 16 -3.09 10.37 6.18
CA CYS A 16 -3.55 11.67 6.72
C CYS A 16 -3.94 11.56 8.20
N GLN A 17 -3.95 10.37 8.75
CA GLN A 17 -4.33 10.22 10.18
C GLN A 17 -3.20 9.56 10.99
N LEU A 18 -1.98 9.69 10.55
CA LEU A 18 -0.86 9.10 11.31
C LEU A 18 -0.99 9.43 12.80
N GLY A 19 -0.32 10.45 13.22
CA GLY A 19 -0.38 10.86 14.65
C GLY A 19 1.04 11.04 15.19
N LEU A 20 2.01 10.73 14.39
CA LEU A 20 3.43 10.87 14.83
C LEU A 20 3.70 12.29 15.34
N ASP A 21 4.94 12.56 15.62
CA ASP A 21 5.34 13.91 16.10
C ASP A 21 6.88 14.00 16.12
N THR A 22 7.45 14.47 17.19
CA THR A 22 8.94 14.54 17.23
C THR A 22 9.47 13.40 18.07
N PHE A 23 9.24 13.48 19.34
CA PHE A 23 9.69 12.40 20.27
C PHE A 23 8.73 11.22 20.18
N GLU A 24 7.71 11.35 19.38
CA GLU A 24 6.69 10.29 19.24
C GLU A 24 7.22 8.87 19.13
N THR A 25 6.33 8.03 18.66
CA THR A 25 6.60 6.56 18.45
C THR A 25 5.30 5.78 18.67
N LYS A 26 4.76 5.17 17.65
CA LYS A 26 3.49 4.41 17.85
C LYS A 26 3.34 3.28 16.86
N TYR A 27 2.22 2.64 16.93
CA TYR A 27 1.90 1.50 16.02
C TYR A 27 0.58 1.81 15.31
N ILE A 28 0.50 1.58 14.02
CA ILE A 28 -0.78 1.89 13.31
C ILE A 28 -1.02 0.88 12.19
N THR A 29 -2.15 0.99 11.55
CA THR A 29 -2.49 0.04 10.44
C THR A 29 -2.98 0.84 9.23
N MET A 30 -2.45 0.56 8.06
CA MET A 30 -2.90 1.32 6.86
C MET A 30 -3.10 0.39 5.65
N PHE A 31 -4.13 0.63 4.88
CA PHE A 31 -4.37 -0.23 3.69
C PHE A 31 -3.51 0.28 2.52
N GLY A 32 -3.48 -0.42 1.42
CA GLY A 32 -2.65 0.06 0.27
C GLY A 32 -2.69 -0.94 -0.88
N MET A 33 -2.31 -0.50 -2.05
CA MET A 33 -2.31 -1.41 -3.23
C MET A 33 -0.87 -1.66 -3.70
N LEU A 34 0.07 -1.09 -3.00
CA LEU A 34 1.50 -1.25 -3.38
C LEU A 34 1.83 -0.44 -4.64
N VAL A 35 2.88 0.31 -4.60
CA VAL A 35 3.26 1.13 -5.79
C VAL A 35 4.55 0.59 -6.41
N SER A 36 5.37 -0.05 -5.62
CA SER A 36 6.64 -0.59 -6.17
C SER A 36 7.29 -1.58 -5.18
N CYS A 37 8.33 -2.23 -5.59
CA CYS A 37 9.00 -3.21 -4.67
C CYS A 37 10.40 -3.55 -5.22
N SER A 38 11.36 -3.74 -4.35
CA SER A 38 12.72 -4.09 -4.84
C SER A 38 13.25 -5.31 -4.10
N PHE A 39 13.95 -6.18 -4.80
CA PHE A 39 14.50 -7.40 -4.14
C PHE A 39 16.01 -7.26 -3.97
N ASP A 40 16.51 -6.06 -4.01
CA ASP A 40 17.99 -5.86 -3.86
C ASP A 40 18.39 -5.96 -2.39
N LYS A 41 17.47 -5.75 -1.49
CA LYS A 41 17.82 -5.81 -0.04
C LYS A 41 17.91 -7.27 0.43
N PRO A 42 19.09 -7.65 0.85
CA PRO A 42 19.33 -9.03 1.34
C PRO A 42 18.69 -9.26 2.71
N ALA A 43 18.48 -8.21 3.46
CA ALA A 43 17.87 -8.38 4.82
C ALA A 43 16.35 -8.44 4.75
N PHE A 44 15.80 -7.98 3.67
CA PHE A 44 14.31 -8.01 3.50
C PHE A 44 13.92 -7.32 2.19
N ILE A 45 12.64 -7.23 1.93
CA ILE A 45 12.20 -6.56 0.66
C ILE A 45 11.77 -5.12 0.95
N SER A 46 11.78 -4.27 -0.03
CA SER A 46 11.37 -2.86 0.19
C SER A 46 10.36 -2.43 -0.88
N PHE A 47 9.15 -2.14 -0.49
CA PHE A 47 8.12 -1.70 -1.47
C PHE A 47 7.35 -0.50 -0.92
N VAL A 48 6.96 0.42 -1.76
CA VAL A 48 6.21 1.60 -1.26
C VAL A 48 4.72 1.46 -1.54
N PHE A 49 3.92 1.90 -0.61
CA PHE A 49 2.44 1.79 -0.78
C PHE A 49 1.85 3.12 -1.24
N SER A 50 0.57 3.16 -1.45
CA SER A 50 -0.08 4.43 -1.90
C SER A 50 -1.43 4.61 -1.21
N ASP A 51 -2.13 5.67 -1.54
CA ASP A 51 -3.46 5.91 -0.91
C ASP A 51 -4.07 7.20 -1.46
N PHE A 52 -5.27 7.52 -1.06
CA PHE A 52 -5.91 8.78 -1.56
C PHE A 52 -5.75 9.91 -0.54
N THR A 53 -5.54 9.58 0.70
CA THR A 53 -5.37 10.64 1.74
C THR A 53 -4.16 11.52 1.39
N LYS A 54 -3.83 12.44 2.25
CA LYS A 54 -2.66 13.33 1.96
C LYS A 54 -1.80 13.50 3.21
N ASN A 55 -0.77 12.70 3.35
CA ASN A 55 0.12 12.84 4.54
C ASN A 55 0.80 14.20 4.52
N ASP A 56 1.22 14.69 5.66
CA ASP A 56 1.88 16.03 5.67
C ASP A 56 3.19 15.92 6.43
N ILE A 57 3.52 14.74 6.89
CA ILE A 57 4.75 14.57 7.65
C ILE A 57 5.97 14.79 6.80
N VAL A 58 7.04 15.02 7.46
CA VAL A 58 8.33 15.28 6.74
C VAL A 58 8.78 14.02 6.00
N GLN A 59 8.55 12.91 6.61
CA GLN A 59 8.93 11.58 6.01
C GLN A 59 10.09 11.72 5.01
N ASN A 60 10.11 10.90 3.99
CA ASN A 60 11.22 10.98 2.99
C ASN A 60 10.67 11.15 1.58
N TYR A 61 11.39 10.69 0.59
CA TYR A 61 10.92 10.83 -0.82
C TYR A 61 11.07 9.48 -1.55
N LEU A 62 10.01 8.96 -2.09
CA LEU A 62 10.10 7.65 -2.81
C LEU A 62 10.89 7.81 -4.11
N TYR A 63 10.76 6.87 -5.01
CA TYR A 63 11.49 6.97 -6.30
C TYR A 63 10.53 6.84 -7.48
N ASP A 64 9.40 6.20 -7.28
CA ASP A 64 8.43 6.05 -8.40
C ASP A 64 7.22 6.97 -8.20
N ARG A 65 6.49 7.25 -9.25
CA ARG A 65 5.31 8.14 -9.11
C ARG A 65 4.64 8.35 -10.48
N TYR A 66 4.42 7.30 -11.21
CA TYR A 66 3.78 7.44 -12.55
C TYR A 66 2.40 6.77 -12.54
N LEU A 67 2.13 5.95 -11.56
CA LEU A 67 0.80 5.26 -11.50
C LEU A 67 0.52 4.54 -12.82
N ILE A 68 -0.64 3.96 -12.94
CA ILE A 68 -0.98 3.23 -14.20
C ILE A 68 -0.67 4.11 -15.41
N ASP A 69 -1.45 5.14 -15.62
CA ASP A 69 -1.19 6.03 -16.78
C ASP A 69 0.19 6.68 -16.63
N TYR A 70 0.90 6.84 -17.71
CA TYR A 70 2.25 7.46 -17.61
C TYR A 70 2.15 8.97 -17.79
N GLU A 71 1.01 9.50 -17.50
CA GLU A 71 0.79 10.96 -17.63
C GLU A 71 0.77 11.61 -16.24
N ASN A 72 -0.20 11.28 -15.43
CA ASN A 72 -0.27 11.87 -14.06
C ASN A 72 0.88 11.36 -13.20
N LYS A 73 0.99 11.86 -12.00
CA LYS A 73 2.08 11.40 -11.10
C LYS A 73 1.56 11.22 -9.68
N LEU A 74 2.03 10.21 -8.99
CA LEU A 74 1.54 9.97 -7.61
C LEU A 74 2.28 10.89 -6.62
N GLU A 75 1.58 11.80 -6.00
CA GLU A 75 2.23 12.72 -5.04
C GLU A 75 3.22 11.99 -4.14
N LEU A 76 3.91 12.75 -3.36
CA LEU A 76 4.85 12.15 -2.38
C LEU A 76 4.12 12.03 -1.06
N ASN A 77 3.01 12.72 -0.93
CA ASN A 77 2.23 12.64 0.34
C ASN A 77 1.06 11.69 0.17
N GLU A 78 1.24 10.65 -0.61
CA GLU A 78 0.14 9.67 -0.83
C GLU A 78 0.66 8.24 -0.59
N GLY A 79 1.89 7.99 -0.95
CA GLY A 79 2.45 6.63 -0.75
C GLY A 79 3.68 6.71 0.16
N PHE A 80 4.28 5.60 0.49
CA PHE A 80 5.47 5.64 1.38
C PHE A 80 6.27 4.35 1.24
N LYS A 81 7.52 4.37 1.63
CA LYS A 81 8.34 3.14 1.53
C LYS A 81 8.31 2.36 2.84
N ALA A 82 8.31 1.05 2.77
CA ALA A 82 8.27 0.23 4.02
C ALA A 82 9.08 -1.05 3.84
N ILE A 83 9.43 -1.70 4.92
CA ILE A 83 10.22 -2.96 4.81
C ILE A 83 9.69 -4.01 5.79
N MET A 84 9.81 -5.27 5.47
CA MET A 84 9.32 -6.33 6.40
C MET A 84 10.13 -7.62 6.22
N TYR A 85 10.05 -8.51 7.18
CA TYR A 85 10.82 -9.78 7.08
C TYR A 85 10.43 -10.54 5.80
N LYS A 86 11.39 -11.01 5.05
CA LYS A 86 11.06 -11.77 3.81
C LYS A 86 10.05 -12.87 4.13
N ASN A 87 10.34 -13.71 5.07
CA ASN A 87 9.37 -14.79 5.41
C ASN A 87 7.99 -14.17 5.62
N GLN A 88 7.92 -13.08 6.32
CA GLN A 88 6.61 -12.42 6.53
C GLN A 88 6.10 -11.91 5.19
N PHE A 89 7.01 -11.54 4.31
CA PHE A 89 6.61 -11.05 2.98
C PHE A 89 6.20 -12.24 2.11
N GLU A 90 6.87 -13.36 2.25
CA GLU A 90 6.52 -14.55 1.44
C GLU A 90 5.14 -15.03 1.86
N THR A 91 4.97 -15.25 3.13
CA THR A 91 3.67 -15.73 3.65
C THR A 91 2.56 -14.76 3.22
N PHE A 92 2.72 -13.50 3.50
CA PHE A 92 1.68 -12.51 3.11
C PHE A 92 1.39 -12.61 1.60
N ASP A 93 2.41 -12.56 0.79
CA ASP A 93 2.20 -12.63 -0.67
C ASP A 93 1.67 -14.01 -1.08
N SER A 94 2.18 -15.05 -0.49
CA SER A 94 1.71 -16.41 -0.87
C SER A 94 0.19 -16.48 -0.89
N LYS A 95 -0.45 -16.11 0.19
CA LYS A 95 -1.95 -16.15 0.17
C LYS A 95 -2.44 -15.23 -0.93
N LEU A 96 -1.68 -14.21 -1.20
CA LEU A 96 -2.07 -13.24 -2.26
C LEU A 96 -1.86 -13.88 -3.65
N ARG A 97 -0.77 -14.57 -3.83
CA ARG A 97 -0.53 -15.19 -5.17
C ARG A 97 -1.77 -15.95 -5.61
N LYS A 98 -2.61 -16.33 -4.68
CA LYS A 98 -3.85 -17.07 -5.06
C LYS A 98 -4.88 -16.11 -5.60
N ILE A 99 -4.70 -14.86 -5.34
CA ILE A 99 -5.65 -13.84 -5.86
C ILE A 99 -5.19 -13.43 -7.27
N PHE A 100 -3.94 -13.68 -7.55
CA PHE A 100 -3.40 -13.33 -8.89
C PHE A 100 -2.74 -14.55 -9.54
N ASN A 101 -1.51 -14.83 -9.20
CA ASN A 101 -0.81 -16.00 -9.80
C ASN A 101 0.61 -16.11 -9.27
N ASN A 102 1.18 -15.01 -8.93
CA ASN A 102 2.59 -15.00 -8.42
C ASN A 102 2.73 -14.03 -7.26
N GLY A 103 3.94 -13.76 -6.84
CA GLY A 103 4.15 -12.83 -5.71
C GLY A 103 4.66 -11.50 -6.26
N LEU A 104 4.61 -10.46 -5.46
CA LEU A 104 5.09 -9.12 -5.93
C LEU A 104 6.39 -9.27 -6.74
N ARG A 105 7.13 -10.32 -6.48
CA ARG A 105 8.39 -10.54 -7.20
C ARG A 105 8.15 -10.84 -8.67
N ASP A 106 7.07 -11.52 -8.94
CA ASP A 106 6.75 -11.90 -10.34
C ASP A 106 6.13 -10.69 -11.05
N LEU A 107 5.53 -9.83 -10.29
CA LEU A 107 4.90 -8.64 -10.89
C LEU A 107 5.95 -7.71 -11.48
N GLN A 108 7.14 -7.70 -10.94
CA GLN A 108 8.21 -6.82 -11.50
C GLN A 108 8.86 -7.50 -12.69
N ASN A 109 8.79 -8.79 -12.71
CA ASN A 109 9.41 -9.55 -13.84
C ASN A 109 10.91 -9.27 -13.88
N GLY A 110 11.44 -8.63 -12.86
CA GLY A 110 12.89 -8.31 -12.84
C GLY A 110 13.08 -6.82 -12.59
N ARG A 111 12.49 -5.99 -13.42
CA ARG A 111 12.61 -4.52 -13.22
C ARG A 111 11.22 -3.90 -13.14
N ASP A 112 10.82 -3.22 -14.17
CA ASP A 112 9.46 -2.59 -14.19
C ASP A 112 9.37 -1.50 -13.11
N GLU A 113 9.51 -1.87 -11.86
CA GLU A 113 9.42 -0.88 -10.76
C GLU A 113 7.97 -0.41 -10.58
N ASN A 114 7.35 0.06 -11.63
CA ASN A 114 5.93 0.51 -11.51
C ASN A 114 5.03 -0.67 -11.13
N LEU A 115 4.37 -0.57 -10.01
CA LEU A 115 3.47 -1.69 -9.59
C LEU A 115 2.20 -1.12 -8.93
N SER A 116 1.37 -0.47 -9.69
CA SER A 116 0.13 0.11 -9.10
C SER A 116 -1.03 0.02 -10.10
N GLN A 117 -0.97 -0.91 -11.02
CA GLN A 117 -2.06 -1.04 -12.02
C GLN A 117 -2.67 -2.44 -11.96
N TYR A 118 -2.37 -3.19 -10.94
CA TYR A 118 -2.93 -4.57 -10.84
C TYR A 118 -4.16 -4.55 -9.92
N GLY A 119 -4.00 -4.09 -8.70
CA GLY A 119 -5.14 -4.05 -7.76
C GLY A 119 -4.84 -4.95 -6.56
N ILE A 120 -3.69 -4.79 -5.97
CA ILE A 120 -3.34 -5.64 -4.79
C ILE A 120 -3.60 -4.87 -3.49
N VAL A 121 -4.83 -4.57 -3.20
CA VAL A 121 -5.14 -3.82 -1.96
C VAL A 121 -4.86 -4.70 -0.74
N CYS A 122 -4.29 -4.14 0.30
CA CYS A 122 -4.00 -4.96 1.52
C CYS A 122 -3.84 -4.06 2.75
N LYS A 123 -3.98 -4.63 3.91
CA LYS A 123 -3.83 -3.83 5.16
C LYS A 123 -2.55 -4.26 5.88
N MET A 124 -2.01 -3.45 6.74
CA MET A 124 -0.77 -3.86 7.43
C MET A 124 -0.58 -3.06 8.71
N ASN A 125 0.15 -3.60 9.63
CA ASN A 125 0.42 -2.85 10.89
C ASN A 125 1.83 -2.29 10.80
N ILE A 126 2.00 -1.03 11.08
CA ILE A 126 3.37 -0.45 10.93
C ILE A 126 3.94 0.02 12.27
N LYS A 127 5.15 -0.36 12.54
CA LYS A 127 5.82 0.09 13.78
C LYS A 127 6.65 1.30 13.38
N VAL A 128 6.19 2.47 13.68
CA VAL A 128 6.94 3.68 13.25
C VAL A 128 7.50 4.46 14.44
N LYS A 129 8.44 5.33 14.16
CA LYS A 129 9.07 6.16 15.22
C LYS A 129 9.91 7.28 14.58
N MET A 130 10.35 8.21 15.37
CA MET A 130 11.18 9.34 14.84
C MET A 130 12.65 9.09 15.14
N TYR A 131 13.52 9.90 14.60
CA TYR A 131 14.98 9.71 14.86
C TYR A 131 15.78 10.76 14.06
N ASN A 132 15.81 10.63 12.76
CA ASN A 132 16.58 11.62 11.94
C ASN A 132 15.76 12.91 11.76
N GLY A 133 14.52 12.89 12.16
CA GLY A 133 13.67 14.11 12.01
C GLY A 133 12.35 13.75 11.33
N LYS A 134 12.16 12.51 11.00
CA LYS A 134 10.91 12.10 10.33
C LYS A 134 10.37 10.85 11.02
N LEU A 135 9.56 10.10 10.34
CA LEU A 135 9.03 8.86 10.97
C LEU A 135 9.33 7.67 10.06
N ASN A 136 9.84 6.61 10.63
CA ASN A 136 10.12 5.40 9.81
C ASN A 136 8.89 4.51 9.83
N ALA A 137 8.49 4.00 8.70
CA ALA A 137 7.26 3.16 8.67
C ALA A 137 7.60 1.70 8.32
N ILE A 138 7.63 0.84 9.30
CA ILE A 138 7.93 -0.59 9.01
C ILE A 138 6.65 -1.40 9.24
N VAL A 139 6.19 -2.10 8.24
CA VAL A 139 4.93 -2.88 8.39
C VAL A 139 5.25 -4.33 8.78
N ARG A 140 4.61 -4.82 9.82
CA ARG A 140 4.85 -6.22 10.26
C ARG A 140 3.74 -7.13 9.74
N GLU A 141 2.59 -6.57 9.45
CA GLU A 141 1.47 -7.41 8.95
C GLU A 141 1.10 -6.98 7.53
N CYS A 142 0.64 -7.89 6.72
CA CYS A 142 0.27 -7.52 5.32
C CYS A 142 -0.74 -8.51 4.76
N GLU A 143 -1.99 -8.15 4.71
CA GLU A 143 -3.01 -9.07 4.17
C GLU A 143 -3.78 -8.38 3.05
N PRO A 144 -3.63 -8.89 1.86
CA PRO A 144 -4.31 -8.31 0.68
C PRO A 144 -5.76 -8.77 0.63
N VAL A 145 -6.65 -7.85 0.40
CA VAL A 145 -8.09 -8.19 0.34
C VAL A 145 -8.56 -8.20 -1.12
N PRO A 146 -9.28 -9.24 -1.46
CA PRO A 146 -9.81 -9.38 -2.84
C PRO A 146 -10.91 -8.35 -3.11
N HIS A 147 -11.75 -8.61 -4.07
CA HIS A 147 -12.85 -7.63 -4.37
C HIS A 147 -14.21 -8.22 -3.98
N SER A 148 -14.21 -9.36 -3.36
CA SER A 148 -15.51 -9.98 -2.96
C SER A 148 -15.44 -10.45 -1.50
N GLN A 149 -14.31 -10.96 -1.08
CA GLN A 149 -14.19 -11.44 0.33
C GLN A 149 -13.74 -10.29 1.23
N ILE A 150 -13.85 -9.07 0.76
CA ILE A 150 -13.44 -7.91 1.57
C ILE A 150 -14.38 -7.77 2.77
N SER A 151 -15.61 -8.12 2.58
CA SER A 151 -16.59 -8.00 3.67
C SER A 151 -16.34 -9.05 4.76
N SER A 152 -15.32 -9.84 4.61
CA SER A 152 -15.01 -10.86 5.65
C SER A 152 -13.73 -10.44 6.36
N ILE A 153 -12.94 -9.64 5.69
CA ILE A 153 -11.68 -9.15 6.27
C ILE A 153 -11.94 -7.79 6.93
N ALA A 154 -12.62 -6.92 6.23
CA ALA A 154 -12.93 -5.58 6.80
C ALA A 154 -14.43 -5.47 7.05
N SER A 155 -14.90 -5.99 8.16
CA SER A 155 -16.36 -5.95 8.46
C SER A 155 -16.78 -4.58 9.01
N PRO A 156 -16.07 -4.12 10.01
CA PRO A 156 -16.41 -2.82 10.63
C PRO A 156 -16.04 -1.65 9.72
N SER A 157 -16.05 -0.46 10.25
CA SER A 157 -15.72 0.75 9.42
C SER A 157 -14.59 0.45 8.43
N GLN A 158 -13.73 -0.47 8.74
CA GLN A 158 -12.62 -0.79 7.79
C GLN A 158 -13.17 -1.09 6.40
N CYS A 159 -14.40 -1.51 6.32
CA CYS A 159 -14.99 -1.84 4.98
C CYS A 159 -15.27 -0.54 4.21
N GLU A 160 -15.95 0.39 4.82
CA GLU A 160 -16.26 1.67 4.12
C GLU A 160 -14.97 2.33 3.65
N HIS A 161 -14.01 2.48 4.52
CA HIS A 161 -12.73 3.12 4.08
C HIS A 161 -12.28 2.46 2.78
N LEU A 162 -12.55 1.19 2.66
CA LEU A 162 -12.16 0.45 1.42
C LEU A 162 -13.17 0.71 0.31
N ARG A 163 -14.44 0.75 0.65
CA ARG A 163 -15.48 0.99 -0.40
C ARG A 163 -15.40 2.45 -0.88
N LEU A 164 -15.26 3.37 0.02
CA LEU A 164 -15.17 4.79 -0.38
C LEU A 164 -13.80 5.07 -0.99
N PHE A 165 -12.80 4.31 -0.59
CA PHE A 165 -11.45 4.52 -1.16
C PHE A 165 -11.49 4.20 -2.65
N TYR A 166 -12.01 3.06 -3.01
CA TYR A 166 -12.10 2.73 -4.45
C TYR A 166 -12.79 3.87 -5.19
N GLN A 167 -13.82 4.39 -4.59
CA GLN A 167 -14.54 5.52 -5.23
C GLN A 167 -13.62 6.72 -5.36
N ARG A 168 -12.75 6.93 -4.41
CA ARG A 168 -11.81 8.09 -4.51
C ARG A 168 -10.71 7.78 -5.52
N ALA A 169 -10.28 6.54 -5.57
CA ALA A 169 -9.18 6.16 -6.51
C ALA A 169 -9.72 5.75 -7.88
N PHE A 170 -10.69 4.89 -7.94
CA PHE A 170 -11.21 4.46 -9.28
C PHE A 170 -11.77 5.66 -10.04
N LYS A 171 -12.24 6.64 -9.33
CA LYS A 171 -12.79 7.85 -10.02
C LYS A 171 -11.66 8.77 -10.46
N ARG A 172 -10.76 9.09 -9.56
CA ARG A 172 -9.64 10.01 -9.90
C ARG A 172 -8.51 9.27 -10.64
N ILE A 173 -8.42 7.97 -10.50
CA ILE A 173 -7.32 7.25 -11.20
C ILE A 173 -7.35 7.56 -12.70
N GLY A 174 -8.49 7.44 -13.33
CA GLY A 174 -8.58 7.75 -14.78
C GLY A 174 -9.35 6.65 -15.51
N GLU A 175 -10.49 6.97 -16.06
CA GLU A 175 -11.29 5.95 -16.79
C GLU A 175 -10.39 5.21 -17.78
N SER A 176 -9.31 5.82 -18.21
CA SER A 176 -8.41 5.15 -19.18
C SER A 176 -7.74 3.93 -18.52
N ALA A 177 -7.09 4.13 -17.41
CA ALA A 177 -6.43 2.98 -16.73
C ALA A 177 -7.42 1.82 -16.56
N ILE A 178 -8.67 2.12 -16.32
CA ILE A 178 -9.68 1.04 -16.15
C ILE A 178 -9.71 0.15 -17.39
N SER A 179 -9.55 0.73 -18.55
CA SER A 179 -9.58 -0.08 -19.81
C SER A 179 -8.25 -0.83 -19.99
N ARG A 180 -7.19 -0.29 -19.46
CA ARG A 180 -5.86 -0.95 -19.60
C ARG A 180 -5.86 -2.32 -18.94
N TYR A 181 -6.52 -2.44 -17.82
CA TYR A 181 -6.58 -3.76 -17.13
C TYR A 181 -7.99 -3.97 -16.62
N PHE A 182 -8.95 -3.52 -17.37
CA PHE A 182 -10.35 -3.64 -16.95
C PHE A 182 -10.63 -5.06 -16.42
N GLU A 183 -10.30 -6.06 -17.20
CA GLU A 183 -10.54 -7.47 -16.77
C GLU A 183 -10.05 -7.68 -15.33
N GLU A 184 -8.93 -7.11 -14.99
CA GLU A 184 -8.40 -7.29 -13.60
C GLU A 184 -9.17 -6.41 -12.62
N TYR A 185 -9.56 -5.23 -13.05
CA TYR A 185 -10.29 -4.30 -12.12
C TYR A 185 -11.80 -4.62 -12.07
N ARG A 186 -12.34 -5.25 -13.09
CA ARG A 186 -13.79 -5.55 -13.08
C ARG A 186 -14.16 -6.51 -11.95
N ARG A 187 -13.18 -7.01 -11.24
CA ARG A 187 -13.44 -7.96 -10.11
C ARG A 187 -14.75 -7.62 -9.38
N PHE A 188 -15.84 -8.14 -9.87
CA PHE A 188 -17.19 -7.88 -9.24
C PHE A 188 -17.21 -6.59 -8.41
N PHE A 189 -17.40 -5.46 -9.04
CA PHE A 189 -17.46 -4.18 -8.27
C PHE A 189 -17.55 -2.97 -9.21
N PRO A 190 -16.53 -2.75 -10.01
CA PRO A 190 -16.55 -1.58 -10.93
C PRO A 190 -17.30 -1.95 -12.22
N ILE A 191 -16.61 -2.52 -13.17
CA ILE A 191 -17.26 -2.89 -14.45
C ILE A 191 -17.49 -4.41 -14.51
#